data_1KN7
#
_entry.id   1KN7
#
_entity_poly.entity_id   1
_entity_poly.type   'polypeptide(L)'
_entity_poly.pdbx_seq_one_letter_code
;GSTMEVAMVSAESSGCNSHMPYGYAAQARARERERLAHSRAAAAAAVAAATAAVEGTGGSGGGPHHHHQTRGAYSSHD
;
_entity_poly.pdbx_strand_id   A
#
# COMPACT_ATOMS: atom_id res chain seq x y z
N MET A 4 -16.65 33.81 -12.18
CA MET A 4 -17.09 34.56 -11.02
C MET A 4 -16.10 35.67 -10.65
N GLU A 5 -16.22 36.78 -11.36
CA GLU A 5 -15.34 37.91 -11.13
C GLU A 5 -15.41 38.34 -9.66
N VAL A 6 -14.25 38.69 -9.13
CA VAL A 6 -14.15 39.11 -7.75
C VAL A 6 -12.89 39.96 -7.56
N ALA A 7 -12.85 40.65 -6.43
CA ALA A 7 -11.71 41.49 -6.12
C ALA A 7 -10.63 40.66 -5.42
N MET A 8 -9.38 40.97 -5.75
CA MET A 8 -8.26 40.25 -5.17
C MET A 8 -8.01 40.71 -3.73
N VAL A 9 -8.03 39.75 -2.82
CA VAL A 9 -7.80 40.04 -1.41
C VAL A 9 -6.31 39.86 -1.09
N SER A 10 -5.89 40.51 -0.01
CA SER A 10 -4.50 40.43 0.41
C SER A 10 -4.41 40.69 1.91
N ALA A 11 -4.04 39.64 2.65
CA ALA A 11 -3.92 39.74 4.08
C ALA A 11 -2.67 40.56 4.42
N GLU A 12 -2.90 41.80 4.82
CA GLU A 12 -1.80 42.69 5.17
C GLU A 12 -2.32 43.87 6.01
N SER A 13 -1.41 44.47 6.75
CA SER A 13 -1.75 45.60 7.60
C SER A 13 -0.51 46.43 7.89
N SER A 14 -0.53 47.66 7.38
CA SER A 14 0.59 48.56 7.58
C SER A 14 1.83 48.05 6.84
N GLY A 15 2.86 48.87 6.83
CA GLY A 15 4.10 48.51 6.16
C GLY A 15 4.41 47.03 6.37
N CYS A 16 4.63 46.66 7.62
CA CYS A 16 4.94 45.29 7.96
C CYS A 16 5.05 45.18 9.48
N ASN A 17 3.91 45.30 10.14
CA ASN A 17 3.86 45.22 11.59
C ASN A 17 3.17 43.91 12.00
N SER A 18 3.22 42.94 11.10
CA SER A 18 2.59 41.65 11.36
C SER A 18 2.68 40.77 10.10
N HIS A 19 3.65 39.87 10.11
CA HIS A 19 3.85 38.98 8.99
C HIS A 19 3.84 37.53 9.48
N MET A 20 2.98 37.28 10.48
CA MET A 20 2.86 35.95 11.04
C MET A 20 3.01 34.87 9.96
N PRO A 21 4.25 34.33 9.86
CA PRO A 21 4.53 33.30 8.88
C PRO A 21 3.93 31.95 9.30
N TYR A 22 2.67 31.76 8.96
CA TYR A 22 1.98 30.53 9.30
C TYR A 22 2.24 29.45 8.25
N GLY A 23 3.23 28.61 8.56
CA GLY A 23 3.58 27.53 7.67
C GLY A 23 2.77 26.28 7.96
N TYR A 24 3.43 25.29 8.55
CA TYR A 24 2.77 24.04 8.89
C TYR A 24 1.58 24.28 9.81
N ALA A 25 1.54 25.48 10.39
CA ALA A 25 0.46 25.85 11.28
C ALA A 25 -0.88 25.66 10.57
N ALA A 26 -0.85 25.92 9.26
CA ALA A 26 -2.05 25.79 8.45
C ALA A 26 -2.15 24.37 7.91
N GLN A 27 -1.35 23.48 8.51
CA GLN A 27 -1.34 22.09 8.10
C GLN A 27 -2.37 21.29 8.91
N ALA A 28 -3.03 21.99 9.81
CA ALA A 28 -4.04 21.37 10.65
C ALA A 28 -5.16 20.80 9.76
N ARG A 29 -5.24 21.34 8.56
CA ARG A 29 -6.24 20.91 7.61
C ARG A 29 -5.92 19.52 7.08
N ALA A 30 -4.62 19.23 7.00
CA ALA A 30 -4.17 17.94 6.51
C ALA A 30 -4.52 16.87 7.56
N ARG A 31 -4.52 17.28 8.81
CA ARG A 31 -4.83 16.37 9.89
C ARG A 31 -6.25 15.82 9.75
N GLU A 32 -7.11 16.66 9.18
CA GLU A 32 -8.50 16.27 8.97
C GLU A 32 -8.63 15.41 7.72
N ARG A 33 -7.68 15.58 6.81
CA ARG A 33 -7.67 14.82 5.57
C ARG A 33 -6.88 13.51 5.75
N GLU A 34 -5.91 13.57 6.65
CA GLU A 34 -5.08 12.42 6.92
C GLU A 34 -5.95 11.23 7.39
N ARG A 35 -7.10 11.57 7.92
CA ARG A 35 -8.03 10.56 8.41
C ARG A 35 -8.44 9.62 7.26
N LEU A 36 -8.44 10.18 6.07
CA LEU A 36 -8.81 9.41 4.88
C LEU A 36 -7.56 8.76 4.29
N ALA A 37 -6.41 9.23 4.75
CA ALA A 37 -5.14 8.71 4.28
C ALA A 37 -4.81 7.43 5.04
N HIS A 38 -5.75 7.01 5.87
CA HIS A 38 -5.57 5.81 6.67
C HIS A 38 -6.10 4.59 5.89
N SER A 39 -6.83 4.90 4.82
CA SER A 39 -7.40 3.85 3.99
C SER A 39 -6.42 3.47 2.89
N ARG A 40 -5.48 4.37 2.62
CA ARG A 40 -4.48 4.15 1.59
C ARG A 40 -3.26 3.46 2.19
N ALA A 41 -3.42 2.99 3.41
CA ALA A 41 -2.34 2.31 4.11
C ALA A 41 -1.86 1.13 3.26
N ALA A 42 -2.77 0.19 3.04
CA ALA A 42 -2.46 -0.98 2.25
C ALA A 42 -2.66 -0.67 0.76
N ALA A 43 -1.79 0.17 0.25
CA ALA A 43 -1.85 0.57 -1.15
C ALA A 43 -1.04 -0.43 -2.00
N ALA A 44 0.26 -0.41 -1.78
CA ALA A 44 1.15 -1.31 -2.51
C ALA A 44 0.75 -1.31 -3.99
N ALA A 45 0.75 -0.12 -4.57
CA ALA A 45 0.40 0.04 -5.97
C ALA A 45 1.61 0.56 -6.74
N ALA A 46 2.01 1.77 -6.41
CA ALA A 46 3.15 2.40 -7.05
C ALA A 46 4.32 1.42 -7.07
N VAL A 47 4.28 0.47 -6.14
CA VAL A 47 5.33 -0.53 -6.03
C VAL A 47 4.88 -1.80 -6.78
N ALA A 48 3.58 -2.02 -6.77
CA ALA A 48 3.02 -3.18 -7.45
C ALA A 48 3.73 -3.38 -8.78
N ALA A 49 3.63 -2.37 -9.63
CA ALA A 49 4.25 -2.42 -10.94
C ALA A 49 5.75 -2.64 -10.78
N ALA A 50 6.39 -1.73 -10.06
CA ALA A 50 7.81 -1.81 -9.83
C ALA A 50 8.12 -3.10 -9.06
N THR A 51 9.40 -3.26 -8.72
CA THR A 51 9.84 -4.43 -8.00
C THR A 51 9.58 -5.70 -8.81
N ALA A 52 10.62 -6.12 -9.53
CA ALA A 52 10.53 -7.31 -10.36
C ALA A 52 9.92 -8.45 -9.54
N ALA A 53 9.66 -9.56 -10.23
CA ALA A 53 9.09 -10.72 -9.58
C ALA A 53 10.21 -11.55 -8.95
N VAL A 54 11.07 -10.88 -8.20
CA VAL A 54 12.18 -11.54 -7.55
C VAL A 54 12.88 -12.46 -8.56
N GLU A 55 13.22 -11.89 -9.70
CA GLU A 55 13.89 -12.64 -10.75
C GLU A 55 15.23 -11.99 -11.11
N GLY A 56 16.20 -12.83 -11.42
CA GLY A 56 17.53 -12.35 -11.77
C GLY A 56 18.46 -13.52 -12.12
N THR A 57 18.40 -13.93 -13.37
CA THR A 57 19.24 -15.03 -13.84
C THR A 57 19.41 -14.96 -15.35
N GLY A 58 20.66 -14.77 -15.76
CA GLY A 58 20.98 -14.68 -17.18
C GLY A 58 22.18 -15.57 -17.53
N GLY A 59 22.51 -15.58 -18.80
CA GLY A 59 23.63 -16.38 -19.28
C GLY A 59 23.41 -16.83 -20.73
N SER A 60 23.64 -15.90 -21.64
CA SER A 60 23.47 -16.18 -23.06
C SER A 60 24.52 -17.20 -23.51
N GLY A 61 24.11 -18.02 -24.47
CA GLY A 61 25.00 -19.04 -25.01
C GLY A 61 24.21 -20.25 -25.50
N GLY A 62 24.86 -21.04 -26.35
CA GLY A 62 24.22 -22.23 -26.90
C GLY A 62 25.06 -23.48 -26.61
N GLY A 63 26.29 -23.45 -27.12
CA GLY A 63 27.20 -24.56 -26.93
C GLY A 63 27.51 -25.26 -28.27
N PRO A 64 28.53 -24.70 -28.98
CA PRO A 64 28.93 -25.24 -30.26
C PRO A 64 29.72 -26.55 -30.08
N HIS A 65 29.29 -27.56 -30.80
CA HIS A 65 29.93 -28.86 -30.73
C HIS A 65 30.85 -29.04 -31.94
N HIS A 66 32.14 -29.24 -31.64
CA HIS A 66 33.13 -29.43 -32.70
C HIS A 66 32.54 -30.29 -33.81
N HIS A 67 32.76 -29.85 -35.04
CA HIS A 67 32.26 -30.57 -36.20
C HIS A 67 33.35 -30.64 -37.27
N HIS A 68 33.41 -31.79 -37.93
CA HIS A 68 34.40 -32.00 -38.97
C HIS A 68 35.81 -31.89 -38.38
N GLN A 69 36.39 -33.05 -38.12
CA GLN A 69 37.73 -33.11 -37.55
C GLN A 69 38.78 -32.89 -38.64
N THR A 70 40.01 -32.67 -38.21
CA THR A 70 41.11 -32.46 -39.13
C THR A 70 41.24 -33.64 -40.09
N ARG A 71 42.09 -33.45 -41.10
CA ARG A 71 42.31 -34.49 -42.08
C ARG A 71 42.92 -35.73 -41.42
N GLY A 72 42.46 -36.89 -41.88
CA GLY A 72 42.95 -38.15 -41.35
C GLY A 72 44.47 -38.27 -41.53
N ALA A 73 44.88 -38.29 -42.79
CA ALA A 73 46.28 -38.40 -43.12
C ALA A 73 46.80 -39.76 -42.66
N TYR A 74 48.00 -40.09 -43.13
CA TYR A 74 48.61 -41.36 -42.77
C TYR A 74 47.58 -42.49 -42.77
N SER A 75 47.48 -43.16 -43.91
CA SER A 75 46.54 -44.25 -44.06
C SER A 75 47.30 -45.58 -44.11
N SER A 76 46.92 -46.47 -43.21
CA SER A 76 47.55 -47.78 -43.14
C SER A 76 46.76 -48.79 -43.98
N HIS A 77 47.47 -49.48 -44.85
CA HIS A 77 46.84 -50.47 -45.72
C HIS A 77 47.92 -51.16 -46.56
N ASP A 78 48.77 -51.91 -45.86
CA ASP A 78 49.84 -52.63 -46.53
C ASP A 78 49.86 -54.08 -46.04
N MET A 4 -8.20 16.60 44.50
CA MET A 4 -8.97 17.52 43.68
C MET A 4 -8.04 18.53 43.00
N GLU A 5 -7.62 18.19 41.79
CA GLU A 5 -6.74 19.06 41.03
C GLU A 5 -7.44 19.58 39.78
N VAL A 6 -6.88 20.63 39.21
CA VAL A 6 -7.45 21.23 38.01
C VAL A 6 -6.81 20.59 36.78
N ALA A 7 -7.23 21.09 35.62
CA ALA A 7 -6.71 20.57 34.36
C ALA A 7 -5.20 20.85 34.28
N MET A 8 -4.52 20.02 33.51
CA MET A 8 -3.08 20.17 33.34
C MET A 8 -2.71 21.60 32.94
N VAL A 9 -1.75 22.15 33.68
CA VAL A 9 -1.31 23.51 33.41
C VAL A 9 -0.11 23.48 32.46
N SER A 10 0.13 24.62 31.83
CA SER A 10 1.23 24.73 30.89
C SER A 10 2.57 24.65 31.63
N ALA A 11 3.21 23.51 31.51
CA ALA A 11 4.49 23.29 32.16
C ALA A 11 5.51 24.31 31.62
N GLU A 12 5.65 25.40 32.37
CA GLU A 12 6.58 26.44 31.98
C GLU A 12 6.25 26.97 30.58
N SER A 13 6.74 28.16 30.29
CA SER A 13 6.50 28.77 28.99
C SER A 13 7.79 29.39 28.46
N SER A 14 8.11 29.06 27.22
CA SER A 14 9.31 29.57 26.60
C SER A 14 9.13 29.61 25.07
N GLY A 15 9.88 30.50 24.44
CA GLY A 15 9.81 30.65 22.99
C GLY A 15 9.39 32.06 22.60
N CYS A 16 10.30 32.74 21.92
CA CYS A 16 10.03 34.10 21.48
C CYS A 16 10.92 34.41 20.28
N ASN A 17 10.64 33.72 19.18
CA ASN A 17 11.41 33.91 17.96
C ASN A 17 10.74 34.97 17.09
N SER A 18 9.97 35.83 17.75
CA SER A 18 9.27 36.89 17.05
C SER A 18 8.55 36.33 15.82
N HIS A 19 7.32 35.87 16.04
CA HIS A 19 6.53 35.31 14.98
C HIS A 19 5.08 35.15 15.44
N MET A 20 4.33 36.23 15.32
CA MET A 20 2.94 36.23 15.72
C MET A 20 2.10 35.38 14.77
N PRO A 21 2.25 35.66 13.45
CA PRO A 21 1.51 34.93 12.43
C PRO A 21 2.10 33.53 12.23
N TYR A 22 1.63 32.61 13.06
CA TYR A 22 2.09 31.23 12.98
C TYR A 22 1.26 30.43 11.98
N GLY A 23 1.38 30.82 10.72
CA GLY A 23 0.65 30.16 9.65
C GLY A 23 1.23 28.76 9.38
N TYR A 24 2.32 28.47 10.08
CA TYR A 24 2.98 27.18 9.93
C TYR A 24 2.06 26.03 10.34
N ALA A 25 1.08 26.37 11.16
CA ALA A 25 0.13 25.37 11.64
C ALA A 25 -1.07 25.33 10.69
N ALA A 26 -0.78 25.55 9.41
CA ALA A 26 -1.82 25.55 8.40
C ALA A 26 -1.96 24.12 7.84
N GLN A 27 -1.05 23.26 8.27
CA GLN A 27 -1.05 21.89 7.82
C GLN A 27 -2.06 21.06 8.64
N ALA A 28 -2.67 21.73 9.60
CA ALA A 28 -3.65 21.08 10.46
C ALA A 28 -4.82 20.57 9.61
N ARG A 29 -4.94 21.15 8.42
CA ARG A 29 -6.00 20.76 7.51
C ARG A 29 -5.70 19.38 6.92
N ALA A 30 -4.42 19.09 6.78
CA ALA A 30 -4.00 17.82 6.22
C ALA A 30 -4.31 16.71 7.23
N ARG A 31 -4.24 17.07 8.50
CA ARG A 31 -4.51 16.12 9.57
C ARG A 31 -5.95 15.60 9.47
N GLU A 32 -6.82 16.46 8.97
CA GLU A 32 -8.22 16.09 8.81
C GLU A 32 -8.42 15.26 7.54
N ARG A 33 -7.51 15.46 6.59
CA ARG A 33 -7.57 14.75 5.34
C ARG A 33 -6.79 13.44 5.42
N GLU A 34 -5.77 13.45 6.28
CA GLU A 34 -4.93 12.28 6.47
C GLU A 34 -5.74 11.15 7.13
N ARG A 35 -6.79 11.55 7.82
CA ARG A 35 -7.66 10.60 8.49
C ARG A 35 -8.26 9.62 7.48
N LEU A 36 -8.45 10.11 6.27
CA LEU A 36 -9.01 9.30 5.21
C LEU A 36 -7.89 8.58 4.47
N ALA A 37 -6.67 9.04 4.72
CA ALA A 37 -5.50 8.46 4.08
C ALA A 37 -5.09 7.20 4.85
N HIS A 38 -5.90 6.85 5.84
CA HIS A 38 -5.62 5.69 6.66
C HIS A 38 -6.30 4.46 6.04
N SER A 39 -7.18 4.73 5.08
CA SER A 39 -7.90 3.67 4.40
C SER A 39 -7.11 3.20 3.18
N ARG A 40 -6.21 4.06 2.72
CA ARG A 40 -5.39 3.75 1.57
C ARG A 40 -4.11 3.05 2.00
N ALA A 41 -4.08 2.63 3.27
CA ALA A 41 -2.93 1.96 3.82
C ALA A 41 -3.07 0.45 3.60
N ALA A 42 -4.14 -0.09 4.17
CA ALA A 42 -4.40 -1.52 4.06
C ALA A 42 -5.27 -1.76 2.81
N ALA A 43 -5.13 -2.97 2.27
CA ALA A 43 -5.89 -3.34 1.09
C ALA A 43 -7.23 -3.94 1.52
N ALA A 44 -7.15 -5.03 2.28
CA ALA A 44 -8.34 -5.69 2.75
C ALA A 44 -9.15 -6.23 1.55
N ALA A 45 -8.51 -7.13 0.82
CA ALA A 45 -9.14 -7.72 -0.34
C ALA A 45 -9.26 -9.23 -0.13
N ALA A 46 -8.12 -9.90 -0.12
CA ALA A 46 -8.09 -11.34 0.06
C ALA A 46 -8.97 -11.70 1.27
N VAL A 47 -9.15 -10.73 2.15
CA VAL A 47 -9.96 -10.94 3.33
C VAL A 47 -11.38 -10.46 3.06
N ALA A 48 -11.48 -9.44 2.22
CA ALA A 48 -12.77 -8.88 1.88
C ALA A 48 -13.78 -10.01 1.66
N ALA A 49 -13.45 -10.88 0.72
CA ALA A 49 -14.31 -12.01 0.40
C ALA A 49 -14.54 -12.84 1.67
N ALA A 50 -13.44 -13.36 2.21
CA ALA A 50 -13.50 -14.16 3.42
C ALA A 50 -14.13 -13.33 4.54
N THR A 51 -14.21 -13.95 5.71
CA THR A 51 -14.79 -13.30 6.87
C THR A 51 -16.25 -12.95 6.62
N ALA A 52 -17.11 -13.93 6.87
CA ALA A 52 -18.54 -13.73 6.67
C ALA A 52 -18.97 -12.44 7.36
N ALA A 53 -20.25 -12.12 7.19
CA ALA A 53 -20.80 -10.92 7.78
C ALA A 53 -21.22 -11.21 9.22
N VAL A 54 -20.30 -11.81 9.96
CA VAL A 54 -20.56 -12.15 11.35
C VAL A 54 -21.94 -12.81 11.46
N GLU A 55 -22.13 -13.84 10.64
CA GLU A 55 -23.39 -14.57 10.62
C GLU A 55 -23.21 -15.95 11.23
N GLY A 56 -24.31 -16.49 11.73
CA GLY A 56 -24.28 -17.82 12.33
C GLY A 56 -23.81 -18.87 11.33
N THR A 57 -24.73 -19.28 10.47
CA THR A 57 -24.43 -20.28 9.46
C THR A 57 -23.57 -21.39 10.06
N GLY A 58 -24.26 -22.42 10.55
CA GLY A 58 -23.58 -23.56 11.15
C GLY A 58 -22.56 -24.16 10.18
N GLY A 59 -21.70 -25.00 10.72
CA GLY A 59 -20.68 -25.65 9.93
C GLY A 59 -21.28 -26.79 9.10
N SER A 60 -21.08 -26.70 7.79
CA SER A 60 -21.59 -27.71 6.88
C SER A 60 -20.60 -27.94 5.75
N GLY A 61 -20.83 -29.02 5.02
CA GLY A 61 -19.96 -29.37 3.90
C GLY A 61 -20.52 -28.83 2.59
N GLY A 62 -20.64 -29.73 1.62
CA GLY A 62 -21.16 -29.37 0.31
C GLY A 62 -20.29 -28.29 -0.35
N GLY A 63 -20.60 -28.01 -1.60
CA GLY A 63 -19.85 -27.02 -2.36
C GLY A 63 -20.19 -27.07 -3.85
N PRO A 64 -19.56 -28.05 -4.54
CA PRO A 64 -19.79 -28.22 -5.97
C PRO A 64 -21.13 -28.89 -6.23
N HIS A 65 -21.51 -28.92 -7.49
CA HIS A 65 -22.78 -29.52 -7.89
C HIS A 65 -22.51 -30.71 -8.82
N HIS A 66 -23.58 -31.41 -9.15
CA HIS A 66 -23.48 -32.56 -10.03
C HIS A 66 -22.49 -32.27 -11.15
N HIS A 67 -22.81 -31.27 -11.95
CA HIS A 67 -21.95 -30.89 -13.05
C HIS A 67 -21.80 -32.06 -14.02
N HIS A 68 -21.15 -31.78 -15.14
CA HIS A 68 -20.93 -32.81 -16.15
C HIS A 68 -22.27 -33.29 -16.69
N GLN A 69 -22.27 -33.64 -17.98
CA GLN A 69 -23.48 -34.11 -18.62
C GLN A 69 -23.93 -35.43 -18.00
N THR A 70 -25.09 -35.89 -18.44
CA THR A 70 -25.64 -37.14 -17.94
C THR A 70 -26.63 -37.73 -18.95
N ARG A 71 -27.04 -38.96 -18.67
CA ARG A 71 -27.98 -39.65 -19.54
C ARG A 71 -29.25 -38.82 -19.70
N GLY A 72 -29.76 -38.80 -20.92
CA GLY A 72 -30.98 -38.05 -21.22
C GLY A 72 -31.68 -38.63 -22.46
N ALA A 73 -32.48 -39.66 -22.21
CA ALA A 73 -33.21 -40.30 -23.28
C ALA A 73 -34.59 -39.64 -23.43
N TYR A 74 -34.80 -39.05 -24.59
CA TYR A 74 -36.05 -38.38 -24.87
C TYR A 74 -37.19 -39.38 -25.01
N SER A 75 -38.28 -39.09 -24.28
CA SER A 75 -39.44 -39.97 -24.31
C SER A 75 -40.35 -39.59 -25.48
N SER A 76 -40.50 -40.52 -26.40
CA SER A 76 -41.34 -40.30 -27.57
C SER A 76 -42.14 -41.56 -27.89
N HIS A 77 -43.23 -41.73 -27.17
CA HIS A 77 -44.10 -42.88 -27.37
C HIS A 77 -45.16 -42.55 -28.41
N ASP A 78 -45.57 -43.59 -29.14
CA ASP A 78 -46.57 -43.43 -30.17
C ASP A 78 -46.90 -44.80 -30.78
N MET A 4 8.89 29.67 45.93
CA MET A 4 10.23 30.04 45.52
C MET A 4 10.24 31.41 44.84
N GLU A 5 10.41 32.45 45.65
CA GLU A 5 10.43 33.80 45.15
C GLU A 5 11.52 34.62 45.86
N VAL A 6 12.57 34.92 45.12
CA VAL A 6 13.67 35.69 45.68
C VAL A 6 13.45 37.18 45.40
N ALA A 7 14.11 38.00 46.20
CA ALA A 7 13.98 39.44 46.05
C ALA A 7 14.44 39.85 44.65
N MET A 8 13.47 40.28 43.85
CA MET A 8 13.76 40.70 42.49
C MET A 8 14.37 39.56 41.68
N VAL A 9 13.54 38.92 40.87
CA VAL A 9 13.98 37.81 40.05
C VAL A 9 13.81 38.18 38.57
N SER A 10 14.57 37.50 37.72
CA SER A 10 14.50 37.74 36.29
C SER A 10 14.67 36.42 35.53
N ALA A 11 13.55 35.75 35.33
CA ALA A 11 13.55 34.47 34.63
C ALA A 11 13.78 34.73 33.14
N GLU A 12 15.04 34.99 32.80
CA GLU A 12 15.40 35.26 31.42
C GLU A 12 14.63 34.34 30.49
N SER A 13 14.41 34.82 29.27
CA SER A 13 13.69 34.06 28.27
C SER A 13 13.95 34.63 26.88
N SER A 14 14.14 33.73 25.93
CA SER A 14 14.40 34.13 24.55
C SER A 14 14.00 33.01 23.60
N GLY A 15 13.51 33.41 22.43
CA GLY A 15 13.09 32.45 21.43
C GLY A 15 11.56 32.35 21.38
N CYS A 16 11.06 32.04 20.20
CA CYS A 16 9.63 31.90 20.01
C CYS A 16 8.97 33.26 20.28
N ASN A 17 9.23 34.18 19.37
CA ASN A 17 8.67 35.52 19.49
C ASN A 17 7.35 35.59 18.72
N SER A 18 6.74 34.43 18.55
CA SER A 18 5.47 34.35 17.84
C SER A 18 5.65 34.82 16.40
N HIS A 19 6.21 33.94 15.58
CA HIS A 19 6.45 34.26 14.19
C HIS A 19 6.96 33.02 13.46
N MET A 20 6.11 31.99 13.44
CA MET A 20 6.46 30.74 12.79
C MET A 20 6.13 30.80 11.30
N PRO A 21 6.84 29.94 10.52
CA PRO A 21 6.64 29.88 9.08
C PRO A 21 5.33 29.17 8.74
N TYR A 22 4.42 29.91 8.14
CA TYR A 22 3.13 29.36 7.76
C TYR A 22 3.29 27.95 7.18
N GLY A 23 2.96 26.97 8.00
CA GLY A 23 3.07 25.58 7.59
C GLY A 23 2.17 24.68 8.46
N TYR A 24 2.81 23.93 9.33
CA TYR A 24 2.10 23.03 10.22
C TYR A 24 0.79 23.66 10.70
N ALA A 25 0.83 24.98 10.87
CA ALA A 25 -0.33 25.71 11.32
C ALA A 25 -1.46 25.56 10.29
N ALA A 26 -1.17 26.01 9.08
CA ALA A 26 -2.15 25.93 8.01
C ALA A 26 -2.22 24.49 7.51
N GLN A 27 -1.35 23.65 8.04
CA GLN A 27 -1.31 22.26 7.66
C GLN A 27 -2.27 21.44 8.53
N ALA A 28 -2.90 22.13 9.46
CA ALA A 28 -3.85 21.49 10.36
C ALA A 28 -5.00 20.89 9.53
N ARG A 29 -5.15 21.40 8.32
CA ARG A 29 -6.20 20.93 7.43
C ARG A 29 -5.84 19.55 6.88
N ALA A 30 -4.54 19.30 6.79
CA ALA A 30 -4.07 18.03 6.28
C ALA A 30 -4.27 16.94 7.34
N ARG A 31 -4.25 17.37 8.59
CA ARG A 31 -4.44 16.45 9.70
C ARG A 31 -5.84 15.83 9.65
N GLU A 32 -6.78 16.64 9.16
CA GLU A 32 -8.16 16.18 9.06
C GLU A 32 -8.34 15.35 7.79
N ARG A 33 -7.47 15.57 6.84
CA ARG A 33 -7.52 14.84 5.58
C ARG A 33 -6.68 13.58 5.66
N GLU A 34 -5.65 13.64 6.50
CA GLU A 34 -4.76 12.51 6.68
C GLU A 34 -5.50 11.33 7.31
N ARG A 35 -6.53 11.68 8.09
CA ARG A 35 -7.34 10.68 8.75
C ARG A 35 -7.96 9.72 7.73
N LEU A 36 -8.22 10.28 6.55
CA LEU A 36 -8.82 9.49 5.48
C LEU A 36 -7.71 8.84 4.65
N ALA A 37 -6.49 9.34 4.85
CA ALA A 37 -5.34 8.82 4.13
C ALA A 37 -4.85 7.55 4.82
N HIS A 38 -5.59 7.13 5.83
CA HIS A 38 -5.23 5.93 6.57
C HIS A 38 -5.90 4.71 5.93
N SER A 39 -6.83 4.99 5.03
CA SER A 39 -7.56 3.94 4.35
C SER A 39 -6.82 3.55 3.06
N ARG A 40 -5.99 4.47 2.60
CA ARG A 40 -5.21 4.24 1.40
C ARG A 40 -3.88 3.57 1.72
N ALA A 41 -3.78 3.10 2.95
CA ALA A 41 -2.57 2.45 3.41
C ALA A 41 -2.37 1.15 2.63
N ALA A 42 -3.36 0.27 2.73
CA ALA A 42 -3.32 -1.00 2.05
C ALA A 42 -3.10 -0.76 0.55
N ALA A 43 -2.39 -1.69 -0.08
CA ALA A 43 -2.11 -1.59 -1.50
C ALA A 43 -3.38 -1.13 -2.23
N ALA A 44 -4.42 -1.93 -2.09
CA ALA A 44 -5.69 -1.62 -2.74
C ALA A 44 -5.65 -2.10 -4.19
N ALA A 45 -5.04 -3.27 -4.38
CA ALA A 45 -4.94 -3.84 -5.70
C ALA A 45 -5.85 -5.06 -5.81
N ALA A 46 -5.66 -5.99 -4.88
CA ALA A 46 -6.46 -7.21 -4.86
C ALA A 46 -7.95 -6.83 -4.96
N VAL A 47 -8.23 -5.59 -4.58
CA VAL A 47 -9.61 -5.10 -4.62
C VAL A 47 -9.83 -4.36 -5.93
N ALA A 48 -8.75 -3.74 -6.41
CA ALA A 48 -8.82 -2.98 -7.66
C ALA A 48 -9.68 -3.75 -8.66
N ALA A 49 -9.54 -5.06 -8.65
CA ALA A 49 -10.30 -5.92 -9.55
C ALA A 49 -11.62 -6.31 -8.88
N ALA A 50 -11.50 -7.24 -7.95
CA ALA A 50 -12.68 -7.72 -7.23
C ALA A 50 -13.07 -6.71 -6.16
N THR A 51 -14.21 -6.06 -6.38
CA THR A 51 -14.70 -5.07 -5.46
C THR A 51 -14.38 -5.48 -4.01
N ALA A 52 -15.27 -6.29 -3.46
CA ALA A 52 -15.10 -6.77 -2.09
C ALA A 52 -13.65 -7.20 -1.88
N ALA A 53 -13.13 -6.87 -0.71
CA ALA A 53 -11.75 -7.22 -0.37
C ALA A 53 -11.71 -8.65 0.16
N VAL A 54 -12.33 -9.56 -0.59
CA VAL A 54 -12.37 -10.96 -0.20
C VAL A 54 -11.88 -11.82 -1.37
N GLU A 55 -10.71 -11.46 -1.87
CA GLU A 55 -10.12 -12.19 -2.99
C GLU A 55 -10.28 -13.69 -2.77
N GLY A 56 -10.47 -14.39 -3.88
CA GLY A 56 -10.63 -15.85 -3.82
C GLY A 56 -9.32 -16.53 -3.44
N THR A 57 -8.50 -16.79 -4.46
CA THR A 57 -7.22 -17.45 -4.24
C THR A 57 -7.36 -18.54 -3.18
N GLY A 58 -7.66 -19.74 -3.64
CA GLY A 58 -7.83 -20.87 -2.75
C GLY A 58 -6.50 -21.21 -2.07
N GLY A 59 -6.30 -22.50 -1.84
CA GLY A 59 -5.09 -22.97 -1.19
C GLY A 59 -3.85 -22.37 -1.85
N SER A 60 -2.78 -22.31 -1.07
CA SER A 60 -1.52 -21.76 -1.57
C SER A 60 -0.47 -22.87 -1.69
N GLY A 61 0.63 -22.53 -2.34
CA GLY A 61 1.71 -23.49 -2.53
C GLY A 61 2.68 -23.45 -1.35
N GLY A 62 3.82 -24.09 -1.55
CA GLY A 62 4.85 -24.14 -0.51
C GLY A 62 6.25 -24.01 -1.12
N GLY A 63 7.24 -24.08 -0.25
CA GLY A 63 8.63 -23.97 -0.68
C GLY A 63 9.45 -25.15 -0.17
N PRO A 64 9.25 -26.33 -0.83
CA PRO A 64 9.96 -27.53 -0.46
C PRO A 64 11.41 -27.48 -0.94
N HIS A 65 12.20 -28.43 -0.46
CA HIS A 65 13.61 -28.50 -0.82
C HIS A 65 13.96 -29.93 -1.22
N HIS A 66 15.11 -30.07 -1.89
CA HIS A 66 15.56 -31.37 -2.33
C HIS A 66 15.27 -32.42 -1.24
N HIS A 67 15.03 -33.63 -1.70
CA HIS A 67 14.75 -34.73 -0.78
C HIS A 67 15.91 -35.71 -0.78
N HIS A 68 17.06 -35.23 -0.32
CA HIS A 68 18.25 -36.06 -0.26
C HIS A 68 18.69 -36.43 -1.68
N GLN A 69 19.98 -36.29 -1.92
CA GLN A 69 20.53 -36.61 -3.22
C GLN A 69 20.86 -38.11 -3.31
N THR A 70 21.37 -38.51 -4.46
CA THR A 70 21.73 -39.90 -4.68
C THR A 70 22.43 -40.06 -6.03
N ARG A 71 22.45 -41.30 -6.51
CA ARG A 71 23.08 -41.59 -7.78
C ARG A 71 22.44 -40.79 -8.91
N GLY A 72 23.11 -40.77 -10.05
CA GLY A 72 22.60 -40.03 -11.19
C GLY A 72 23.59 -38.95 -11.63
N ALA A 73 24.35 -39.27 -12.66
CA ALA A 73 25.34 -38.33 -13.18
C ALA A 73 25.95 -38.90 -14.47
N TYR A 74 25.56 -38.30 -15.58
CA TYR A 74 26.07 -38.74 -16.87
C TYR A 74 26.05 -37.59 -17.89
N SER A 75 27.24 -37.15 -18.25
CA SER A 75 27.38 -36.06 -19.20
C SER A 75 26.76 -34.79 -18.63
N SER A 76 27.42 -33.66 -18.93
CA SER A 76 26.95 -32.38 -18.45
C SER A 76 27.64 -31.25 -19.22
N HIS A 77 26.87 -30.19 -19.48
CA HIS A 77 27.40 -29.06 -20.20
C HIS A 77 27.74 -29.47 -21.64
N ASP A 78 26.91 -29.00 -22.57
CA ASP A 78 27.10 -29.32 -23.97
C ASP A 78 27.43 -30.81 -24.12
N MET A 4 23.05 1.27 24.27
CA MET A 4 22.09 0.98 23.22
C MET A 4 22.37 1.81 21.97
N GLU A 5 22.31 1.15 20.83
CA GLU A 5 22.56 1.82 19.56
C GLU A 5 21.25 2.10 18.84
N VAL A 6 20.58 3.15 19.29
CA VAL A 6 19.31 3.54 18.70
C VAL A 6 19.33 5.04 18.40
N ALA A 7 18.39 5.45 17.55
CA ALA A 7 18.29 6.85 17.17
C ALA A 7 17.40 7.59 18.17
N MET A 8 17.90 8.74 18.63
CA MET A 8 17.16 9.54 19.59
C MET A 8 15.71 9.74 19.15
N VAL A 9 14.82 9.73 20.13
CA VAL A 9 13.41 9.91 19.85
C VAL A 9 13.04 11.39 20.02
N SER A 10 11.95 11.77 19.36
CA SER A 10 11.49 13.14 19.42
C SER A 10 10.23 13.31 18.57
N ALA A 11 9.55 14.44 18.77
CA ALA A 11 8.33 14.72 18.03
C ALA A 11 8.71 15.31 16.66
N GLU A 12 9.36 14.48 15.86
CA GLU A 12 9.77 14.90 14.53
C GLU A 12 10.69 16.13 14.63
N SER A 13 11.54 16.26 13.62
CA SER A 13 12.47 17.38 13.59
C SER A 13 13.32 17.41 14.85
N SER A 14 14.34 18.25 14.83
CA SER A 14 15.23 18.38 15.97
C SER A 14 14.91 19.66 16.74
N GLY A 15 13.88 19.57 17.57
CA GLY A 15 13.45 20.71 18.36
C GLY A 15 12.84 21.80 17.48
N CYS A 16 13.69 22.70 17.02
CA CYS A 16 13.25 23.79 16.17
C CYS A 16 14.46 24.66 15.84
N ASN A 17 15.46 24.02 15.24
CA ASN A 17 16.68 24.72 14.87
C ASN A 17 16.64 25.01 13.36
N SER A 18 15.43 25.07 12.83
CA SER A 18 15.25 25.34 11.42
C SER A 18 13.77 25.29 11.06
N HIS A 19 13.11 26.44 11.24
CA HIS A 19 11.69 26.52 10.95
C HIS A 19 11.24 27.99 11.03
N MET A 20 11.93 28.83 10.27
CA MET A 20 11.62 30.25 10.25
C MET A 20 10.33 30.51 9.47
N PRO A 21 10.29 29.98 8.23
CA PRO A 21 9.12 30.16 7.38
C PRO A 21 7.97 29.26 7.84
N TYR A 22 6.80 29.51 7.25
CA TYR A 22 5.62 28.73 7.58
C TYR A 22 5.85 27.24 7.38
N GLY A 23 5.02 26.44 8.04
CA GLY A 23 5.13 25.00 7.95
C GLY A 23 3.81 24.32 8.34
N TYR A 24 3.82 23.73 9.52
CA TYR A 24 2.64 23.04 10.02
C TYR A 24 1.69 24.03 10.70
N ALA A 25 1.48 25.15 10.03
CA ALA A 25 0.58 26.17 10.56
C ALA A 25 -0.84 25.90 10.08
N ALA A 26 -1.06 26.13 8.80
CA ALA A 26 -2.36 25.91 8.21
C ALA A 26 -2.47 24.47 7.71
N GLN A 27 -1.54 23.65 8.18
CA GLN A 27 -1.51 22.25 7.79
C GLN A 27 -2.47 21.43 8.65
N ALA A 28 -3.09 22.13 9.59
CA ALA A 28 -4.03 21.48 10.50
C ALA A 28 -5.18 20.88 9.68
N ARG A 29 -5.34 21.39 8.47
CA ARG A 29 -6.39 20.92 7.59
C ARG A 29 -6.05 19.53 7.06
N ALA A 30 -4.76 19.28 6.91
CA ALA A 30 -4.29 17.99 6.42
C ALA A 30 -4.55 16.92 7.49
N ARG A 31 -4.49 17.35 8.74
CA ARG A 31 -4.72 16.45 9.85
C ARG A 31 -6.13 15.86 9.79
N GLU A 32 -7.04 16.67 9.26
CA GLU A 32 -8.42 16.24 9.14
C GLU A 32 -8.60 15.35 7.90
N ARG A 33 -7.70 15.54 6.94
CA ARG A 33 -7.75 14.75 5.71
C ARG A 33 -6.91 13.48 5.87
N GLU A 34 -5.89 13.57 6.71
CA GLU A 34 -5.01 12.45 6.95
C GLU A 34 -5.82 11.25 7.45
N ARG A 35 -6.94 11.54 8.07
CA ARG A 35 -7.80 10.51 8.61
C ARG A 35 -8.27 9.58 7.48
N LEU A 36 -8.38 10.16 6.29
CA LEU A 36 -8.81 9.40 5.13
C LEU A 36 -7.59 8.80 4.43
N ALA A 37 -6.43 9.30 4.81
CA ALA A 37 -5.18 8.83 4.24
C ALA A 37 -4.75 7.53 4.94
N HIS A 38 -5.63 7.07 5.84
CA HIS A 38 -5.35 5.85 6.59
C HIS A 38 -5.91 4.66 5.82
N SER A 39 -6.72 4.96 4.82
CA SER A 39 -7.32 3.91 4.00
C SER A 39 -6.42 3.57 2.82
N ARG A 40 -5.54 4.51 2.51
CA ARG A 40 -4.61 4.34 1.40
C ARG A 40 -3.32 3.66 1.90
N ALA A 41 -3.38 3.17 3.12
CA ALA A 41 -2.23 2.50 3.71
C ALA A 41 -1.90 1.25 2.90
N ALA A 42 -2.86 0.34 2.88
CA ALA A 42 -2.69 -0.91 2.15
C ALA A 42 -2.97 -0.67 0.66
N ALA A 43 -2.09 0.11 0.04
CA ALA A 43 -2.22 0.42 -1.37
C ALA A 43 -1.53 -0.67 -2.19
N ALA A 44 -0.22 -0.78 -1.98
CA ALA A 44 0.57 -1.75 -2.70
C ALA A 44 0.65 -1.36 -4.18
N ALA A 45 1.21 -0.18 -4.41
CA ALA A 45 1.35 0.32 -5.77
C ALA A 45 2.81 0.16 -6.21
N ALA A 46 3.65 1.06 -5.71
CA ALA A 46 5.06 1.03 -6.05
C ALA A 46 5.60 -0.39 -5.83
N VAL A 47 4.90 -1.12 -4.99
CA VAL A 47 5.30 -2.49 -4.68
C VAL A 47 4.59 -3.45 -5.64
N ALA A 48 3.38 -3.06 -6.04
CA ALA A 48 2.60 -3.86 -6.94
C ALA A 48 3.47 -4.34 -8.10
N ALA A 49 3.97 -3.37 -8.86
CA ALA A 49 4.83 -3.66 -10.00
C ALA A 49 6.03 -4.50 -9.52
N ALA A 50 6.76 -3.95 -8.56
CA ALA A 50 7.92 -4.63 -8.02
C ALA A 50 7.48 -5.95 -7.38
N THR A 51 8.42 -6.57 -6.69
CA THR A 51 8.14 -7.83 -6.03
C THR A 51 7.75 -8.90 -7.05
N ALA A 52 8.76 -9.50 -7.65
CA ALA A 52 8.53 -10.54 -8.65
C ALA A 52 7.52 -11.54 -8.10
N ALA A 53 6.58 -11.90 -8.96
CA ALA A 53 5.54 -12.84 -8.60
C ALA A 53 6.06 -14.26 -8.81
N VAL A 54 7.24 -14.51 -8.26
CA VAL A 54 7.86 -15.83 -8.39
C VAL A 54 8.77 -16.06 -7.18
N GLU A 55 8.15 -16.12 -6.01
CA GLU A 55 8.89 -16.34 -4.78
C GLU A 55 9.73 -17.61 -4.89
N GLY A 56 10.63 -17.79 -3.93
CA GLY A 56 11.49 -18.95 -3.91
C GLY A 56 12.00 -19.23 -2.49
N THR A 57 11.11 -19.80 -1.69
CA THR A 57 11.46 -20.14 -0.31
C THR A 57 11.91 -21.59 -0.21
N GLY A 58 12.30 -21.98 1.00
CA GLY A 58 12.76 -23.33 1.25
C GLY A 58 12.05 -23.94 2.46
N GLY A 59 11.36 -25.04 2.20
CA GLY A 59 10.62 -25.73 3.25
C GLY A 59 11.17 -27.14 3.45
N SER A 60 10.36 -27.97 4.11
CA SER A 60 10.74 -29.34 4.39
C SER A 60 11.12 -30.04 3.08
N GLY A 61 12.00 -31.02 3.21
CA GLY A 61 12.45 -31.78 2.06
C GLY A 61 12.38 -33.29 2.32
N GLY A 62 13.07 -34.04 1.48
CA GLY A 62 13.08 -35.49 1.61
C GLY A 62 13.76 -35.90 2.93
N GLY A 63 13.51 -37.15 3.31
CA GLY A 63 14.09 -37.68 4.54
C GLY A 63 14.85 -38.98 4.26
N PRO A 64 14.88 -39.87 5.30
CA PRO A 64 15.56 -41.14 5.18
C PRO A 64 14.75 -42.12 4.33
N HIS A 65 15.34 -43.29 4.13
CA HIS A 65 14.69 -44.32 3.35
C HIS A 65 14.74 -45.66 4.09
N HIS A 66 13.63 -46.38 4.03
CA HIS A 66 13.53 -47.66 4.69
C HIS A 66 14.85 -48.42 4.54
N HIS A 67 15.12 -49.28 5.51
CA HIS A 67 16.34 -50.07 5.50
C HIS A 67 16.21 -51.22 6.48
N HIS A 68 16.49 -52.42 5.99
CA HIS A 68 16.41 -53.62 6.81
C HIS A 68 16.33 -54.86 5.92
N GLN A 69 16.54 -56.00 6.53
CA GLN A 69 16.49 -57.26 5.80
C GLN A 69 15.97 -58.38 6.72
N THR A 70 15.78 -59.54 6.12
CA THR A 70 15.29 -60.70 6.86
C THR A 70 16.23 -61.01 8.03
N ARG A 71 15.70 -61.78 8.98
CA ARG A 71 16.48 -62.16 10.15
C ARG A 71 17.72 -62.95 9.72
N GLY A 72 18.61 -63.15 10.69
CA GLY A 72 19.83 -63.89 10.43
C GLY A 72 19.52 -65.29 9.91
N ALA A 73 19.52 -66.24 10.84
CA ALA A 73 19.25 -67.62 10.50
C ALA A 73 18.42 -68.27 11.62
N TYR A 74 17.54 -69.17 11.21
CA TYR A 74 16.68 -69.85 12.17
C TYR A 74 16.77 -71.37 11.98
N SER A 75 17.47 -72.00 12.91
CA SER A 75 17.63 -73.45 12.86
C SER A 75 18.00 -73.97 14.26
N SER A 76 17.61 -75.22 14.50
CA SER A 76 17.89 -75.85 15.77
C SER A 76 17.16 -75.11 16.90
N HIS A 77 16.69 -75.89 17.86
CA HIS A 77 15.96 -75.32 18.99
C HIS A 77 14.67 -74.67 18.50
N ASP A 78 13.57 -75.02 19.17
CA ASP A 78 12.28 -74.48 18.81
C ASP A 78 11.91 -74.93 17.39
N MET A 4 -3.67 24.13 -6.67
CA MET A 4 -3.41 24.94 -5.50
C MET A 4 -4.57 24.86 -4.51
N GLU A 5 -4.25 25.12 -3.25
CA GLU A 5 -5.25 25.08 -2.20
C GLU A 5 -6.24 26.23 -2.35
N VAL A 6 -6.99 26.18 -3.45
CA VAL A 6 -7.98 27.20 -3.73
C VAL A 6 -7.32 28.58 -3.63
N ALA A 7 -8.11 29.61 -3.88
CA ALA A 7 -7.62 30.97 -3.81
C ALA A 7 -7.17 31.27 -2.39
N MET A 8 -6.34 32.31 -2.27
CA MET A 8 -5.83 32.72 -0.98
C MET A 8 -6.97 33.06 -0.02
N VAL A 9 -6.63 33.12 1.26
CA VAL A 9 -7.63 33.44 2.28
C VAL A 9 -7.72 34.96 2.42
N SER A 10 -8.85 35.40 2.97
CA SER A 10 -9.08 36.82 3.17
C SER A 10 -8.03 37.39 4.12
N ALA A 11 -7.53 38.55 3.76
CA ALA A 11 -6.51 39.22 4.57
C ALA A 11 -7.20 39.95 5.73
N GLU A 12 -7.21 39.29 6.88
CA GLU A 12 -7.82 39.87 8.07
C GLU A 12 -7.14 41.19 8.43
N SER A 13 -7.83 41.96 9.25
CA SER A 13 -7.30 43.24 9.69
C SER A 13 -6.61 43.10 11.04
N SER A 14 -5.30 43.30 11.04
CA SER A 14 -4.52 43.20 12.25
C SER A 14 -4.50 41.75 12.74
N GLY A 15 -3.45 41.41 13.47
CA GLY A 15 -3.30 40.06 14.01
C GLY A 15 -2.21 39.30 13.26
N CYS A 16 -1.14 39.00 13.99
CA CYS A 16 -0.02 38.27 13.41
C CYS A 16 0.32 38.90 12.06
N ASN A 17 0.54 40.20 12.09
CA ASN A 17 0.87 40.94 10.88
C ASN A 17 2.36 41.26 10.87
N SER A 18 3.11 40.46 11.62
CA SER A 18 4.55 40.64 11.71
C SER A 18 5.27 39.35 11.34
N HIS A 19 5.15 38.99 10.07
CA HIS A 19 5.79 37.77 9.57
C HIS A 19 5.42 36.59 10.47
N MET A 20 4.24 36.06 10.23
CA MET A 20 3.76 34.93 11.02
C MET A 20 4.18 33.60 10.38
N PRO A 21 4.30 32.56 11.25
CA PRO A 21 4.70 31.24 10.79
C PRO A 21 3.55 30.54 10.06
N TYR A 22 3.36 30.95 8.80
CA TYR A 22 2.30 30.37 7.99
C TYR A 22 2.81 29.14 7.24
N GLY A 23 2.68 27.99 7.89
CA GLY A 23 3.11 26.74 7.31
C GLY A 23 2.42 25.55 7.97
N TYR A 24 3.18 24.83 8.78
CA TYR A 24 2.65 23.68 9.48
C TYR A 24 1.45 24.06 10.34
N ALA A 25 1.31 25.35 10.57
CA ALA A 25 0.22 25.86 11.37
C ALA A 25 -1.09 25.71 10.60
N ALA A 26 -1.02 25.99 9.31
CA ALA A 26 -2.18 25.89 8.45
C ALA A 26 -2.26 24.49 7.86
N GLN A 27 -1.42 23.61 8.40
CA GLN A 27 -1.39 22.23 7.94
C GLN A 27 -2.36 21.38 8.76
N ALA A 28 -3.00 22.03 9.72
CA ALA A 28 -3.95 21.34 10.58
C ALA A 28 -5.09 20.79 9.72
N ARG A 29 -5.23 21.36 8.53
CA ARG A 29 -6.27 20.93 7.61
C ARG A 29 -5.93 19.56 7.03
N ALA A 30 -4.64 19.32 6.90
CA ALA A 30 -4.17 18.05 6.34
C ALA A 30 -4.44 16.94 7.35
N ARG A 31 -4.40 17.31 8.63
CA ARG A 31 -4.64 16.35 9.70
C ARG A 31 -6.05 15.78 9.58
N GLU A 32 -6.95 16.60 9.07
CA GLU A 32 -8.33 16.19 8.91
C GLU A 32 -8.49 15.36 7.64
N ARG A 33 -7.59 15.58 6.71
CA ARG A 33 -7.62 14.86 5.45
C ARG A 33 -6.79 13.57 5.54
N GLU A 34 -5.78 13.63 6.40
CA GLU A 34 -4.91 12.49 6.61
C GLU A 34 -5.69 11.32 7.22
N ARG A 35 -6.77 11.68 7.91
CA ARG A 35 -7.61 10.67 8.55
C ARG A 35 -8.15 9.69 7.50
N LEU A 36 -8.33 10.21 6.29
CA LEU A 36 -8.84 9.39 5.20
C LEU A 36 -7.67 8.73 4.47
N ALA A 37 -6.48 9.23 4.75
CA ALA A 37 -5.28 8.69 4.14
C ALA A 37 -4.83 7.44 4.89
N HIS A 38 -5.64 7.05 5.85
CA HIS A 38 -5.36 5.87 6.65
C HIS A 38 -5.97 4.64 6.00
N SER A 39 -6.84 4.89 5.03
CA SER A 39 -7.50 3.81 4.32
C SER A 39 -6.67 3.40 3.10
N ARG A 40 -5.80 4.30 2.69
CA ARG A 40 -4.93 4.04 1.55
C ARG A 40 -3.64 3.38 1.99
N ALA A 41 -3.63 2.95 3.24
CA ALA A 41 -2.46 2.30 3.82
C ALA A 41 -2.29 0.91 3.17
N ALA A 42 -3.31 0.08 3.39
CA ALA A 42 -3.29 -1.27 2.84
C ALA A 42 -3.02 -1.20 1.34
N ALA A 43 -3.90 -0.49 0.65
CA ALA A 43 -3.78 -0.35 -0.80
C ALA A 43 -2.32 -0.05 -1.14
N ALA A 44 -1.85 1.09 -0.68
CA ALA A 44 -0.48 1.50 -0.95
C ALA A 44 -0.28 1.68 -2.45
N ALA A 45 -1.20 2.44 -3.05
CA ALA A 45 -1.13 2.70 -4.48
C ALA A 45 -0.06 3.76 -4.75
N ALA A 46 -0.28 4.94 -4.20
CA ALA A 46 0.65 6.03 -4.38
C ALA A 46 2.08 5.54 -4.11
N VAL A 47 2.16 4.47 -3.33
CA VAL A 47 3.45 3.88 -2.98
C VAL A 47 3.74 2.72 -3.92
N ALA A 48 2.67 2.07 -4.36
CA ALA A 48 2.79 0.93 -5.26
C ALA A 48 3.68 1.33 -6.44
N ALA A 49 3.46 2.54 -6.92
CA ALA A 49 4.23 3.05 -8.05
C ALA A 49 5.64 3.39 -7.58
N ALA A 50 5.72 3.92 -6.37
CA ALA A 50 6.99 4.29 -5.80
C ALA A 50 7.78 3.03 -5.45
N THR A 51 8.84 3.24 -4.66
CA THR A 51 9.67 2.12 -4.24
C THR A 51 9.88 1.14 -5.40
N ALA A 52 10.17 1.70 -6.57
CA ALA A 52 10.39 0.90 -7.75
C ALA A 52 11.28 -0.29 -7.40
N ALA A 53 11.19 -1.33 -8.22
CA ALA A 53 11.99 -2.52 -8.00
C ALA A 53 13.37 -2.34 -8.63
N VAL A 54 13.98 -1.22 -8.30
CA VAL A 54 15.30 -0.90 -8.82
C VAL A 54 15.34 -1.18 -10.32
N GLU A 55 14.37 -0.60 -11.01
CA GLU A 55 14.27 -0.77 -12.45
C GLU A 55 15.30 0.10 -13.16
N GLY A 56 15.51 -0.19 -14.44
CA GLY A 56 16.47 0.56 -15.24
C GLY A 56 15.97 0.72 -16.67
N THR A 57 14.91 1.51 -16.81
CA THR A 57 14.33 1.75 -18.13
C THR A 57 13.66 3.13 -18.17
N GLY A 58 14.38 4.09 -18.71
CA GLY A 58 13.87 5.44 -18.82
C GLY A 58 14.22 6.06 -20.17
N GLY A 59 15.52 6.13 -20.43
CA GLY A 59 16.00 6.70 -21.68
C GLY A 59 15.39 5.98 -22.88
N SER A 60 16.17 5.05 -23.43
CA SER A 60 15.72 4.29 -24.59
C SER A 60 15.80 2.79 -24.27
N GLY A 61 15.03 2.03 -25.04
CA GLY A 61 15.00 0.59 -24.85
C GLY A 61 13.60 0.04 -25.12
N GLY A 62 13.28 -0.09 -26.40
CA GLY A 62 11.98 -0.61 -26.80
C GLY A 62 12.12 -1.89 -27.62
N GLY A 63 12.01 -1.73 -28.93
CA GLY A 63 12.12 -2.85 -29.83
C GLY A 63 11.57 -2.51 -31.22
N PRO A 64 11.41 -3.57 -32.06
CA PRO A 64 10.89 -3.39 -33.40
C PRO A 64 9.38 -3.13 -33.38
N HIS A 65 8.83 -2.91 -34.57
CA HIS A 65 7.41 -2.65 -34.71
C HIS A 65 6.75 -3.82 -35.43
N HIS A 66 7.14 -3.97 -36.70
CA HIS A 66 6.58 -5.03 -37.53
C HIS A 66 7.38 -5.15 -38.82
N HIS A 67 7.36 -6.34 -39.39
CA HIS A 67 8.08 -6.59 -40.63
C HIS A 67 7.14 -6.39 -41.82
N HIS A 68 6.15 -7.26 -41.90
CA HIS A 68 5.18 -7.19 -42.98
C HIS A 68 5.84 -7.61 -44.29
N GLN A 69 5.06 -8.28 -45.12
CA GLN A 69 5.56 -8.74 -46.41
C GLN A 69 4.94 -7.92 -47.55
N THR A 70 5.01 -8.48 -48.74
CA THR A 70 4.47 -7.81 -49.92
C THR A 70 4.22 -8.83 -51.04
N ARG A 71 3.56 -8.35 -52.08
CA ARG A 71 3.26 -9.19 -53.23
C ARG A 71 4.51 -9.95 -53.67
N GLY A 72 4.27 -11.06 -54.35
CA GLY A 72 5.36 -11.90 -54.84
C GLY A 72 4.84 -13.19 -55.46
N ALA A 73 4.89 -13.23 -56.78
CA ALA A 73 4.43 -14.41 -57.51
C ALA A 73 4.93 -14.33 -58.96
N TYR A 74 5.99 -15.08 -59.22
CA TYR A 74 6.57 -15.10 -60.55
C TYR A 74 5.69 -15.89 -61.51
N SER A 75 5.54 -15.34 -62.70
CA SER A 75 4.72 -15.98 -63.73
C SER A 75 5.40 -15.85 -65.10
N SER A 76 5.39 -16.95 -65.83
CA SER A 76 6.00 -16.97 -67.15
C SER A 76 5.67 -18.28 -67.87
N HIS A 77 5.43 -18.17 -69.17
CA HIS A 77 5.10 -19.34 -69.97
C HIS A 77 3.73 -19.87 -69.55
N ASP A 78 2.77 -19.71 -70.43
CA ASP A 78 1.41 -20.17 -70.16
C ASP A 78 0.66 -20.35 -71.49
N MET A 4 24.03 32.55 50.54
CA MET A 4 23.14 32.40 49.41
C MET A 4 23.46 31.14 48.61
N GLU A 5 22.76 30.06 48.95
CA GLU A 5 22.97 28.79 48.28
C GLU A 5 22.93 28.98 46.76
N VAL A 6 23.48 28.00 46.05
CA VAL A 6 23.51 28.05 44.61
C VAL A 6 22.16 28.53 44.08
N ALA A 7 22.18 28.99 42.84
CA ALA A 7 20.97 29.49 42.22
C ALA A 7 20.19 28.32 41.59
N MET A 8 19.01 28.09 42.14
CA MET A 8 18.17 27.01 41.65
C MET A 8 16.73 27.49 41.41
N VAL A 9 16.52 28.04 40.23
CA VAL A 9 15.20 28.55 39.87
C VAL A 9 14.76 27.90 38.55
N SER A 10 13.48 28.07 38.26
CA SER A 10 12.92 27.51 37.04
C SER A 10 13.52 28.21 35.81
N ALA A 11 14.57 27.59 35.28
CA ALA A 11 15.24 28.14 34.12
C ALA A 11 14.33 28.02 32.89
N GLU A 12 13.42 28.97 32.78
CA GLU A 12 12.48 28.99 31.67
C GLU A 12 13.23 28.85 30.34
N SER A 13 12.47 28.65 29.28
CA SER A 13 13.04 28.50 27.96
C SER A 13 12.65 29.69 27.08
N SER A 14 13.38 30.79 27.26
CA SER A 14 13.12 32.00 26.51
C SER A 14 11.66 32.42 26.66
N GLY A 15 11.36 33.60 26.15
CA GLY A 15 10.01 34.12 26.23
C GLY A 15 8.98 33.10 25.72
N CYS A 16 9.28 32.57 24.54
CA CYS A 16 8.40 31.58 23.93
C CYS A 16 6.98 32.14 23.92
N ASN A 17 6.80 33.17 23.10
CA ASN A 17 5.50 33.81 22.97
C ASN A 17 4.73 33.17 21.81
N SER A 18 5.10 31.93 21.51
CA SER A 18 4.46 31.22 20.42
C SER A 18 4.55 32.02 19.12
N HIS A 19 5.62 31.76 18.38
CA HIS A 19 5.84 32.46 17.12
C HIS A 19 5.22 31.65 15.98
N MET A 20 4.02 31.16 16.24
CA MET A 20 3.30 30.38 15.24
C MET A 20 3.55 30.93 13.83
N PRO A 21 4.51 30.27 13.13
CA PRO A 21 4.85 30.68 11.78
C PRO A 21 3.78 30.24 10.78
N TYR A 22 3.34 31.20 9.97
CA TYR A 22 2.31 30.93 8.98
C TYR A 22 2.79 29.87 7.97
N GLY A 23 2.71 28.61 8.39
CA GLY A 23 3.13 27.51 7.55
C GLY A 23 2.46 26.20 7.99
N TYR A 24 3.26 25.35 8.61
CA TYR A 24 2.76 24.07 9.08
C TYR A 24 1.59 24.26 10.04
N ALA A 25 1.45 25.48 10.53
CA ALA A 25 0.38 25.80 11.45
C ALA A 25 -0.97 25.63 10.73
N ALA A 26 -0.96 25.96 9.45
CA ALA A 26 -2.17 25.85 8.65
C ALA A 26 -2.25 24.45 8.04
N GLN A 27 -1.42 23.57 8.57
CA GLN A 27 -1.39 22.19 8.09
C GLN A 27 -2.38 21.34 8.88
N ALA A 28 -3.03 21.96 9.84
CA ALA A 28 -4.00 21.28 10.67
C ALA A 28 -5.14 20.73 9.78
N ARG A 29 -5.25 21.34 8.60
CA ARG A 29 -6.28 20.93 7.66
C ARG A 29 -5.94 19.56 7.06
N ALA A 30 -4.64 19.32 6.94
CA ALA A 30 -4.17 18.06 6.37
C ALA A 30 -4.46 16.93 7.36
N ARG A 31 -4.44 17.28 8.64
CA ARG A 31 -4.70 16.31 9.68
C ARG A 31 -6.12 15.74 9.55
N GLU A 32 -7.00 16.58 9.03
CA GLU A 32 -8.39 16.18 8.84
C GLU A 32 -8.53 15.36 7.55
N ARG A 33 -7.61 15.60 6.64
CA ARG A 33 -7.61 14.90 5.36
C ARG A 33 -6.80 13.62 5.46
N GLU A 34 -5.80 13.65 6.33
CA GLU A 34 -4.94 12.50 6.52
C GLU A 34 -5.73 11.34 7.15
N ARG A 35 -6.82 11.70 7.80
CA ARG A 35 -7.67 10.70 8.45
C ARG A 35 -8.20 9.71 7.42
N LEU A 36 -8.34 10.20 6.19
CA LEU A 36 -8.83 9.37 5.11
C LEU A 36 -7.66 8.69 4.41
N ALA A 37 -6.47 9.19 4.71
CA ALA A 37 -5.26 8.63 4.13
C ALA A 37 -4.83 7.39 4.92
N HIS A 38 -5.68 7.02 5.87
CA HIS A 38 -5.41 5.86 6.69
C HIS A 38 -6.03 4.61 6.05
N SER A 39 -6.87 4.86 5.05
CA SER A 39 -7.53 3.77 4.35
C SER A 39 -6.67 3.33 3.16
N ARG A 40 -5.78 4.21 2.75
CA ARG A 40 -4.90 3.93 1.63
C ARG A 40 -3.61 3.27 2.11
N ALA A 41 -3.63 2.86 3.38
CA ALA A 41 -2.48 2.21 3.98
C ALA A 41 -2.43 0.75 3.52
N ALA A 42 -3.57 0.08 3.67
CA ALA A 42 -3.66 -1.32 3.28
C ALA A 42 -3.56 -1.43 1.76
N ALA A 43 -4.40 -0.66 1.09
CA ALA A 43 -4.42 -0.65 -0.36
C ALA A 43 -2.98 -0.71 -0.88
N ALA A 44 -2.22 0.34 -0.56
CA ALA A 44 -0.84 0.43 -0.98
C ALA A 44 -0.79 0.50 -2.51
N ALA A 45 -1.40 1.54 -3.05
CA ALA A 45 -1.43 1.74 -4.49
C ALA A 45 -0.37 2.77 -4.87
N ALA A 46 -0.52 3.97 -4.32
CA ALA A 46 0.42 5.04 -4.60
C ALA A 46 1.84 4.53 -4.44
N VAL A 47 1.98 3.47 -3.65
CA VAL A 47 3.28 2.88 -3.41
C VAL A 47 3.50 1.72 -4.39
N ALA A 48 2.40 1.09 -4.77
CA ALA A 48 2.46 -0.02 -5.70
C ALA A 48 3.37 0.34 -6.88
N ALA A 49 3.36 1.63 -7.20
CA ALA A 49 4.16 2.13 -8.30
C ALA A 49 5.55 2.49 -7.79
N ALA A 50 5.58 2.95 -6.55
CA ALA A 50 6.84 3.33 -5.92
C ALA A 50 7.43 2.12 -5.21
N THR A 51 6.96 0.95 -5.58
CA THR A 51 7.43 -0.28 -4.99
C THR A 51 8.93 -0.19 -4.70
N ALA A 52 9.25 -0.09 -3.41
CA ALA A 52 10.64 0.00 -2.99
C ALA A 52 11.45 -1.09 -3.69
N ALA A 53 12.47 -0.65 -4.42
CA ALA A 53 13.33 -1.58 -5.12
C ALA A 53 14.42 -2.09 -4.18
N VAL A 54 13.98 -2.54 -3.02
CA VAL A 54 14.91 -3.06 -2.02
C VAL A 54 14.29 -4.30 -1.36
N GLU A 55 13.91 -5.25 -2.19
CA GLU A 55 13.32 -6.48 -1.70
C GLU A 55 14.29 -7.64 -1.89
N GLY A 56 14.17 -8.62 -1.00
CA GLY A 56 15.02 -9.79 -1.05
C GLY A 56 16.41 -9.49 -0.48
N THR A 57 16.54 -9.72 0.82
CA THR A 57 17.80 -9.47 1.51
C THR A 57 18.97 -9.96 0.65
N GLY A 58 19.83 -9.02 0.29
CA GLY A 58 20.99 -9.34 -0.52
C GLY A 58 21.79 -10.49 0.08
N GLY A 59 22.18 -11.42 -0.77
CA GLY A 59 22.96 -12.57 -0.34
C GLY A 59 24.24 -12.71 -1.16
N SER A 60 25.13 -13.56 -0.65
CA SER A 60 26.40 -13.79 -1.33
C SER A 60 26.41 -15.20 -1.92
N GLY A 61 26.56 -15.25 -3.24
CA GLY A 61 26.60 -16.52 -3.95
C GLY A 61 27.92 -16.70 -4.68
N GLY A 62 27.93 -17.68 -5.59
CA GLY A 62 29.13 -17.96 -6.36
C GLY A 62 29.37 -19.47 -6.45
N GLY A 63 28.83 -20.07 -7.49
CA GLY A 63 28.99 -21.50 -7.70
C GLY A 63 29.48 -21.80 -9.11
N PRO A 64 30.82 -22.00 -9.23
CA PRO A 64 31.43 -22.29 -10.51
C PRO A 64 31.15 -23.73 -10.93
N HIS A 65 31.24 -23.96 -12.24
CA HIS A 65 31.00 -25.30 -12.78
C HIS A 65 31.51 -25.35 -14.22
N HIS A 66 31.58 -26.57 -14.74
CA HIS A 66 32.04 -26.78 -16.10
C HIS A 66 33.35 -26.03 -16.32
N HIS A 67 34.43 -26.65 -15.88
CA HIS A 67 35.75 -26.05 -16.03
C HIS A 67 36.40 -26.55 -17.32
N HIS A 68 36.63 -27.85 -17.37
CA HIS A 68 37.24 -28.46 -18.53
C HIS A 68 38.67 -27.93 -18.69
N GLN A 69 39.62 -28.83 -18.51
CA GLN A 69 41.03 -28.46 -18.63
C GLN A 69 41.75 -29.43 -19.58
N THR A 70 43.01 -29.16 -19.79
CA THR A 70 43.83 -29.99 -20.66
C THR A 70 43.88 -31.43 -20.13
N ARG A 71 44.45 -32.30 -20.94
CA ARG A 71 44.57 -33.70 -20.58
C ARG A 71 44.96 -33.83 -19.10
N GLY A 72 44.68 -35.00 -18.54
CA GLY A 72 44.98 -35.25 -17.15
C GLY A 72 46.22 -36.16 -17.02
N ALA A 73 46.11 -37.34 -17.60
CA ALA A 73 47.20 -38.30 -17.56
C ALA A 73 46.86 -39.49 -18.46
N TYR A 74 47.49 -39.52 -19.61
CA TYR A 74 47.27 -40.60 -20.56
C TYR A 74 48.60 -41.23 -21.00
N SER A 75 48.66 -42.55 -20.87
CA SER A 75 49.87 -43.27 -21.25
C SER A 75 49.48 -44.65 -21.81
N SER A 76 50.43 -45.24 -22.52
CA SER A 76 50.22 -46.55 -23.10
C SER A 76 51.55 -47.26 -23.33
N HIS A 77 51.48 -48.58 -23.47
CA HIS A 77 52.67 -49.37 -23.69
C HIS A 77 52.29 -50.72 -24.29
N ASP A 78 51.89 -50.68 -25.55
CA ASP A 78 51.49 -51.90 -26.24
C ASP A 78 52.72 -52.66 -26.69
N MET A 4 8.53 1.52 6.29
CA MET A 4 9.78 1.44 7.03
C MET A 4 10.70 2.61 6.69
N GLU A 5 10.54 3.68 7.44
CA GLU A 5 11.35 4.88 7.23
C GLU A 5 12.69 4.74 7.96
N VAL A 6 13.58 3.97 7.36
CA VAL A 6 14.90 3.75 7.94
C VAL A 6 15.75 5.01 7.72
N ALA A 7 16.78 5.12 8.54
CA ALA A 7 17.69 6.26 8.45
C ALA A 7 18.35 6.27 7.08
N MET A 8 18.18 7.39 6.38
CA MET A 8 18.76 7.54 5.06
C MET A 8 20.29 7.43 5.11
N VAL A 9 20.86 7.00 3.99
CA VAL A 9 22.29 6.85 3.89
C VAL A 9 22.97 8.17 4.27
N SER A 10 24.27 8.09 4.51
CA SER A 10 25.04 9.26 4.89
C SER A 10 24.54 9.82 6.22
N ALA A 11 25.41 10.57 6.87
CA ALA A 11 25.07 11.17 8.15
C ALA A 11 24.31 12.48 7.92
N GLU A 12 23.17 12.35 7.27
CA GLU A 12 22.34 13.51 6.98
C GLU A 12 21.81 14.12 8.28
N SER A 13 21.51 15.42 8.20
CA SER A 13 21.00 16.13 9.36
C SER A 13 20.69 17.58 8.98
N SER A 14 19.71 18.15 9.68
CA SER A 14 19.31 19.52 9.43
C SER A 14 19.98 20.45 10.45
N GLY A 15 20.85 21.31 9.93
CA GLY A 15 21.56 22.25 10.79
C GLY A 15 20.90 23.63 10.74
N CYS A 16 19.74 23.72 11.37
CA CYS A 16 19.00 24.96 11.41
C CYS A 16 18.58 25.32 9.98
N ASN A 17 17.43 24.79 9.60
CA ASN A 17 16.90 25.05 8.26
C ASN A 17 15.95 26.25 8.31
N SER A 18 16.16 27.09 9.31
CA SER A 18 15.33 28.26 9.48
C SER A 18 13.85 27.88 9.41
N HIS A 19 13.31 27.52 10.57
CA HIS A 19 11.91 27.13 10.65
C HIS A 19 11.08 28.30 11.19
N MET A 20 11.30 29.47 10.61
CA MET A 20 10.58 30.66 11.02
C MET A 20 9.12 30.62 10.56
N PRO A 21 8.95 30.35 9.24
CA PRO A 21 7.62 30.27 8.66
C PRO A 21 6.92 28.97 9.05
N TYR A 22 6.34 28.98 10.24
CA TYR A 22 5.65 27.81 10.74
C TYR A 22 4.30 27.62 10.04
N GLY A 23 4.38 27.37 8.74
CA GLY A 23 3.18 27.18 7.94
C GLY A 23 2.49 25.86 8.29
N TYR A 24 3.14 25.10 9.16
CA TYR A 24 2.62 23.81 9.58
C TYR A 24 1.28 23.98 10.30
N ALA A 25 1.08 25.16 10.86
CA ALA A 25 -0.15 25.46 11.57
C ALA A 25 -1.32 25.42 10.59
N ALA A 26 -1.06 25.90 9.39
CA ALA A 26 -2.08 25.93 8.36
C ALA A 26 -2.22 24.52 7.74
N GLN A 27 -1.34 23.64 8.17
CA GLN A 27 -1.34 22.28 7.68
C GLN A 27 -2.24 21.40 8.55
N ALA A 28 -2.79 22.02 9.59
CA ALA A 28 -3.66 21.31 10.52
C ALA A 28 -4.88 20.78 9.76
N ARG A 29 -5.13 21.40 8.60
CA ARG A 29 -6.25 21.00 7.78
C ARG A 29 -5.97 19.65 7.12
N ALA A 30 -4.70 19.41 6.85
CA ALA A 30 -4.29 18.16 6.22
C ALA A 30 -4.46 17.01 7.22
N ARG A 31 -4.30 17.34 8.49
CA ARG A 31 -4.43 16.36 9.55
C ARG A 31 -5.86 15.79 9.56
N GLU A 32 -6.80 16.62 9.16
CA GLU A 32 -8.20 16.22 9.12
C GLU A 32 -8.48 15.42 7.85
N ARG A 33 -7.67 15.67 6.83
CA ARG A 33 -7.81 15.00 5.56
C ARG A 33 -6.99 13.70 5.54
N GLU A 34 -5.90 13.74 6.31
CA GLU A 34 -5.02 12.59 6.39
C GLU A 34 -5.73 11.41 7.05
N ARG A 35 -6.80 11.74 7.76
CA ARG A 35 -7.58 10.73 8.45
C ARG A 35 -8.13 9.71 7.45
N LEU A 36 -8.33 10.18 6.23
CA LEU A 36 -8.86 9.33 5.18
C LEU A 36 -7.70 8.66 4.45
N ALA A 37 -6.50 9.18 4.70
CA ALA A 37 -5.31 8.64 4.07
C ALA A 37 -4.83 7.41 4.85
N HIS A 38 -5.63 7.03 5.85
CA HIS A 38 -5.31 5.89 6.68
C HIS A 38 -5.92 4.63 6.07
N SER A 39 -6.81 4.85 5.11
CA SER A 39 -7.47 3.73 4.44
C SER A 39 -6.66 3.29 3.23
N ARG A 40 -5.81 4.19 2.77
CA ARG A 40 -4.96 3.90 1.62
C ARG A 40 -3.64 3.27 2.07
N ALA A 41 -3.61 2.88 3.33
CA ALA A 41 -2.42 2.26 3.89
C ALA A 41 -2.03 1.05 3.04
N ALA A 42 -2.97 0.13 2.90
CA ALA A 42 -2.73 -1.07 2.12
C ALA A 42 -2.65 -0.69 0.64
N ALA A 43 -2.13 -1.62 -0.14
CA ALA A 43 -1.99 -1.41 -1.57
C ALA A 43 -3.35 -1.10 -2.18
N ALA A 44 -4.27 -2.05 -2.03
CA ALA A 44 -5.61 -1.89 -2.56
C ALA A 44 -5.60 -2.12 -4.07
N ALA A 45 -5.01 -1.15 -4.77
CA ALA A 45 -4.92 -1.23 -6.22
C ALA A 45 -4.36 -2.60 -6.62
N ALA A 46 -3.22 -2.93 -6.03
CA ALA A 46 -2.57 -4.20 -6.32
C ALA A 46 -3.60 -5.32 -6.23
N VAL A 47 -4.65 -5.06 -5.48
CA VAL A 47 -5.72 -6.03 -5.31
C VAL A 47 -6.86 -5.72 -6.28
N ALA A 48 -7.02 -4.43 -6.56
CA ALA A 48 -8.06 -3.98 -7.47
C ALA A 48 -8.11 -4.92 -8.67
N ALA A 49 -7.00 -4.97 -9.39
CA ALA A 49 -6.91 -5.82 -10.57
C ALA A 49 -7.05 -7.28 -10.15
N ALA A 50 -6.23 -7.67 -9.18
CA ALA A 50 -6.26 -9.04 -8.68
C ALA A 50 -7.68 -9.38 -8.24
N THR A 51 -7.80 -10.54 -7.59
CA THR A 51 -9.09 -10.99 -7.10
C THR A 51 -10.19 -10.66 -8.11
N ALA A 52 -10.05 -11.22 -9.30
CA ALA A 52 -11.03 -10.99 -10.35
C ALA A 52 -12.44 -11.07 -9.77
N ALA A 53 -13.39 -10.53 -10.52
CA ALA A 53 -14.77 -10.53 -10.08
C ALA A 53 -15.43 -11.86 -10.48
N VAL A 54 -14.75 -12.94 -10.14
CA VAL A 54 -15.25 -14.27 -10.44
C VAL A 54 -15.95 -14.24 -11.81
N GLU A 55 -15.30 -13.57 -12.75
CA GLU A 55 -15.86 -13.46 -14.09
C GLU A 55 -14.83 -13.91 -15.13
N GLY A 56 -15.34 -14.36 -16.26
CA GLY A 56 -14.48 -14.83 -17.34
C GLY A 56 -14.40 -16.36 -17.35
N THR A 57 -15.28 -16.96 -18.13
CA THR A 57 -15.32 -18.41 -18.24
C THR A 57 -14.18 -18.90 -19.13
N GLY A 58 -13.47 -19.91 -18.62
CA GLY A 58 -12.35 -20.48 -19.35
C GLY A 58 -12.75 -21.81 -20.00
N GLY A 59 -11.77 -22.45 -20.60
CA GLY A 59 -12.00 -23.72 -21.27
C GLY A 59 -11.91 -23.56 -22.79
N SER A 60 -10.72 -23.79 -23.31
CA SER A 60 -10.50 -23.69 -24.74
C SER A 60 -11.30 -24.76 -25.48
N GLY A 61 -12.28 -24.29 -26.24
CA GLY A 61 -13.13 -25.20 -27.00
C GLY A 61 -12.70 -25.26 -28.47
N GLY A 62 -12.96 -26.40 -29.09
CA GLY A 62 -12.60 -26.59 -30.48
C GLY A 62 -12.01 -27.98 -30.71
N GLY A 63 -12.02 -28.40 -31.97
CA GLY A 63 -11.49 -29.69 -32.34
C GLY A 63 -10.87 -29.65 -33.74
N PRO A 64 -10.03 -30.68 -34.02
CA PRO A 64 -9.36 -30.78 -35.31
C PRO A 64 -10.34 -31.24 -36.39
N HIS A 65 -10.12 -30.72 -37.59
CA HIS A 65 -10.97 -31.07 -38.72
C HIS A 65 -10.10 -31.30 -39.96
N HIS A 66 -9.56 -32.51 -40.04
CA HIS A 66 -8.70 -32.86 -41.16
C HIS A 66 -9.30 -32.30 -42.46
N HIS A 67 -8.41 -31.95 -43.38
CA HIS A 67 -8.83 -31.40 -44.65
C HIS A 67 -9.25 -32.53 -45.60
N HIS A 68 -8.30 -33.44 -45.84
CA HIS A 68 -8.56 -34.57 -46.71
C HIS A 68 -9.28 -34.08 -47.98
N GLN A 69 -8.47 -33.71 -48.97
CA GLN A 69 -9.02 -33.23 -50.22
C GLN A 69 -9.18 -34.41 -51.20
N THR A 70 -9.72 -34.07 -52.37
CA THR A 70 -9.94 -35.08 -53.40
C THR A 70 -8.61 -35.62 -53.90
N ARG A 71 -8.60 -36.92 -54.19
CA ARG A 71 -7.40 -37.57 -54.68
C ARG A 71 -7.69 -39.04 -54.99
N GLY A 72 -7.82 -39.33 -56.27
CA GLY A 72 -8.09 -40.69 -56.71
C GLY A 72 -8.05 -40.79 -58.24
N ALA A 73 -6.86 -40.57 -58.78
CA ALA A 73 -6.67 -40.64 -60.21
C ALA A 73 -6.55 -42.10 -60.65
N TYR A 74 -7.54 -42.56 -61.39
CA TYR A 74 -7.56 -43.93 -61.87
C TYR A 74 -6.83 -44.05 -63.21
N SER A 75 -6.24 -45.21 -63.43
CA SER A 75 -5.51 -45.46 -64.66
C SER A 75 -6.49 -45.83 -65.78
N SER A 76 -7.20 -46.92 -65.56
CA SER A 76 -8.17 -47.38 -66.54
C SER A 76 -7.47 -47.74 -67.85
N HIS A 77 -8.01 -48.75 -68.52
CA HIS A 77 -7.45 -49.18 -69.78
C HIS A 77 -8.57 -49.69 -70.70
N ASP A 78 -9.26 -48.74 -71.31
CA ASP A 78 -10.34 -49.08 -72.21
C ASP A 78 -10.48 -48.00 -73.28
N MET A 4 -4.35 16.04 -15.14
CA MET A 4 -3.56 17.12 -14.57
C MET A 4 -4.05 17.45 -13.15
N GLU A 5 -3.14 18.03 -12.37
CA GLU A 5 -3.47 18.41 -11.01
C GLU A 5 -4.31 19.68 -10.99
N VAL A 6 -4.87 19.97 -9.83
CA VAL A 6 -5.69 21.16 -9.67
C VAL A 6 -4.80 22.40 -9.68
N ALA A 7 -5.44 23.55 -9.50
CA ALA A 7 -4.71 24.81 -9.49
C ALA A 7 -3.84 24.88 -8.24
N MET A 8 -2.85 25.77 -8.29
CA MET A 8 -1.95 25.95 -7.17
C MET A 8 -2.43 27.05 -6.23
N VAL A 9 -3.06 26.62 -5.15
CA VAL A 9 -3.57 27.56 -4.16
C VAL A 9 -2.40 28.13 -3.35
N SER A 10 -2.71 29.18 -2.59
CA SER A 10 -1.71 29.83 -1.77
C SER A 10 -0.64 30.46 -2.66
N ALA A 11 -0.86 31.73 -3.00
CA ALA A 11 0.07 32.45 -3.84
C ALA A 11 1.42 32.56 -3.13
N GLU A 12 2.34 31.70 -3.54
CA GLU A 12 3.67 31.69 -2.94
C GLU A 12 4.18 33.12 -2.76
N SER A 13 4.92 33.31 -1.67
CA SER A 13 5.48 34.61 -1.37
C SER A 13 6.95 34.48 -0.98
N SER A 14 7.73 35.46 -1.42
CA SER A 14 9.16 35.46 -1.13
C SER A 14 9.54 36.75 -0.41
N GLY A 15 9.79 36.63 0.89
CA GLY A 15 10.17 37.78 1.69
C GLY A 15 9.17 38.01 2.82
N CYS A 16 9.63 37.78 4.04
CA CYS A 16 8.79 37.96 5.21
C CYS A 16 9.69 38.16 6.42
N ASN A 17 10.13 39.40 6.60
CA ASN A 17 10.99 39.74 7.72
C ASN A 17 10.15 40.34 8.85
N SER A 18 8.87 39.98 8.84
CA SER A 18 7.96 40.47 9.85
C SER A 18 6.95 39.39 10.21
N HIS A 19 7.38 38.47 11.07
CA HIS A 19 6.53 37.38 11.51
C HIS A 19 6.18 36.49 10.30
N MET A 20 7.02 35.49 10.09
CA MET A 20 6.80 34.57 8.97
C MET A 20 5.32 34.23 8.84
N PRO A 21 4.95 33.78 7.60
CA PRO A 21 3.57 33.41 7.32
C PRO A 21 3.23 32.06 7.93
N TYR A 22 1.96 31.69 7.82
CA TYR A 22 1.50 30.43 8.36
C TYR A 22 2.11 29.25 7.61
N GLY A 23 2.10 28.10 8.27
CA GLY A 23 2.66 26.90 7.68
C GLY A 23 2.09 25.64 8.35
N TYR A 24 2.95 25.01 9.15
CA TYR A 24 2.55 23.80 9.86
C TYR A 24 1.17 23.99 10.52
N ALA A 25 0.93 25.20 10.98
CA ALA A 25 -0.34 25.52 11.62
C ALA A 25 -1.47 25.42 10.59
N ALA A 26 -1.19 25.95 9.41
CA ALA A 26 -2.17 25.92 8.33
C ALA A 26 -2.25 24.52 7.75
N GLN A 27 -1.37 23.66 8.24
CA GLN A 27 -1.33 22.28 7.78
C GLN A 27 -2.27 21.41 8.60
N ALA A 28 -2.90 22.04 9.58
CA ALA A 28 -3.83 21.34 10.46
C ALA A 28 -4.97 20.77 9.62
N ARG A 29 -5.15 21.35 8.43
CA ARG A 29 -6.21 20.91 7.53
C ARG A 29 -5.86 19.55 6.93
N ALA A 30 -4.56 19.33 6.76
CA ALA A 30 -4.09 18.08 6.20
C ALA A 30 -4.32 16.95 7.21
N ARG A 31 -4.26 17.31 8.48
CA ARG A 31 -4.46 16.35 9.55
C ARG A 31 -5.87 15.76 9.47
N GLU A 32 -6.79 16.57 8.99
CA GLU A 32 -8.17 16.15 8.84
C GLU A 32 -8.34 15.32 7.57
N ARG A 33 -7.47 15.56 6.62
CA ARG A 33 -7.52 14.85 5.35
C ARG A 33 -6.66 13.58 5.43
N GLU A 34 -5.64 13.63 6.27
CA GLU A 34 -4.75 12.50 6.44
C GLU A 34 -5.47 11.36 7.15
N ARG A 35 -6.47 11.73 7.94
CA ARG A 35 -7.25 10.75 8.67
C ARG A 35 -7.91 9.76 7.71
N LEU A 36 -8.20 10.26 6.52
CA LEU A 36 -8.84 9.44 5.51
C LEU A 36 -7.76 8.76 4.67
N ALA A 37 -6.55 9.25 4.81
CA ALA A 37 -5.42 8.70 4.07
C ALA A 37 -4.89 7.45 4.78
N HIS A 38 -5.61 7.08 5.84
CA HIS A 38 -5.23 5.91 6.61
C HIS A 38 -5.93 4.67 6.05
N SER A 39 -6.89 4.92 5.18
CA SER A 39 -7.64 3.84 4.55
C SER A 39 -6.95 3.40 3.26
N ARG A 40 -6.12 4.29 2.74
CA ARG A 40 -5.39 4.02 1.51
C ARG A 40 -4.05 3.36 1.83
N ALA A 41 -3.91 2.94 3.08
CA ALA A 41 -2.68 2.29 3.52
C ALA A 41 -2.46 1.02 2.70
N ALA A 42 -3.40 0.10 2.83
CA ALA A 42 -3.32 -1.16 2.11
C ALA A 42 -3.35 -0.89 0.60
N ALA A 43 -2.16 -0.87 0.02
CA ALA A 43 -2.03 -0.62 -1.41
C ALA A 43 -2.41 -1.88 -2.18
N ALA A 44 -1.58 -2.91 -2.05
CA ALA A 44 -1.82 -4.16 -2.72
C ALA A 44 -3.31 -4.48 -2.69
N ALA A 45 -3.98 -4.16 -3.79
CA ALA A 45 -5.41 -4.40 -3.90
C ALA A 45 -5.64 -5.70 -4.68
N ALA A 46 -5.44 -5.62 -5.98
CA ALA A 46 -5.64 -6.78 -6.84
C ALA A 46 -4.78 -7.93 -6.32
N VAL A 47 -3.79 -7.58 -5.52
CA VAL A 47 -2.90 -8.58 -4.95
C VAL A 47 -3.46 -9.05 -3.61
N ALA A 48 -4.17 -8.15 -2.95
CA ALA A 48 -4.77 -8.46 -1.66
C ALA A 48 -5.34 -9.88 -1.70
N ALA A 49 -5.92 -10.22 -2.84
CA ALA A 49 -6.51 -11.54 -3.02
C ALA A 49 -5.46 -12.49 -3.58
N ALA A 50 -5.12 -12.27 -4.84
CA ALA A 50 -4.13 -13.09 -5.51
C ALA A 50 -2.73 -12.64 -5.09
N THR A 51 -2.05 -13.51 -4.36
CA THR A 51 -0.71 -13.21 -3.90
C THR A 51 0.06 -12.43 -4.96
N ALA A 52 1.03 -11.66 -4.48
CA ALA A 52 1.85 -10.85 -5.38
C ALA A 52 2.26 -11.69 -6.59
N ALA A 53 2.25 -11.06 -7.75
CA ALA A 53 2.62 -11.74 -8.98
C ALA A 53 4.14 -11.69 -9.14
N VAL A 54 4.83 -12.08 -8.08
CA VAL A 54 6.28 -12.09 -8.10
C VAL A 54 6.79 -13.21 -7.19
N GLU A 55 6.45 -14.44 -7.56
CA GLU A 55 6.86 -15.59 -6.79
C GLU A 55 8.26 -16.04 -7.21
N GLY A 56 8.90 -16.79 -6.33
CA GLY A 56 10.25 -17.29 -6.60
C GLY A 56 10.26 -18.81 -6.65
N THR A 57 10.52 -19.41 -5.49
CA THR A 57 10.57 -20.86 -5.39
C THR A 57 9.48 -21.36 -4.44
N GLY A 58 8.93 -22.52 -4.78
CA GLY A 58 7.88 -23.12 -3.98
C GLY A 58 8.40 -24.35 -3.23
N GLY A 59 8.69 -25.39 -4.00
CA GLY A 59 9.19 -26.63 -3.44
C GLY A 59 8.96 -27.80 -4.38
N SER A 60 9.83 -28.80 -4.26
CA SER A 60 9.74 -29.98 -5.10
C SER A 60 8.47 -30.76 -4.76
N GLY A 61 7.98 -31.49 -5.75
CA GLY A 61 6.78 -32.29 -5.57
C GLY A 61 7.12 -33.76 -5.30
N GLY A 62 6.73 -34.61 -6.23
CA GLY A 62 6.99 -36.03 -6.11
C GLY A 62 6.60 -36.78 -7.38
N GLY A 63 6.94 -38.05 -7.41
CA GLY A 63 6.64 -38.89 -8.56
C GLY A 63 6.69 -40.37 -8.20
N PRO A 64 6.44 -41.22 -9.23
CA PRO A 64 6.45 -42.66 -9.02
C PRO A 64 7.89 -43.19 -8.89
N HIS A 65 8.07 -44.10 -7.94
CA HIS A 65 9.38 -44.68 -7.71
C HIS A 65 9.74 -45.61 -8.87
N HIS A 66 8.94 -46.65 -9.02
CA HIS A 66 9.17 -47.61 -10.09
C HIS A 66 10.63 -48.06 -10.07
N HIS A 67 10.86 -49.17 -9.37
CA HIS A 67 12.21 -49.72 -9.26
C HIS A 67 12.40 -50.80 -10.32
N HIS A 68 11.50 -51.77 -10.31
CA HIS A 68 11.57 -52.87 -11.26
C HIS A 68 10.72 -54.04 -10.75
N GLN A 69 10.02 -54.67 -11.67
CA GLN A 69 9.18 -55.80 -11.34
C GLN A 69 10.03 -57.04 -11.06
N THR A 70 9.42 -58.03 -10.44
CA THR A 70 10.10 -59.25 -10.11
C THR A 70 10.56 -59.97 -11.38
N ARG A 71 11.30 -61.05 -11.19
CA ARG A 71 11.80 -61.83 -12.31
C ARG A 71 12.64 -63.01 -11.80
N GLY A 72 12.38 -64.17 -12.39
CA GLY A 72 13.11 -65.37 -12.01
C GLY A 72 12.81 -66.51 -13.00
N ALA A 73 13.70 -66.67 -13.96
CA ALA A 73 13.55 -67.71 -14.95
C ALA A 73 13.37 -69.05 -14.25
N TYR A 74 12.18 -69.62 -14.41
CA TYR A 74 11.87 -70.89 -13.80
C TYR A 74 11.88 -72.02 -14.85
N SER A 75 12.32 -73.19 -14.41
CA SER A 75 12.38 -74.34 -15.28
C SER A 75 13.48 -74.14 -16.33
N SER A 76 13.31 -73.10 -17.13
CA SER A 76 14.28 -72.79 -18.17
C SER A 76 15.71 -73.02 -17.64
N HIS A 77 16.50 -73.68 -18.47
CA HIS A 77 17.88 -73.97 -18.10
C HIS A 77 18.76 -73.88 -19.34
N ASP A 78 19.96 -73.35 -19.14
CA ASP A 78 20.92 -73.22 -20.23
C ASP A 78 20.22 -72.53 -21.41
N MET A 4 28.57 39.90 15.16
CA MET A 4 28.15 38.57 15.55
C MET A 4 27.74 37.74 14.33
N GLU A 5 28.67 36.91 13.88
CA GLU A 5 28.42 36.07 12.73
C GLU A 5 27.84 34.72 13.17
N VAL A 6 26.59 34.51 12.81
CA VAL A 6 25.91 33.27 13.16
C VAL A 6 25.98 32.30 11.99
N ALA A 7 25.94 31.01 12.32
CA ALA A 7 26.00 29.98 11.30
C ALA A 7 24.60 29.72 10.75
N MET A 8 24.56 29.05 9.62
CA MET A 8 23.29 28.73 8.98
C MET A 8 22.79 27.35 9.38
N VAL A 9 21.97 27.31 10.41
CA VAL A 9 21.42 26.06 10.91
C VAL A 9 20.28 25.61 9.99
N SER A 10 19.90 24.36 10.16
CA SER A 10 18.83 23.79 9.37
C SER A 10 17.52 23.81 10.16
N ALA A 11 16.41 23.83 9.43
CA ALA A 11 15.10 23.85 10.04
C ALA A 11 14.65 22.41 10.31
N GLU A 12 14.95 21.94 11.52
CA GLU A 12 14.58 20.58 11.90
C GLU A 12 13.05 20.43 11.91
N SER A 13 12.62 19.19 12.06
CA SER A 13 11.20 18.89 12.08
C SER A 13 10.81 18.30 13.44
N SER A 14 9.95 19.03 14.14
CA SER A 14 9.50 18.59 15.45
C SER A 14 10.70 18.41 16.39
N GLY A 15 10.90 19.39 17.25
CA GLY A 15 12.00 19.36 18.20
C GLY A 15 11.82 20.43 19.28
N CYS A 16 12.88 21.20 19.48
CA CYS A 16 12.86 22.26 20.47
C CYS A 16 13.84 23.34 20.03
N ASN A 17 13.54 23.95 18.90
CA ASN A 17 14.38 25.01 18.37
C ASN A 17 13.83 26.37 18.80
N SER A 18 13.09 26.35 19.90
CA SER A 18 12.50 27.57 20.41
C SER A 18 11.47 28.12 19.43
N HIS A 19 10.22 27.73 19.65
CA HIS A 19 9.13 28.16 18.79
C HIS A 19 9.41 27.73 17.35
N MET A 20 9.03 26.50 17.05
CA MET A 20 9.23 25.96 15.73
C MET A 20 8.94 27.01 14.64
N PRO A 21 9.59 26.81 13.47
CA PRO A 21 9.42 27.73 12.35
C PRO A 21 8.05 27.53 11.68
N TYR A 22 7.64 28.55 10.94
CA TYR A 22 6.36 28.50 10.25
C TYR A 22 6.43 27.57 9.03
N GLY A 23 5.52 26.62 9.00
CA GLY A 23 5.46 25.66 7.91
C GLY A 23 4.08 25.03 7.80
N TYR A 24 4.00 23.77 8.22
CA TYR A 24 2.75 23.05 8.17
C TYR A 24 1.94 23.25 9.46
N ALA A 25 2.03 24.47 9.99
CA ALA A 25 1.33 24.81 11.21
C ALA A 25 -0.18 24.81 10.94
N ALA A 26 -0.54 25.43 9.82
CA ALA A 26 -1.94 25.52 9.43
C ALA A 26 -2.30 24.31 8.58
N GLN A 27 -1.43 23.30 8.63
CA GLN A 27 -1.66 22.09 7.87
C GLN A 27 -2.46 21.07 8.68
N ALA A 28 -2.76 21.47 9.92
CA ALA A 28 -3.52 20.61 10.80
C ALA A 28 -4.89 20.33 10.19
N ARG A 29 -5.28 21.19 9.26
CA ARG A 29 -6.56 21.04 8.58
C ARG A 29 -6.51 19.85 7.61
N ALA A 30 -5.32 19.63 7.07
CA ALA A 30 -5.13 18.53 6.13
C ALA A 30 -5.22 17.20 6.88
N ARG A 31 -4.83 17.23 8.14
CA ARG A 31 -4.87 16.04 8.97
C ARG A 31 -6.31 15.54 9.12
N GLU A 32 -7.23 16.49 9.08
CA GLU A 32 -8.64 16.17 9.22
C GLU A 32 -9.20 15.69 7.88
N ARG A 33 -8.56 16.13 6.81
CA ARG A 33 -8.97 15.76 5.46
C ARG A 33 -8.26 14.48 5.03
N GLU A 34 -7.08 14.29 5.57
CA GLU A 34 -6.28 13.10 5.24
C GLU A 34 -6.60 11.97 6.21
N ARG A 35 -7.69 12.14 6.94
CA ARG A 35 -8.12 11.14 7.90
C ARG A 35 -8.37 9.80 7.20
N LEU A 36 -8.78 9.89 5.95
CA LEU A 36 -9.05 8.70 5.17
C LEU A 36 -7.78 8.27 4.44
N ALA A 37 -6.81 9.16 4.43
CA ALA A 37 -5.53 8.89 3.78
C ALA A 37 -4.65 8.09 4.73
N HIS A 38 -5.22 7.73 5.87
CA HIS A 38 -4.49 6.96 6.87
C HIS A 38 -4.71 5.47 6.62
N SER A 39 -5.66 5.17 5.76
CA SER A 39 -5.97 3.79 5.41
C SER A 39 -5.12 3.35 4.22
N ARG A 40 -4.63 4.33 3.48
CA ARG A 40 -3.81 4.05 2.32
C ARG A 40 -2.33 3.98 2.71
N ALA A 41 -2.10 3.92 4.02
CA ALA A 41 -0.74 3.85 4.54
C ALA A 41 -0.24 2.41 4.44
N ALA A 42 -0.96 1.52 5.12
CA ALA A 42 -0.60 0.11 5.12
C ALA A 42 -0.55 -0.40 3.67
N ALA A 43 0.24 -1.44 3.47
CA ALA A 43 0.40 -2.02 2.15
C ALA A 43 -0.70 -3.07 1.94
N ALA A 44 -0.62 -4.14 2.73
CA ALA A 44 -1.59 -5.21 2.65
C ALA A 44 -1.39 -5.96 1.33
N ALA A 45 -0.16 -6.46 1.15
CA ALA A 45 0.17 -7.20 -0.05
C ALA A 45 0.37 -8.67 0.30
N ALA A 46 1.36 -8.92 1.14
CA ALA A 46 1.66 -10.27 1.57
C ALA A 46 0.37 -10.97 2.00
N VAL A 47 -0.60 -10.16 2.38
CA VAL A 47 -1.89 -10.68 2.81
C VAL A 47 -2.86 -10.66 1.64
N ALA A 48 -2.67 -9.68 0.77
CA ALA A 48 -3.52 -9.55 -0.40
C ALA A 48 -3.82 -10.94 -0.98
N ALA A 49 -2.75 -11.62 -1.37
CA ALA A 49 -2.88 -12.95 -1.94
C ALA A 49 -3.58 -13.86 -0.93
N ALA A 50 -3.10 -13.82 0.31
CA ALA A 50 -3.66 -14.63 1.36
C ALA A 50 -5.14 -14.28 1.53
N THR A 51 -5.77 -14.96 2.48
CA THR A 51 -7.18 -14.75 2.75
C THR A 51 -8.01 -14.98 1.48
N ALA A 52 -8.46 -16.21 1.33
CA ALA A 52 -9.26 -16.57 0.17
C ALA A 52 -10.39 -15.55 -0.01
N ALA A 53 -10.73 -14.90 1.09
CA ALA A 53 -11.78 -13.90 1.07
C ALA A 53 -11.19 -12.55 0.64
N VAL A 54 -10.45 -12.59 -0.47
CA VAL A 54 -9.83 -11.39 -0.99
C VAL A 54 -9.74 -11.49 -2.51
N GLU A 55 -10.91 -11.55 -3.14
CA GLU A 55 -10.97 -11.65 -4.59
C GLU A 55 -11.16 -10.26 -5.21
N GLY A 56 -10.88 -10.19 -6.50
CA GLY A 56 -11.02 -8.94 -7.22
C GLY A 56 -10.43 -9.05 -8.63
N THR A 57 -10.98 -9.98 -9.39
CA THR A 57 -10.52 -10.20 -10.75
C THR A 57 -8.99 -10.17 -10.81
N GLY A 58 -8.40 -11.26 -10.36
CA GLY A 58 -6.94 -11.38 -10.36
C GLY A 58 -6.51 -12.85 -10.41
N GLY A 59 -5.25 -13.04 -10.76
CA GLY A 59 -4.70 -14.38 -10.86
C GLY A 59 -3.40 -14.38 -11.67
N SER A 60 -2.40 -15.07 -11.14
CA SER A 60 -1.11 -15.17 -11.79
C SER A 60 -0.88 -16.59 -12.30
N GLY A 61 0.07 -16.71 -13.21
CA GLY A 61 0.40 -18.00 -13.78
C GLY A 61 1.91 -18.27 -13.72
N GLY A 62 2.42 -18.85 -14.80
CA GLY A 62 3.84 -19.16 -14.88
C GLY A 62 4.08 -20.38 -15.77
N GLY A 63 4.38 -20.09 -17.03
CA GLY A 63 4.64 -21.15 -17.99
C GLY A 63 4.47 -20.64 -19.43
N PRO A 64 5.61 -20.19 -20.02
CA PRO A 64 5.59 -19.67 -21.38
C PRO A 64 5.48 -20.81 -22.39
N HIS A 65 4.59 -20.61 -23.36
CA HIS A 65 4.38 -21.61 -24.39
C HIS A 65 5.39 -21.40 -25.52
N HIS A 66 5.30 -20.23 -26.15
CA HIS A 66 6.19 -19.90 -27.25
C HIS A 66 7.60 -20.41 -26.92
N HIS A 67 8.11 -21.28 -27.79
CA HIS A 67 9.44 -21.83 -27.61
C HIS A 67 10.22 -21.73 -28.91
N HIS A 68 9.70 -22.41 -29.94
CA HIS A 68 10.33 -22.41 -31.24
C HIS A 68 10.89 -21.01 -31.54
N GLN A 69 11.98 -20.99 -32.29
CA GLN A 69 12.62 -19.73 -32.66
C GLN A 69 11.68 -18.91 -33.54
N THR A 70 12.08 -17.66 -33.76
CA THR A 70 11.29 -16.75 -34.58
C THR A 70 11.02 -17.38 -35.95
N ARG A 71 10.01 -16.85 -36.62
CA ARG A 71 9.64 -17.35 -37.94
C ARG A 71 9.20 -18.82 -37.85
N GLY A 72 7.89 -19.01 -37.85
CA GLY A 72 7.34 -20.35 -37.78
C GLY A 72 5.98 -20.41 -38.46
N ALA A 73 6.01 -20.36 -39.78
CA ALA A 73 4.78 -20.41 -40.56
C ALA A 73 5.08 -21.05 -41.93
N TYR A 74 4.23 -22.00 -42.29
CA TYR A 74 4.38 -22.69 -43.56
C TYR A 74 3.61 -21.97 -44.67
N SER A 75 4.27 -21.83 -45.81
CA SER A 75 3.66 -21.17 -46.95
C SER A 75 3.38 -22.20 -48.06
N SER A 76 2.10 -22.49 -48.24
CA SER A 76 1.68 -23.45 -49.24
C SER A 76 0.20 -23.26 -49.56
N HIS A 77 -0.07 -22.31 -50.44
CA HIS A 77 -1.43 -22.02 -50.84
C HIS A 77 -1.44 -21.09 -52.06
N ASP A 78 -2.44 -21.27 -52.90
CA ASP A 78 -2.57 -20.46 -54.10
C ASP A 78 -1.20 -20.31 -54.76
N MET A 4 38.78 -5.73 14.71
CA MET A 4 37.68 -6.45 15.34
C MET A 4 36.33 -5.86 14.92
N GLU A 5 35.27 -6.57 15.29
CA GLU A 5 33.92 -6.14 14.95
C GLU A 5 33.51 -4.95 15.82
N VAL A 6 33.60 -3.78 15.23
CA VAL A 6 33.25 -2.55 15.92
C VAL A 6 31.75 -2.56 16.23
N ALA A 7 31.37 -1.72 17.19
CA ALA A 7 29.97 -1.63 17.58
C ALA A 7 29.18 -0.91 16.48
N MET A 8 28.15 -1.60 16.00
CA MET A 8 27.32 -1.05 14.95
C MET A 8 26.31 -0.05 15.52
N VAL A 9 26.61 1.23 15.31
CA VAL A 9 25.75 2.29 15.79
C VAL A 9 25.09 2.99 14.61
N SER A 10 24.01 3.69 14.90
CA SER A 10 23.28 4.41 13.87
C SER A 10 24.06 5.66 13.45
N ALA A 11 24.82 5.49 12.37
CA ALA A 11 25.63 6.59 11.85
C ALA A 11 24.72 7.57 11.12
N GLU A 12 24.16 8.50 11.88
CA GLU A 12 23.28 9.50 11.31
C GLU A 12 23.15 10.70 12.26
N SER A 13 22.56 11.77 11.75
CA SER A 13 22.37 12.98 12.54
C SER A 13 21.25 12.77 13.56
N SER A 14 21.55 13.12 14.79
CA SER A 14 20.58 12.97 15.86
C SER A 14 19.57 14.12 15.82
N GLY A 15 18.30 13.74 15.70
CA GLY A 15 17.22 14.72 15.64
C GLY A 15 16.41 14.56 14.34
N CYS A 16 16.63 15.51 13.44
CA CYS A 16 15.92 15.48 12.17
C CYS A 16 14.45 15.15 12.43
N ASN A 17 13.81 16.00 13.22
CA ASN A 17 12.42 15.80 13.55
C ASN A 17 11.55 16.71 12.67
N SER A 18 12.10 17.06 11.52
CA SER A 18 11.39 17.91 10.58
C SER A 18 11.13 19.28 11.22
N HIS A 19 12.15 20.13 11.17
CA HIS A 19 12.04 21.46 11.73
C HIS A 19 11.55 22.43 10.66
N MET A 20 10.61 21.96 9.86
CA MET A 20 10.05 22.77 8.79
C MET A 20 9.84 24.21 9.25
N PRO A 21 9.72 25.14 8.26
CA PRO A 21 9.52 26.54 8.55
C PRO A 21 8.07 26.80 9.02
N TYR A 22 7.70 28.07 8.99
CA TYR A 22 6.36 28.47 9.39
C TYR A 22 5.34 28.14 8.31
N GLY A 23 4.17 27.72 8.75
CA GLY A 23 3.10 27.37 7.83
C GLY A 23 2.50 26.00 8.17
N TYR A 24 3.11 25.36 9.16
CA TYR A 24 2.65 24.05 9.59
C TYR A 24 1.33 24.15 10.36
N ALA A 25 1.10 25.34 10.90
CA ALA A 25 -0.12 25.58 11.66
C ALA A 25 -1.33 25.55 10.72
N ALA A 26 -1.06 25.88 9.46
CA ALA A 26 -2.10 25.90 8.45
C ALA A 26 -2.22 24.50 7.83
N GLN A 27 -1.34 23.61 8.27
CA GLN A 27 -1.34 22.25 7.77
C GLN A 27 -2.26 21.37 8.62
N ALA A 28 -2.85 21.97 9.64
CA ALA A 28 -3.74 21.27 10.53
C ALA A 28 -4.93 20.74 9.72
N ARG A 29 -5.14 21.35 8.56
CA ARG A 29 -6.23 20.95 7.69
C ARG A 29 -5.93 19.59 7.04
N ALA A 30 -4.65 19.36 6.81
CA ALA A 30 -4.21 18.12 6.21
C ALA A 30 -4.41 16.97 7.19
N ARG A 31 -4.30 17.30 8.47
CA ARG A 31 -4.47 16.30 9.52
C ARG A 31 -5.88 15.73 9.47
N GLU A 32 -6.82 16.57 9.04
CA GLU A 32 -8.21 16.15 8.95
C GLU A 32 -8.44 15.36 7.67
N ARG A 33 -7.60 15.63 6.69
CA ARG A 33 -7.70 14.94 5.41
C ARG A 33 -6.86 13.67 5.42
N GLU A 34 -5.81 13.69 6.21
CA GLU A 34 -4.92 12.54 6.32
C GLU A 34 -5.62 11.40 7.04
N ARG A 35 -6.67 11.75 7.77
CA ARG A 35 -7.43 10.75 8.51
C ARG A 35 -8.04 9.73 7.54
N LEU A 36 -8.32 10.19 6.33
CA LEU A 36 -8.89 9.33 5.32
C LEU A 36 -7.77 8.65 4.53
N ALA A 37 -6.57 9.18 4.71
CA ALA A 37 -5.40 8.63 4.02
C ALA A 37 -4.89 7.41 4.79
N HIS A 38 -5.62 7.05 5.83
CA HIS A 38 -5.26 5.91 6.66
C HIS A 38 -5.91 4.65 6.10
N SER A 39 -6.83 4.85 5.19
CA SER A 39 -7.54 3.74 4.57
C SER A 39 -6.80 3.28 3.31
N ARG A 40 -5.96 4.17 2.80
CA ARG A 40 -5.19 3.88 1.61
C ARG A 40 -3.84 3.25 1.99
N ALA A 41 -3.74 2.88 3.25
CA ALA A 41 -2.52 2.26 3.76
C ALA A 41 -2.23 0.99 2.97
N ALA A 42 -3.24 0.14 2.89
CA ALA A 42 -3.10 -1.12 2.18
C ALA A 42 -3.47 -0.90 0.70
N ALA A 43 -2.56 -0.27 -0.02
CA ALA A 43 -2.77 0.01 -1.43
C ALA A 43 -2.29 -1.20 -2.25
N ALA A 44 -1.00 -1.46 -2.18
CA ALA A 44 -0.41 -2.57 -2.91
C ALA A 44 -0.78 -2.45 -4.39
N ALA A 45 -0.45 -1.30 -4.95
CA ALA A 45 -0.73 -1.04 -6.36
C ALA A 45 0.52 -1.33 -7.19
N ALA A 46 1.59 -0.62 -6.86
CA ALA A 46 2.86 -0.80 -7.56
C ALA A 46 3.18 -2.29 -7.67
N VAL A 47 2.60 -3.05 -6.74
CA VAL A 47 2.82 -4.48 -6.71
C VAL A 47 1.66 -5.18 -7.42
N ALA A 48 0.49 -4.56 -7.33
CA ALA A 48 -0.70 -5.10 -7.97
C ALA A 48 -0.33 -5.67 -9.34
N ALA A 49 0.30 -4.82 -10.14
CA ALA A 49 0.71 -5.22 -11.47
C ALA A 49 1.79 -6.30 -11.37
N ALA A 50 2.83 -5.99 -10.63
CA ALA A 50 3.93 -6.93 -10.44
C ALA A 50 3.42 -8.16 -9.68
N THR A 51 4.36 -9.01 -9.31
CA THR A 51 4.02 -10.23 -8.58
C THR A 51 2.99 -11.04 -9.36
N ALA A 52 3.40 -11.49 -10.54
CA ALA A 52 2.53 -12.28 -11.39
C ALA A 52 1.89 -13.39 -10.56
N ALA A 53 0.72 -13.82 -11.00
CA ALA A 53 0.00 -14.87 -10.32
C ALA A 53 0.51 -16.23 -10.79
N VAL A 54 1.83 -16.38 -10.77
CA VAL A 54 2.45 -17.61 -11.20
C VAL A 54 3.57 -17.98 -10.23
N GLU A 55 3.20 -18.04 -8.95
CA GLU A 55 4.16 -18.38 -7.91
C GLU A 55 3.84 -19.75 -7.32
N GLY A 56 4.83 -20.32 -6.66
CA GLY A 56 4.67 -21.63 -6.04
C GLY A 56 6.03 -22.31 -5.82
N THR A 57 6.73 -22.52 -6.92
CA THR A 57 8.04 -23.15 -6.86
C THR A 57 7.93 -24.56 -6.27
N GLY A 58 8.76 -25.44 -6.79
CA GLY A 58 8.76 -26.83 -6.34
C GLY A 58 10.19 -27.33 -6.10
N GLY A 59 10.28 -28.58 -5.69
CA GLY A 59 11.57 -29.19 -5.42
C GLY A 59 11.64 -30.61 -5.98
N SER A 60 12.03 -31.53 -5.12
CA SER A 60 12.13 -32.93 -5.51
C SER A 60 13.18 -33.08 -6.62
N GLY A 61 13.92 -34.18 -6.56
CA GLY A 61 14.94 -34.45 -7.55
C GLY A 61 15.90 -35.55 -7.07
N GLY A 62 16.75 -36.00 -7.98
CA GLY A 62 17.71 -37.04 -7.66
C GLY A 62 18.63 -37.32 -8.85
N GLY A 63 19.25 -38.49 -8.80
CA GLY A 63 20.16 -38.89 -9.86
C GLY A 63 20.11 -40.40 -10.09
N PRO A 64 20.56 -40.82 -11.29
CA PRO A 64 20.58 -42.24 -11.64
C PRO A 64 21.72 -42.97 -10.92
N HIS A 65 21.41 -43.43 -9.72
CA HIS A 65 22.39 -44.15 -8.92
C HIS A 65 21.67 -44.95 -7.83
N HIS A 66 21.86 -46.26 -7.90
CA HIS A 66 21.24 -47.15 -6.93
C HIS A 66 21.83 -48.56 -7.08
N HIS A 67 21.60 -49.14 -8.25
CA HIS A 67 22.09 -50.47 -8.53
C HIS A 67 23.34 -50.38 -9.41
N HIS A 68 24.10 -51.47 -9.42
CA HIS A 68 25.32 -51.53 -10.21
C HIS A 68 26.21 -52.65 -9.70
N GLN A 69 25.95 -53.85 -10.20
CA GLN A 69 26.72 -55.02 -9.79
C GLN A 69 26.58 -56.13 -10.83
N THR A 70 27.28 -57.23 -10.58
CA THR A 70 27.24 -58.36 -11.49
C THR A 70 27.63 -59.64 -10.75
N ARG A 71 27.30 -60.77 -11.36
CA ARG A 71 27.61 -62.07 -10.78
C ARG A 71 27.10 -63.19 -11.68
N GLY A 72 28.05 -63.95 -12.22
CA GLY A 72 27.71 -65.06 -13.10
C GLY A 72 27.39 -66.32 -12.29
N ALA A 73 28.18 -67.35 -12.52
CA ALA A 73 28.00 -68.61 -11.82
C ALA A 73 29.17 -69.54 -12.14
N TYR A 74 29.60 -70.27 -11.12
CA TYR A 74 30.72 -71.19 -11.27
C TYR A 74 30.30 -72.41 -12.09
N SER A 75 31.31 -73.13 -12.56
CA SER A 75 31.06 -74.32 -13.36
C SER A 75 31.65 -75.55 -12.67
N SER A 76 30.96 -76.66 -12.82
CA SER A 76 31.41 -77.91 -12.22
C SER A 76 31.43 -77.77 -10.69
N HIS A 77 30.49 -78.46 -10.05
CA HIS A 77 30.39 -78.42 -8.61
C HIS A 77 31.06 -79.66 -8.02
N ASP A 78 31.81 -79.44 -6.94
CA ASP A 78 32.50 -80.54 -6.28
C ASP A 78 31.54 -81.72 -6.14
N MET A 4 1.24 -8.50 33.43
CA MET A 4 1.98 -7.70 34.39
C MET A 4 1.57 -6.23 34.31
N GLU A 5 0.80 -5.81 35.31
CA GLU A 5 0.33 -4.44 35.37
C GLU A 5 1.43 -3.52 35.90
N VAL A 6 2.12 -2.87 34.97
CA VAL A 6 3.19 -1.95 35.33
C VAL A 6 2.63 -0.54 35.48
N ALA A 7 3.36 0.26 36.24
CA ALA A 7 2.94 1.65 36.46
C ALA A 7 2.50 2.26 35.14
N MET A 8 1.63 3.27 35.26
CA MET A 8 1.12 3.95 34.08
C MET A 8 2.26 4.60 33.29
N VAL A 9 2.20 4.41 31.97
CA VAL A 9 3.21 4.98 31.10
C VAL A 9 2.66 6.23 30.44
N SER A 10 3.57 6.99 29.82
CA SER A 10 3.19 8.21 29.16
C SER A 10 2.71 9.24 30.18
N ALA A 11 3.53 10.27 30.38
CA ALA A 11 3.20 11.31 31.33
C ALA A 11 1.80 11.87 31.01
N GLU A 12 0.84 11.42 31.82
CA GLU A 12 -0.54 11.86 31.64
C GLU A 12 -0.58 13.34 31.28
N SER A 13 -1.70 13.74 30.70
CA SER A 13 -1.89 15.12 30.30
C SER A 13 -0.93 15.48 29.17
N SER A 14 -1.13 16.66 28.60
CA SER A 14 -0.29 17.13 27.51
C SER A 14 1.04 17.67 28.07
N GLY A 15 2.03 16.79 28.07
CA GLY A 15 3.35 17.17 28.56
C GLY A 15 4.16 17.87 27.48
N CYS A 16 4.76 17.06 26.61
CA CYS A 16 5.57 17.59 25.53
C CYS A 16 5.19 16.85 24.25
N ASN A 17 4.01 17.18 23.75
CA ASN A 17 3.52 16.56 22.52
C ASN A 17 3.81 17.48 21.34
N SER A 18 4.81 18.32 21.51
CA SER A 18 5.20 19.25 20.47
C SER A 18 4.13 20.34 20.32
N HIS A 19 4.43 21.48 20.92
CA HIS A 19 3.50 22.61 20.86
C HIS A 19 4.17 23.78 20.12
N MET A 20 4.55 23.49 18.89
CA MET A 20 5.19 24.51 18.06
C MET A 20 4.42 25.83 18.11
N PRO A 21 5.07 26.90 17.56
CA PRO A 21 4.46 28.21 17.55
C PRO A 21 3.35 28.30 16.49
N TYR A 22 2.72 29.45 16.44
CA TYR A 22 1.64 29.68 15.49
C TYR A 22 2.10 29.34 14.06
N GLY A 23 1.16 29.45 13.14
CA GLY A 23 1.45 29.16 11.74
C GLY A 23 1.36 27.65 11.46
N TYR A 24 1.12 26.91 12.54
CA TYR A 24 1.02 25.46 12.42
C TYR A 24 -0.35 25.05 11.87
N ALA A 25 -1.16 26.06 11.60
CA ALA A 25 -2.50 25.81 11.06
C ALA A 25 -2.44 25.75 9.54
N ALA A 26 -1.22 25.60 9.04
CA ALA A 26 -1.01 25.52 7.60
C ALA A 26 -1.44 24.15 7.09
N GLN A 27 -0.46 23.27 6.93
CA GLN A 27 -0.73 21.93 6.46
C GLN A 27 -1.48 21.13 7.53
N ALA A 28 -1.62 21.75 8.69
CA ALA A 28 -2.32 21.11 9.79
C ALA A 28 -3.69 20.62 9.32
N ARG A 29 -4.15 21.22 8.24
CA ARG A 29 -5.44 20.86 7.67
C ARG A 29 -5.36 19.48 7.02
N ALA A 30 -4.17 19.17 6.51
CA ALA A 30 -3.95 17.89 5.85
C ALA A 30 -3.98 16.78 6.91
N ARG A 31 -3.55 17.13 8.11
CA ARG A 31 -3.51 16.19 9.20
C ARG A 31 -4.93 15.69 9.51
N GLU A 32 -5.89 16.56 9.28
CA GLU A 32 -7.29 16.22 9.53
C GLU A 32 -7.85 15.40 8.37
N ARG A 33 -7.24 15.60 7.20
CA ARG A 33 -7.68 14.88 6.01
C ARG A 33 -6.92 13.56 5.88
N GLU A 34 -5.70 13.55 6.41
CA GLU A 34 -4.87 12.36 6.36
C GLU A 34 -5.55 11.21 7.09
N ARG A 35 -6.48 11.57 7.97
CA ARG A 35 -7.20 10.58 8.75
C ARG A 35 -7.96 9.63 7.81
N LEU A 36 -8.34 10.16 6.66
CA LEU A 36 -9.07 9.37 5.68
C LEU A 36 -8.08 8.68 4.74
N ALA A 37 -6.83 9.15 4.81
CA ALA A 37 -5.78 8.59 3.98
C ALA A 37 -5.24 7.32 4.62
N HIS A 38 -5.88 6.94 5.71
CA HIS A 38 -5.47 5.74 6.44
C HIS A 38 -6.25 4.53 5.91
N SER A 39 -7.26 4.83 5.12
CA SER A 39 -8.08 3.77 4.52
C SER A 39 -7.49 3.35 3.18
N ARG A 40 -6.69 4.23 2.61
CA ARG A 40 -6.07 3.96 1.32
C ARG A 40 -4.72 3.25 1.53
N ALA A 41 -4.50 2.81 2.75
CA ALA A 41 -3.27 2.12 3.09
C ALA A 41 -3.41 0.63 2.75
N ALA A 42 -4.41 0.00 3.35
CA ALA A 42 -4.66 -1.41 3.12
C ALA A 42 -4.64 -1.68 1.61
N ALA A 43 -4.70 -2.96 1.27
CA ALA A 43 -4.69 -3.37 -0.12
C ALA A 43 -6.11 -3.35 -0.67
N ALA A 44 -6.73 -2.17 -0.59
CA ALA A 44 -8.08 -2.01 -1.07
C ALA A 44 -9.04 -2.75 -0.14
N ALA A 45 -8.95 -2.42 1.13
CA ALA A 45 -9.81 -3.05 2.13
C ALA A 45 -11.02 -2.16 2.39
N ALA A 46 -10.74 -0.94 2.81
CA ALA A 46 -11.80 0.02 3.09
C ALA A 46 -12.79 0.04 1.93
N VAL A 47 -12.30 -0.37 0.77
CA VAL A 47 -13.14 -0.40 -0.42
C VAL A 47 -13.69 -1.81 -0.61
N ALA A 48 -12.91 -2.78 -0.17
CA ALA A 48 -13.30 -4.18 -0.28
C ALA A 48 -14.78 -4.31 0.07
N ALA A 49 -15.17 -3.61 1.13
CA ALA A 49 -16.55 -3.65 1.59
C ALA A 49 -17.42 -2.84 0.62
N ALA A 50 -16.91 -1.68 0.24
CA ALA A 50 -17.63 -0.82 -0.67
C ALA A 50 -17.70 -1.48 -2.06
N THR A 51 -17.93 -0.66 -3.06
CA THR A 51 -18.01 -1.16 -4.42
C THR A 51 -17.03 -2.31 -4.65
N ALA A 52 -17.57 -3.41 -5.17
CA ALA A 52 -16.74 -4.58 -5.43
C ALA A 52 -15.39 -4.14 -6.00
N ALA A 53 -14.37 -4.91 -5.67
CA ALA A 53 -13.02 -4.61 -6.13
C ALA A 53 -12.83 -5.20 -7.52
N VAL A 54 -13.78 -4.90 -8.40
CA VAL A 54 -13.73 -5.40 -9.77
C VAL A 54 -13.89 -4.23 -10.73
N GLU A 55 -13.06 -3.21 -10.53
CA GLU A 55 -13.11 -2.02 -11.36
C GLU A 55 -12.20 -2.21 -12.58
N GLY A 56 -12.32 -1.28 -13.52
CA GLY A 56 -11.52 -1.33 -14.73
C GLY A 56 -12.40 -1.23 -15.97
N THR A 57 -12.64 0.00 -16.39
CA THR A 57 -13.47 0.25 -17.57
C THR A 57 -12.77 -0.27 -18.82
N GLY A 58 -13.41 -1.22 -19.49
CA GLY A 58 -12.86 -1.79 -20.70
C GLY A 58 -13.92 -2.58 -21.46
N GLY A 59 -13.59 -2.91 -22.71
CA GLY A 59 -14.50 -3.66 -23.55
C GLY A 59 -13.81 -4.86 -24.19
N SER A 60 -14.62 -5.77 -24.69
CA SER A 60 -14.09 -6.97 -25.32
C SER A 60 -14.98 -7.37 -26.52
N GLY A 61 -14.40 -8.18 -27.39
CA GLY A 61 -15.12 -8.64 -28.57
C GLY A 61 -14.17 -8.92 -29.73
N GLY A 62 -14.73 -9.37 -30.82
CA GLY A 62 -13.94 -9.69 -32.00
C GLY A 62 -14.66 -10.70 -32.90
N GLY A 63 -14.27 -10.72 -34.16
CA GLY A 63 -14.86 -11.64 -35.11
C GLY A 63 -13.87 -11.98 -36.23
N PRO A 64 -13.15 -13.11 -36.03
CA PRO A 64 -12.17 -13.56 -37.01
C PRO A 64 -12.86 -14.18 -38.23
N HIS A 65 -12.05 -14.53 -39.21
CA HIS A 65 -12.56 -15.13 -40.43
C HIS A 65 -11.39 -15.60 -41.29
N HIS A 66 -10.49 -14.68 -41.59
CA HIS A 66 -9.33 -14.99 -42.40
C HIS A 66 -8.79 -16.36 -42.02
N HIS A 67 -8.78 -17.25 -43.01
CA HIS A 67 -8.30 -18.60 -42.79
C HIS A 67 -8.31 -19.37 -44.11
N HIS A 68 -7.15 -19.42 -44.75
CA HIS A 68 -7.02 -20.12 -46.01
C HIS A 68 -5.76 -19.64 -46.73
N GLN A 69 -4.80 -20.54 -46.86
CA GLN A 69 -3.55 -20.23 -47.52
C GLN A 69 -3.24 -21.27 -48.60
N THR A 70 -2.17 -21.01 -49.33
CA THR A 70 -1.75 -21.91 -50.40
C THR A 70 -1.63 -23.35 -49.87
N ARG A 71 -1.66 -24.29 -50.80
CA ARG A 71 -1.56 -25.69 -50.44
C ARG A 71 -1.57 -26.56 -51.70
N GLY A 72 -0.56 -27.42 -51.81
CA GLY A 72 -0.45 -28.30 -52.95
C GLY A 72 0.90 -28.12 -53.66
N ALA A 73 1.65 -29.20 -53.73
CA ALA A 73 2.95 -29.17 -54.37
C ALA A 73 3.40 -30.60 -54.67
N TYR A 74 4.04 -30.76 -55.82
CA TYR A 74 4.53 -32.06 -56.24
C TYR A 74 5.88 -31.94 -56.94
N SER A 75 6.89 -32.54 -56.32
CA SER A 75 8.23 -32.50 -56.87
C SER A 75 8.96 -33.81 -56.54
N SER A 76 9.35 -34.51 -57.59
CA SER A 76 10.06 -35.77 -57.43
C SER A 76 10.78 -36.14 -58.72
N HIS A 77 12.06 -36.46 -58.58
CA HIS A 77 12.87 -36.82 -59.74
C HIS A 77 14.12 -37.56 -59.27
N ASP A 78 14.25 -38.80 -59.72
CA ASP A 78 15.39 -39.62 -59.35
C ASP A 78 16.64 -39.06 -60.02
N MET A 4 -16.06 34.38 40.49
CA MET A 4 -15.49 33.14 40.96
C MET A 4 -16.17 31.93 40.32
N GLU A 5 -15.49 31.37 39.33
CA GLU A 5 -16.03 30.21 38.62
C GLU A 5 -15.51 28.92 39.25
N VAL A 6 -16.21 27.84 38.95
CA VAL A 6 -15.83 26.53 39.48
C VAL A 6 -14.42 26.19 39.00
N ALA A 7 -13.81 25.25 39.71
CA ALA A 7 -12.46 24.82 39.37
C ALA A 7 -12.32 24.73 37.86
N MET A 8 -11.11 24.97 37.39
CA MET A 8 -10.82 24.93 35.96
C MET A 8 -10.54 23.49 35.50
N VAL A 9 -11.43 23.00 34.65
CA VAL A 9 -11.29 21.65 34.13
C VAL A 9 -10.11 21.60 33.16
N SER A 10 -9.62 20.39 32.95
CA SER A 10 -8.49 20.19 32.05
C SER A 10 -7.27 20.95 32.56
N ALA A 11 -6.19 20.20 32.75
CA ALA A 11 -4.95 20.79 33.23
C ALA A 11 -4.12 21.28 32.05
N GLU A 12 -4.15 22.59 31.85
CA GLU A 12 -3.40 23.19 30.76
C GLU A 12 -3.22 24.69 31.00
N SER A 13 -2.27 25.27 30.28
CA SER A 13 -1.99 26.69 30.42
C SER A 13 -1.32 27.20 29.14
N SER A 14 -1.53 28.49 28.88
CA SER A 14 -0.96 29.12 27.69
C SER A 14 -1.44 28.39 26.44
N GLY A 15 -1.16 29.02 25.30
CA GLY A 15 -1.56 28.44 24.03
C GLY A 15 -0.34 28.25 23.11
N CYS A 16 -0.61 28.25 21.82
CA CYS A 16 0.45 28.07 20.84
C CYS A 16 1.35 26.92 21.29
N ASN A 17 0.74 25.75 21.40
CA ASN A 17 1.46 24.56 21.82
C ASN A 17 1.69 23.65 20.62
N SER A 18 1.67 24.25 19.44
CA SER A 18 1.88 23.51 18.22
C SER A 18 2.74 24.33 17.24
N HIS A 19 4.05 24.23 17.44
CA HIS A 19 4.99 24.94 16.61
C HIS A 19 4.76 26.44 16.74
N MET A 20 5.39 27.03 17.75
CA MET A 20 5.26 28.45 18.00
C MET A 20 5.36 29.24 16.69
N PRO A 21 6.44 28.95 15.92
CA PRO A 21 6.67 29.63 14.65
C PRO A 21 5.71 29.11 13.58
N TYR A 22 5.66 29.83 12.48
CA TYR A 22 4.81 29.45 11.36
C TYR A 22 5.33 28.20 10.67
N GLY A 23 4.50 27.16 10.66
CA GLY A 23 4.88 25.91 10.03
C GLY A 23 3.64 25.08 9.69
N TYR A 24 3.43 24.03 10.47
CA TYR A 24 2.29 23.15 10.26
C TYR A 24 1.04 23.71 10.94
N ALA A 25 0.82 25.00 10.76
CA ALA A 25 -0.33 25.67 11.34
C ALA A 25 -1.53 25.55 10.38
N ALA A 26 -1.34 26.07 9.19
CA ALA A 26 -2.38 26.03 8.17
C ALA A 26 -2.46 24.63 7.58
N GLN A 27 -1.52 23.79 8.00
CA GLN A 27 -1.47 22.41 7.52
C GLN A 27 -2.34 21.52 8.40
N ALA A 28 -2.92 22.13 9.42
CA ALA A 28 -3.77 21.38 10.34
C ALA A 28 -4.96 20.80 9.57
N ARG A 29 -5.21 21.38 8.41
CA ARG A 29 -6.31 20.92 7.57
C ARG A 29 -5.96 19.57 6.93
N ALA A 30 -4.67 19.38 6.69
CA ALA A 30 -4.20 18.15 6.08
C ALA A 30 -4.34 17.01 7.09
N ARG A 31 -4.21 17.37 8.36
CA ARG A 31 -4.32 16.39 9.43
C ARG A 31 -5.72 15.75 9.43
N GLU A 32 -6.69 16.55 9.01
CA GLU A 32 -8.07 16.08 8.95
C GLU A 32 -8.30 15.26 7.68
N ARG A 33 -7.48 15.54 6.67
CA ARG A 33 -7.58 14.83 5.41
C ARG A 33 -6.69 13.59 5.43
N GLU A 34 -5.62 13.67 6.20
CA GLU A 34 -4.69 12.56 6.30
C GLU A 34 -5.32 11.41 7.08
N ARG A 35 -6.25 11.77 7.96
CA ARG A 35 -6.93 10.78 8.77
C ARG A 35 -7.67 9.77 7.88
N LEU A 36 -8.09 10.25 6.73
CA LEU A 36 -8.81 9.42 5.77
C LEU A 36 -7.80 8.76 4.83
N ALA A 37 -6.59 9.29 4.85
CA ALA A 37 -5.52 8.76 4.00
C ALA A 37 -4.91 7.53 4.66
N HIS A 38 -5.50 7.13 5.79
CA HIS A 38 -5.02 5.98 6.52
C HIS A 38 -5.74 4.73 6.02
N SER A 39 -6.80 4.95 5.25
CA SER A 39 -7.58 3.85 4.71
C SER A 39 -7.01 3.43 3.35
N ARG A 40 -6.25 4.33 2.75
CA ARG A 40 -5.65 4.07 1.45
C ARG A 40 -4.27 3.43 1.64
N ALA A 41 -3.99 3.02 2.87
CA ALA A 41 -2.72 2.41 3.18
C ALA A 41 -2.55 1.14 2.34
N ALA A 42 -3.53 0.25 2.47
CA ALA A 42 -3.49 -1.00 1.73
C ALA A 42 -3.29 -0.70 0.24
N ALA A 43 -3.26 -1.76 -0.55
CA ALA A 43 -3.07 -1.63 -1.98
C ALA A 43 -4.42 -1.39 -2.65
N ALA A 44 -5.09 -0.34 -2.19
CA ALA A 44 -6.40 0.01 -2.73
C ALA A 44 -7.41 -1.07 -2.37
N ALA A 45 -7.65 -1.20 -1.07
CA ALA A 45 -8.59 -2.20 -0.59
C ALA A 45 -9.83 -1.50 -0.04
N ALA A 46 -9.62 -0.73 1.02
CA ALA A 46 -10.71 0.00 1.64
C ALA A 46 -11.51 0.74 0.56
N VAL A 47 -10.84 0.99 -0.55
CA VAL A 47 -11.47 1.68 -1.66
C VAL A 47 -12.01 0.65 -2.65
N ALA A 48 -11.31 -0.47 -2.73
CA ALA A 48 -11.71 -1.54 -3.64
C ALA A 48 -13.23 -1.68 -3.62
N ALA A 49 -13.75 -2.02 -2.45
CA ALA A 49 -15.19 -2.19 -2.29
C ALA A 49 -15.90 -0.90 -2.71
N ALA A 50 -15.49 0.19 -2.09
CA ALA A 50 -16.07 1.49 -2.39
C ALA A 50 -15.78 1.86 -3.84
N THR A 51 -15.97 3.13 -4.15
CA THR A 51 -15.72 3.62 -5.49
C THR A 51 -16.34 5.00 -5.68
N ALA A 52 -16.00 5.62 -6.80
CA ALA A 52 -16.52 6.95 -7.11
C ALA A 52 -18.03 6.97 -6.86
N ALA A 53 -18.63 5.81 -7.00
CA ALA A 53 -20.06 5.68 -6.80
C ALA A 53 -20.35 5.49 -5.30
N VAL A 54 -19.76 6.37 -4.50
CA VAL A 54 -19.94 6.30 -3.06
C VAL A 54 -19.70 7.68 -2.46
N GLU A 55 -20.52 8.63 -2.88
CA GLU A 55 -20.40 9.99 -2.39
C GLU A 55 -21.74 10.49 -1.87
N GLY A 56 -21.69 11.60 -1.14
CA GLY A 56 -22.90 12.18 -0.59
C GLY A 56 -23.33 13.41 -1.37
N THR A 57 -22.65 14.52 -1.10
CA THR A 57 -22.95 15.77 -1.79
C THR A 57 -22.34 15.77 -3.19
N GLY A 58 -23.00 16.52 -4.07
CA GLY A 58 -22.54 16.62 -5.45
C GLY A 58 -22.62 18.06 -5.96
N GLY A 59 -23.26 18.21 -7.10
CA GLY A 59 -23.42 19.52 -7.71
C GLY A 59 -24.27 19.45 -8.98
N SER A 60 -25.56 19.61 -8.81
CA SER A 60 -26.49 19.55 -9.92
C SER A 60 -27.46 20.73 -9.86
N GLY A 61 -28.08 21.02 -10.99
CA GLY A 61 -29.02 22.12 -11.07
C GLY A 61 -30.41 21.61 -11.51
N GLY A 62 -30.68 21.77 -12.79
CA GLY A 62 -31.95 21.33 -13.34
C GLY A 62 -31.75 20.56 -14.66
N GLY A 63 -31.67 19.25 -14.53
CA GLY A 63 -31.48 18.41 -15.70
C GLY A 63 -32.82 18.02 -16.32
N PRO A 64 -32.76 17.06 -17.29
CA PRO A 64 -33.95 16.60 -17.97
C PRO A 64 -34.78 15.68 -17.07
N HIS A 65 -36.04 15.53 -17.42
CA HIS A 65 -36.93 14.68 -16.66
C HIS A 65 -38.03 14.13 -17.58
N HIS A 66 -38.81 15.05 -18.13
CA HIS A 66 -39.89 14.69 -19.02
C HIS A 66 -40.44 15.94 -19.70
N HIS A 67 -39.79 16.31 -20.80
CA HIS A 67 -40.20 17.47 -21.56
C HIS A 67 -41.00 17.04 -22.79
N HIS A 68 -41.49 18.03 -23.52
CA HIS A 68 -42.27 17.77 -24.72
C HIS A 68 -43.08 19.00 -25.09
N GLN A 69 -42.89 19.45 -26.32
CA GLN A 69 -43.59 20.62 -26.81
C GLN A 69 -45.10 20.45 -26.63
N THR A 70 -45.82 21.53 -26.86
CA THR A 70 -47.27 21.52 -26.72
C THR A 70 -47.87 20.44 -27.63
N ARG A 71 -49.16 20.58 -27.88
CA ARG A 71 -49.88 19.63 -28.71
C ARG A 71 -49.80 18.23 -28.11
N GLY A 72 -50.93 17.79 -27.57
CA GLY A 72 -51.02 16.48 -26.96
C GLY A 72 -52.19 15.68 -27.52
N ALA A 73 -53.38 16.02 -27.02
CA ALA A 73 -54.59 15.35 -27.47
C ALA A 73 -55.42 16.32 -28.31
N TYR A 74 -56.22 15.74 -29.20
CA TYR A 74 -57.07 16.53 -30.07
C TYR A 74 -58.04 17.39 -29.26
N SER A 75 -58.04 18.68 -29.58
CA SER A 75 -58.91 19.61 -28.88
C SER A 75 -60.36 19.41 -29.34
N SER A 76 -61.22 19.14 -28.35
CA SER A 76 -62.63 18.93 -28.63
C SER A 76 -63.41 18.84 -27.33
N HIS A 77 -64.53 19.55 -27.29
CA HIS A 77 -65.38 19.56 -26.11
C HIS A 77 -66.11 18.22 -26.00
N ASP A 78 -65.42 17.25 -25.40
CA ASP A 78 -66.00 15.93 -25.22
C ASP A 78 -66.72 15.51 -26.51
N MET A 4 34.72 43.97 2.36
CA MET A 4 33.50 44.65 2.75
C MET A 4 32.30 43.71 2.72
N GLU A 5 31.29 44.06 3.49
CA GLU A 5 30.08 43.24 3.55
C GLU A 5 29.10 43.66 2.46
N VAL A 6 29.35 43.17 1.26
CA VAL A 6 28.52 43.48 0.12
C VAL A 6 27.36 42.48 0.06
N ALA A 7 26.54 42.63 -0.97
CA ALA A 7 25.40 41.74 -1.15
C ALA A 7 25.86 40.46 -1.82
N MET A 8 26.34 39.54 -1.01
CA MET A 8 26.83 38.26 -1.51
C MET A 8 25.76 37.57 -2.36
N VAL A 9 26.24 36.88 -3.39
CA VAL A 9 25.34 36.17 -4.29
C VAL A 9 24.80 34.92 -3.59
N SER A 10 24.17 34.07 -4.38
CA SER A 10 23.61 32.84 -3.85
C SER A 10 22.88 33.12 -2.53
N ALA A 11 21.64 33.56 -2.66
CA ALA A 11 20.83 33.86 -1.50
C ALA A 11 20.40 32.55 -0.82
N GLU A 12 21.34 31.93 -0.14
CA GLU A 12 21.08 30.68 0.54
C GLU A 12 20.11 30.91 1.71
N SER A 13 19.40 29.85 2.06
CA SER A 13 18.44 29.93 3.15
C SER A 13 19.10 29.47 4.46
N SER A 14 19.38 30.44 5.32
CA SER A 14 20.00 30.15 6.59
C SER A 14 19.94 31.38 7.50
N GLY A 15 20.21 31.15 8.78
CA GLY A 15 20.18 32.23 9.75
C GLY A 15 18.76 32.46 10.27
N CYS A 16 18.68 32.79 11.55
CA CYS A 16 17.40 33.04 12.18
C CYS A 16 16.59 31.74 12.16
N ASN A 17 16.83 30.92 13.18
CA ASN A 17 16.13 29.65 13.29
C ASN A 17 14.89 29.83 14.16
N SER A 18 14.40 31.06 14.19
CA SER A 18 13.21 31.38 14.96
C SER A 18 12.36 32.41 14.22
N HIS A 19 11.69 31.93 13.19
CA HIS A 19 10.82 32.79 12.39
C HIS A 19 10.09 31.96 11.34
N MET A 20 9.30 31.01 11.83
CA MET A 20 8.54 30.15 10.95
C MET A 20 7.16 30.74 10.64
N PRO A 21 6.98 31.13 9.35
CA PRO A 21 5.72 31.72 8.91
C PRO A 21 4.63 30.64 8.79
N TYR A 22 3.40 31.11 8.61
CA TYR A 22 2.27 30.21 8.47
C TYR A 22 2.65 28.99 7.63
N GLY A 23 2.55 27.83 8.26
CA GLY A 23 2.86 26.57 7.59
C GLY A 23 2.20 25.39 8.30
N TYR A 24 3.01 24.62 8.99
CA TYR A 24 2.51 23.46 9.72
C TYR A 24 1.20 23.78 10.43
N ALA A 25 1.08 25.03 10.84
CA ALA A 25 -0.12 25.48 11.53
C ALA A 25 -1.31 25.42 10.57
N ALA A 26 -1.09 25.95 9.38
CA ALA A 26 -2.14 25.96 8.36
C ALA A 26 -2.27 24.56 7.75
N GLN A 27 -1.37 23.69 8.17
CA GLN A 27 -1.37 22.31 7.67
C GLN A 27 -2.27 21.43 8.55
N ALA A 28 -2.81 22.05 9.59
CA ALA A 28 -3.69 21.34 10.51
C ALA A 28 -4.90 20.81 9.74
N ARG A 29 -5.15 21.41 8.59
CA ARG A 29 -6.27 21.00 7.76
C ARG A 29 -5.98 19.66 7.10
N ALA A 30 -4.70 19.42 6.84
CA ALA A 30 -4.28 18.18 6.21
C ALA A 30 -4.46 17.03 7.20
N ARG A 31 -4.29 17.36 8.48
CA ARG A 31 -4.44 16.37 9.54
C ARG A 31 -5.85 15.80 9.54
N GLU A 32 -6.80 16.63 9.14
CA GLU A 32 -8.19 16.22 9.09
C GLU A 32 -8.47 15.42 7.82
N ARG A 33 -7.65 15.68 6.80
CA ARG A 33 -7.79 14.99 5.53
C ARG A 33 -6.96 13.72 5.52
N GLU A 34 -5.87 13.75 6.28
CA GLU A 34 -4.98 12.61 6.37
C GLU A 34 -5.69 11.43 7.05
N ARG A 35 -6.74 11.76 7.78
CA ARG A 35 -7.50 10.75 8.49
C ARG A 35 -8.06 9.73 7.50
N LEU A 36 -8.33 10.19 6.29
CA LEU A 36 -8.87 9.34 5.25
C LEU A 36 -7.71 8.67 4.49
N ALA A 37 -6.51 9.21 4.71
CA ALA A 37 -5.33 8.68 4.07
C ALA A 37 -4.83 7.47 4.83
N HIS A 38 -5.60 7.09 5.85
CA HIS A 38 -5.24 5.94 6.67
C HIS A 38 -5.85 4.67 6.08
N SER A 39 -6.77 4.88 5.14
CA SER A 39 -7.43 3.76 4.49
C SER A 39 -6.65 3.32 3.26
N ARG A 40 -5.81 4.23 2.78
CA ARG A 40 -5.00 3.95 1.60
C ARG A 40 -3.66 3.32 2.03
N ALA A 41 -3.60 2.94 3.29
CA ALA A 41 -2.39 2.33 3.82
C ALA A 41 -2.45 0.82 3.61
N ALA A 42 -3.48 0.20 4.18
CA ALA A 42 -3.66 -1.23 4.05
C ALA A 42 -4.51 -1.53 2.82
N ALA A 43 -4.78 -2.81 2.62
CA ALA A 43 -5.58 -3.24 1.48
C ALA A 43 -6.97 -2.61 1.58
N ALA A 44 -7.62 -2.84 2.71
CA ALA A 44 -8.95 -2.30 2.94
C ALA A 44 -9.89 -2.82 1.85
N ALA A 45 -10.05 -4.15 1.82
CA ALA A 45 -10.91 -4.77 0.85
C ALA A 45 -12.05 -5.50 1.57
N ALA A 46 -11.67 -6.52 2.32
CA ALA A 46 -12.64 -7.31 3.07
C ALA A 46 -13.56 -6.35 3.85
N VAL A 47 -13.04 -5.16 4.10
CA VAL A 47 -13.80 -4.16 4.83
C VAL A 47 -14.50 -3.23 3.83
N ALA A 48 -13.86 -3.06 2.69
CA ALA A 48 -14.42 -2.19 1.65
C ALA A 48 -15.91 -2.50 1.48
N ALA A 49 -16.20 -3.77 1.25
CA ALA A 49 -17.58 -4.20 1.06
C ALA A 49 -18.37 -3.89 2.33
N ALA A 50 -17.87 -4.42 3.45
CA ALA A 50 -18.52 -4.21 4.73
C ALA A 50 -18.54 -2.72 5.05
N THR A 51 -18.88 -2.42 6.29
CA THR A 51 -18.94 -1.03 6.74
C THR A 51 -20.08 -0.30 6.06
N ALA A 52 -19.87 -0.02 4.77
CA ALA A 52 -20.88 0.69 4.00
C ALA A 52 -22.26 0.09 4.29
N ALA A 53 -23.29 0.86 3.95
CA ALA A 53 -24.66 0.42 4.18
C ALA A 53 -25.10 -0.47 3.01
N VAL A 54 -24.27 -1.44 2.69
CA VAL A 54 -24.57 -2.35 1.60
C VAL A 54 -24.44 -3.79 2.10
N GLU A 55 -25.14 -4.07 3.20
CA GLU A 55 -25.12 -5.40 3.78
C GLU A 55 -26.54 -5.82 4.19
N GLY A 56 -26.66 -7.08 4.57
CA GLY A 56 -27.94 -7.62 4.98
C GLY A 56 -27.77 -8.72 6.02
N THR A 57 -27.30 -8.33 7.19
CA THR A 57 -27.08 -9.27 8.27
C THR A 57 -28.42 -9.78 8.81
N GLY A 58 -28.36 -10.94 9.46
CA GLY A 58 -29.55 -11.55 10.02
C GLY A 58 -29.95 -12.81 9.24
N GLY A 59 -30.56 -12.58 8.09
CA GLY A 59 -30.99 -13.68 7.24
C GLY A 59 -30.09 -13.81 6.02
N SER A 60 -28.82 -14.06 6.29
CA SER A 60 -27.85 -14.21 5.22
C SER A 60 -27.29 -15.63 5.22
N GLY A 61 -27.85 -16.45 4.36
CA GLY A 61 -27.43 -17.84 4.25
C GLY A 61 -28.56 -18.73 3.71
N GLY A 62 -29.12 -19.52 4.60
CA GLY A 62 -30.20 -20.42 4.23
C GLY A 62 -29.93 -21.85 4.70
N GLY A 63 -29.67 -22.72 3.74
CA GLY A 63 -29.38 -24.11 4.04
C GLY A 63 -30.67 -24.87 4.40
N PRO A 64 -31.28 -25.48 3.35
CA PRO A 64 -32.51 -26.24 3.54
C PRO A 64 -32.23 -27.58 4.20
N HIS A 65 -33.26 -28.13 4.82
CA HIS A 65 -33.15 -29.41 5.49
C HIS A 65 -33.52 -30.54 4.53
N HIS A 66 -33.04 -31.73 4.86
CA HIS A 66 -33.31 -32.89 4.03
C HIS A 66 -34.76 -32.85 3.54
N HIS A 67 -34.91 -32.71 2.24
CA HIS A 67 -36.24 -32.64 1.64
C HIS A 67 -36.61 -34.02 1.10
N HIS A 68 -35.82 -34.49 0.14
CA HIS A 68 -36.07 -35.79 -0.46
C HIS A 68 -35.33 -35.88 -1.80
N GLN A 69 -34.88 -37.07 -2.11
CA GLN A 69 -34.16 -37.31 -3.35
C GLN A 69 -35.12 -37.75 -4.45
N THR A 70 -34.58 -37.91 -5.65
CA THR A 70 -35.38 -38.33 -6.78
C THR A 70 -36.03 -39.68 -6.52
N ARG A 71 -36.93 -40.06 -7.41
CA ARG A 71 -37.63 -41.33 -7.28
C ARG A 71 -36.63 -42.49 -7.36
N GLY A 72 -36.95 -43.55 -6.64
CA GLY A 72 -36.09 -44.74 -6.62
C GLY A 72 -36.43 -45.64 -5.43
N ALA A 73 -36.96 -46.81 -5.75
CA ALA A 73 -37.32 -47.77 -4.72
C ALA A 73 -36.73 -49.13 -5.07
N TYR A 74 -36.59 -49.96 -4.05
CA TYR A 74 -36.03 -51.29 -4.23
C TYR A 74 -36.60 -52.27 -3.21
N SER A 75 -37.49 -53.13 -3.70
CA SER A 75 -38.12 -54.13 -2.83
C SER A 75 -38.73 -55.24 -3.69
N SER A 76 -38.54 -56.47 -3.22
CA SER A 76 -39.07 -57.62 -3.93
C SER A 76 -40.54 -57.41 -4.24
N HIS A 77 -40.82 -57.14 -5.50
CA HIS A 77 -42.18 -56.92 -5.96
C HIS A 77 -42.24 -56.98 -7.48
N ASP A 78 -42.30 -58.21 -7.98
CA ASP A 78 -42.37 -58.42 -9.42
C ASP A 78 -43.59 -57.71 -9.98
N MET A 4 35.76 8.33 -13.59
CA MET A 4 35.11 9.08 -12.53
C MET A 4 33.75 8.47 -12.17
N GLU A 5 33.80 7.48 -11.28
CA GLU A 5 32.59 6.81 -10.85
C GLU A 5 32.82 6.11 -9.51
N VAL A 6 32.22 6.67 -8.47
CA VAL A 6 32.35 6.11 -7.15
C VAL A 6 30.96 5.81 -6.58
N ALA A 7 30.93 4.92 -5.59
CA ALA A 7 29.68 4.53 -4.97
C ALA A 7 28.82 5.78 -4.76
N MET A 8 27.66 5.77 -5.41
CA MET A 8 26.73 6.88 -5.30
C MET A 8 25.85 6.74 -4.06
N VAL A 9 26.00 7.71 -3.16
CA VAL A 9 25.23 7.71 -1.92
C VAL A 9 24.11 8.74 -2.03
N SER A 10 23.49 9.02 -0.90
CA SER A 10 22.40 9.98 -0.85
C SER A 10 22.44 10.75 0.48
N ALA A 11 22.32 12.06 0.36
CA ALA A 11 22.35 12.92 1.54
C ALA A 11 20.95 12.97 2.16
N GLU A 12 20.82 12.26 3.27
CA GLU A 12 19.55 12.21 3.97
C GLU A 12 19.75 11.71 5.41
N SER A 13 18.84 12.13 6.28
CA SER A 13 18.91 11.74 7.68
C SER A 13 20.21 12.26 8.31
N SER A 14 20.26 12.20 9.62
CA SER A 14 21.43 12.66 10.35
C SER A 14 21.66 14.15 10.09
N GLY A 15 21.15 14.96 11.01
CA GLY A 15 21.28 16.39 10.90
C GLY A 15 19.98 17.10 11.28
N CYS A 16 19.21 17.46 10.27
CA CYS A 16 17.95 18.14 10.48
C CYS A 16 17.28 18.35 9.13
N ASN A 17 16.80 17.25 8.56
CA ASN A 17 16.14 17.30 7.26
C ASN A 17 14.63 17.24 7.47
N SER A 18 14.20 17.66 8.66
CA SER A 18 12.79 17.66 8.99
C SER A 18 12.47 18.84 9.91
N HIS A 19 12.23 19.99 9.28
CA HIS A 19 11.90 21.19 10.03
C HIS A 19 11.26 22.22 9.10
N MET A 20 10.14 21.81 8.52
CA MET A 20 9.41 22.67 7.61
C MET A 20 9.36 24.11 8.15
N PRO A 21 9.24 25.08 7.20
CA PRO A 21 9.18 26.48 7.56
C PRO A 21 7.81 26.84 8.14
N TYR A 22 7.54 28.13 8.17
CA TYR A 22 6.28 28.62 8.71
C TYR A 22 5.09 28.17 7.84
N GLY A 23 3.90 28.51 8.29
CA GLY A 23 2.70 28.14 7.57
C GLY A 23 2.29 26.70 7.88
N TYR A 24 3.12 26.04 8.67
CA TYR A 24 2.85 24.66 9.04
C TYR A 24 1.76 24.58 10.10
N ALA A 25 1.37 25.75 10.60
CA ALA A 25 0.34 25.83 11.62
C ALA A 25 -1.02 25.60 10.98
N ALA A 26 -1.11 25.93 9.69
CA ALA A 26 -2.34 25.76 8.96
C ALA A 26 -2.37 24.37 8.32
N GLN A 27 -1.49 23.52 8.82
CA GLN A 27 -1.40 22.16 8.31
C GLN A 27 -2.43 21.27 9.01
N ALA A 28 -3.16 21.87 9.93
CA ALA A 28 -4.18 21.15 10.68
C ALA A 28 -5.23 20.62 9.70
N ARG A 29 -5.28 21.23 8.54
CA ARG A 29 -6.23 20.83 7.51
C ARG A 29 -5.82 19.49 6.90
N ALA A 30 -4.52 19.27 6.87
CA ALA A 30 -3.99 18.02 6.32
C ALA A 30 -4.33 16.86 7.26
N ARG A 31 -4.40 17.19 8.54
CA ARG A 31 -4.72 16.18 9.55
C ARG A 31 -6.11 15.61 9.29
N GLU A 32 -6.98 16.45 8.74
CA GLU A 32 -8.34 16.03 8.45
C GLU A 32 -8.38 15.24 7.13
N ARG A 33 -7.40 15.51 6.29
CA ARG A 33 -7.31 14.84 5.00
C ARG A 33 -6.47 13.56 5.12
N GLU A 34 -5.55 13.59 6.07
CA GLU A 34 -4.68 12.45 6.30
C GLU A 34 -5.44 11.35 7.04
N ARG A 35 -6.43 11.77 7.81
CA ARG A 35 -7.24 10.83 8.57
C ARG A 35 -7.92 9.83 7.63
N LEU A 36 -8.20 10.30 6.42
CA LEU A 36 -8.84 9.45 5.42
C LEU A 36 -7.77 8.72 4.62
N ALA A 37 -6.54 9.20 4.76
CA ALA A 37 -5.42 8.60 4.05
C ALA A 37 -4.93 7.36 4.81
N HIS A 38 -5.66 7.04 5.87
CA HIS A 38 -5.32 5.89 6.69
C HIS A 38 -6.03 4.64 6.15
N SER A 39 -6.98 4.89 5.26
CA SER A 39 -7.75 3.81 4.67
C SER A 39 -7.06 3.31 3.39
N ARG A 40 -6.20 4.16 2.86
CA ARG A 40 -5.47 3.83 1.65
C ARG A 40 -4.16 3.11 2.00
N ALA A 41 -4.07 2.71 3.26
CA ALA A 41 -2.88 2.01 3.73
C ALA A 41 -2.72 0.70 2.95
N ALA A 42 -3.71 -0.16 3.10
CA ALA A 42 -3.68 -1.45 2.42
C ALA A 42 -4.36 -1.32 1.07
N ALA A 43 -3.77 -0.49 0.22
CA ALA A 43 -4.30 -0.26 -1.12
C ALA A 43 -4.24 -1.56 -1.92
N ALA A 44 -3.01 -2.03 -2.13
CA ALA A 44 -2.80 -3.25 -2.87
C ALA A 44 -3.89 -4.27 -2.50
N ALA A 45 -4.91 -4.34 -3.35
CA ALA A 45 -6.00 -5.26 -3.12
C ALA A 45 -5.86 -6.46 -4.06
N ALA A 46 -6.17 -6.22 -5.32
CA ALA A 46 -6.08 -7.28 -6.31
C ALA A 46 -4.67 -7.89 -6.29
N VAL A 47 -3.75 -7.13 -5.71
CA VAL A 47 -2.37 -7.59 -5.60
C VAL A 47 -2.19 -8.34 -4.29
N ALA A 48 -2.96 -7.94 -3.29
CA ALA A 48 -2.90 -8.56 -1.99
C ALA A 48 -2.78 -10.08 -2.16
N ALA A 49 -3.73 -10.63 -2.90
CA ALA A 49 -3.74 -12.06 -3.15
C ALA A 49 -2.46 -12.47 -3.88
N ALA A 50 -2.20 -11.77 -4.97
CA ALA A 50 -1.02 -12.05 -5.77
C ALA A 50 0.23 -11.90 -4.88
N THR A 51 1.39 -12.06 -5.52
CA THR A 51 2.64 -11.95 -4.80
C THR A 51 2.53 -12.60 -3.42
N ALA A 52 2.23 -13.89 -3.44
CA ALA A 52 2.09 -14.65 -2.20
C ALA A 52 3.30 -14.37 -1.31
N ALA A 53 3.02 -14.05 -0.06
CA ALA A 53 4.07 -13.76 0.90
C ALA A 53 4.56 -15.08 1.52
N VAL A 54 4.86 -16.03 0.65
CA VAL A 54 5.34 -17.32 1.09
C VAL A 54 6.46 -17.80 0.16
N GLU A 55 7.48 -16.97 0.05
CA GLU A 55 8.62 -17.28 -0.79
C GLU A 55 9.91 -17.27 0.02
N GLY A 56 10.83 -18.15 -0.35
CA GLY A 56 12.10 -18.25 0.33
C GLY A 56 12.77 -19.58 0.04
N THR A 57 13.37 -19.67 -1.13
CA THR A 57 14.06 -20.88 -1.54
C THR A 57 15.56 -20.77 -1.28
N GLY A 58 16.19 -21.91 -1.07
CA GLY A 58 17.62 -21.95 -0.81
C GLY A 58 18.16 -23.37 -0.93
N GLY A 59 19.38 -23.56 -0.43
CA GLY A 59 20.02 -24.86 -0.48
C GLY A 59 21.50 -24.73 -0.84
N SER A 60 22.22 -25.81 -0.62
CA SER A 60 23.65 -25.83 -0.92
C SER A 60 24.06 -27.22 -1.41
N GLY A 61 24.93 -27.22 -2.41
CA GLY A 61 25.41 -28.48 -2.98
C GLY A 61 26.82 -28.31 -3.55
N GLY A 62 27.61 -29.37 -3.41
CA GLY A 62 28.97 -29.36 -3.91
C GLY A 62 29.81 -30.44 -3.24
N GLY A 63 30.94 -30.74 -3.87
CA GLY A 63 31.84 -31.76 -3.34
C GLY A 63 32.23 -32.76 -4.43
N PRO A 64 32.89 -33.87 -3.99
CA PRO A 64 33.32 -34.90 -4.92
C PRO A 64 32.14 -35.74 -5.39
N HIS A 65 32.39 -36.51 -6.44
CA HIS A 65 31.35 -37.36 -7.00
C HIS A 65 31.88 -38.80 -7.10
N HIS A 66 32.95 -38.97 -7.87
CA HIS A 66 33.55 -40.27 -8.06
C HIS A 66 33.55 -41.03 -6.72
N HIS A 67 34.31 -40.50 -5.78
CA HIS A 67 34.41 -41.12 -4.47
C HIS A 67 34.50 -42.63 -4.61
N HIS A 68 35.70 -43.08 -5.00
CA HIS A 68 35.94 -44.50 -5.18
C HIS A 68 37.19 -44.70 -6.04
N GLN A 69 37.71 -45.92 -6.00
CA GLN A 69 38.89 -46.25 -6.77
C GLN A 69 40.05 -45.34 -6.39
N THR A 70 41.25 -45.80 -6.69
CA THR A 70 42.45 -45.02 -6.39
C THR A 70 43.62 -45.49 -7.26
N ARG A 71 44.70 -44.73 -7.19
CA ARG A 71 45.90 -45.06 -7.95
C ARG A 71 46.48 -46.39 -7.50
N GLY A 72 46.82 -47.22 -8.47
CA GLY A 72 47.39 -48.53 -8.19
C GLY A 72 48.15 -49.08 -9.39
N ALA A 73 47.39 -49.59 -10.34
CA ALA A 73 47.97 -50.15 -11.55
C ALA A 73 48.88 -51.33 -11.18
N TYR A 74 48.24 -52.40 -10.75
CA TYR A 74 48.97 -53.60 -10.36
C TYR A 74 48.56 -54.80 -11.21
N SER A 75 49.47 -55.77 -11.29
CA SER A 75 49.22 -56.96 -12.07
C SER A 75 49.44 -58.21 -11.21
N SER A 76 50.66 -58.35 -10.72
CA SER A 76 51.01 -59.48 -9.89
C SER A 76 52.42 -59.31 -9.33
N HIS A 77 52.63 -59.85 -8.14
CA HIS A 77 53.92 -59.75 -7.48
C HIS A 77 54.44 -58.32 -7.60
N ASP A 78 53.75 -57.42 -6.92
CA ASP A 78 54.14 -56.01 -6.93
C ASP A 78 54.16 -55.51 -8.37
N MET A 4 1.47 27.59 -23.46
CA MET A 4 2.75 27.30 -22.86
C MET A 4 2.83 27.86 -21.44
N GLU A 5 2.61 26.98 -20.47
CA GLU A 5 2.64 27.38 -19.07
C GLU A 5 3.83 28.31 -18.81
N VAL A 6 3.67 29.16 -17.81
CA VAL A 6 4.71 30.10 -17.46
C VAL A 6 5.73 29.41 -16.55
N ALA A 7 6.72 30.18 -16.12
CA ALA A 7 7.75 29.66 -15.25
C ALA A 7 7.27 29.73 -13.80
N MET A 8 7.69 28.73 -13.02
CA MET A 8 7.31 28.67 -11.62
C MET A 8 8.52 28.94 -10.71
N VAL A 9 8.72 30.21 -10.41
CA VAL A 9 9.83 30.62 -9.56
C VAL A 9 9.29 31.51 -8.44
N SER A 10 10.12 31.65 -7.41
CA SER A 10 9.75 32.47 -6.27
C SER A 10 10.61 33.74 -6.22
N ALA A 11 9.95 34.88 -6.36
CA ALA A 11 10.65 36.15 -6.33
C ALA A 11 10.86 36.58 -4.89
N GLU A 12 11.97 36.11 -4.32
CA GLU A 12 12.30 36.44 -2.95
C GLU A 12 12.73 37.90 -2.84
N SER A 13 12.57 38.45 -1.65
CA SER A 13 12.94 39.83 -1.40
C SER A 13 13.69 39.95 -0.08
N SER A 14 14.28 41.12 0.14
CA SER A 14 15.03 41.38 1.35
C SER A 14 14.20 42.21 2.32
N GLY A 15 14.27 41.85 3.59
CA GLY A 15 13.54 42.55 4.62
C GLY A 15 13.26 41.65 5.82
N CYS A 16 12.45 40.62 5.57
CA CYS A 16 12.11 39.67 6.62
C CYS A 16 11.46 40.46 7.77
N ASN A 17 10.30 41.02 7.49
CA ASN A 17 9.58 41.78 8.49
C ASN A 17 8.58 40.87 9.20
N SER A 18 8.90 39.58 9.19
CA SER A 18 8.04 38.59 9.83
C SER A 18 8.65 37.20 9.69
N HIS A 19 9.45 36.84 10.68
CA HIS A 19 10.11 35.54 10.68
C HIS A 19 9.48 34.66 11.76
N MET A 20 8.17 34.47 11.64
CA MET A 20 7.45 33.65 12.59
C MET A 20 7.69 32.17 12.33
N PRO A 21 7.59 31.36 13.43
CA PRO A 21 7.79 29.93 13.33
C PRO A 21 6.59 29.24 12.68
N TYR A 22 6.53 29.37 11.36
CA TYR A 22 5.44 28.78 10.60
C TYR A 22 5.81 27.36 10.17
N GLY A 23 4.83 26.47 10.29
CA GLY A 23 5.02 25.08 9.91
C GLY A 23 3.68 24.39 9.64
N TYR A 24 3.29 23.54 10.58
CA TYR A 24 2.04 22.81 10.46
C TYR A 24 0.86 23.65 10.96
N ALA A 25 0.85 24.91 10.54
CA ALA A 25 -0.20 25.82 10.93
C ALA A 25 -1.39 25.68 9.97
N ALA A 26 -1.13 26.06 8.72
CA ALA A 26 -2.16 25.97 7.69
C ALA A 26 -2.28 24.52 7.21
N GLN A 27 -1.38 23.68 7.72
CA GLN A 27 -1.37 22.29 7.34
C GLN A 27 -2.26 21.48 8.29
N ALA A 28 -2.82 22.18 9.26
CA ALA A 28 -3.69 21.55 10.24
C ALA A 28 -4.89 20.94 9.53
N ARG A 29 -5.14 21.43 8.33
CA ARG A 29 -6.26 20.95 7.53
C ARG A 29 -5.96 19.54 7.00
N ALA A 30 -4.67 19.30 6.76
CA ALA A 30 -4.24 18.00 6.25
C ALA A 30 -4.41 16.95 7.35
N ARG A 31 -4.26 17.40 8.58
CA ARG A 31 -4.38 16.50 9.72
C ARG A 31 -5.80 15.92 9.78
N GLU A 32 -6.75 16.71 9.31
CA GLU A 32 -8.14 16.28 9.29
C GLU A 32 -8.41 15.37 8.10
N ARG A 33 -7.59 15.55 7.06
CA ARG A 33 -7.73 14.74 5.86
C ARG A 33 -6.87 13.48 5.96
N GLU A 34 -5.79 13.59 6.72
CA GLU A 34 -4.89 12.47 6.91
C GLU A 34 -5.65 11.26 7.47
N ARG A 35 -6.72 11.56 8.19
CA ARG A 35 -7.55 10.52 8.79
C ARG A 35 -8.10 9.60 7.69
N LEU A 36 -8.31 10.18 6.53
CA LEU A 36 -8.85 9.43 5.41
C LEU A 36 -7.69 8.85 4.60
N ALA A 37 -6.50 9.35 4.89
CA ALA A 37 -5.30 8.88 4.19
C ALA A 37 -4.81 7.59 4.85
N HIS A 38 -5.59 7.12 5.81
CA HIS A 38 -5.25 5.90 6.53
C HIS A 38 -5.87 4.70 5.81
N SER A 39 -6.77 5.00 4.88
CA SER A 39 -7.43 3.95 4.12
C SER A 39 -6.64 3.64 2.86
N ARG A 40 -5.79 4.59 2.48
CA ARG A 40 -4.96 4.41 1.29
C ARG A 40 -3.63 3.76 1.66
N ALA A 41 -3.58 3.24 2.88
CA ALA A 41 -2.38 2.58 3.37
C ALA A 41 -2.15 1.30 2.57
N ALA A 42 -3.17 0.45 2.58
CA ALA A 42 -3.10 -0.81 1.87
C ALA A 42 -2.54 -0.58 0.47
N ALA A 43 -1.30 -1.01 0.27
CA ALA A 43 -0.65 -0.85 -1.02
C ALA A 43 -0.97 -2.05 -1.90
N ALA A 44 -2.26 -2.23 -2.17
CA ALA A 44 -2.71 -3.34 -2.99
C ALA A 44 -1.71 -3.54 -4.14
N ALA A 45 -1.37 -2.44 -4.79
CA ALA A 45 -0.43 -2.49 -5.89
C ALA A 45 0.84 -3.20 -5.45
N ALA A 46 1.42 -2.69 -4.37
CA ALA A 46 2.65 -3.28 -3.84
C ALA A 46 2.49 -4.80 -3.76
N VAL A 47 1.24 -5.23 -3.68
CA VAL A 47 0.94 -6.65 -3.60
C VAL A 47 0.60 -7.18 -4.99
N ALA A 48 0.02 -6.30 -5.79
CA ALA A 48 -0.37 -6.66 -7.15
C ALA A 48 0.73 -7.52 -7.77
N ALA A 49 1.93 -6.96 -7.79
CA ALA A 49 3.08 -7.67 -8.36
C ALA A 49 3.40 -8.88 -7.49
N ALA A 50 3.40 -8.66 -6.18
CA ALA A 50 3.69 -9.72 -5.23
C ALA A 50 2.65 -10.82 -5.37
N THR A 51 2.64 -11.72 -4.40
CA THR A 51 1.70 -12.82 -4.40
C THR A 51 1.51 -13.35 -5.83
N ALA A 52 2.62 -13.57 -6.50
CA ALA A 52 2.59 -14.08 -7.86
C ALA A 52 1.52 -15.16 -7.97
N ALA A 53 0.87 -15.19 -9.13
CA ALA A 53 -0.18 -16.16 -9.38
C ALA A 53 0.45 -17.46 -9.87
N VAL A 54 1.45 -17.92 -9.12
CA VAL A 54 2.13 -19.15 -9.47
C VAL A 54 2.52 -19.89 -8.18
N GLU A 55 1.51 -20.19 -7.38
CA GLU A 55 1.73 -20.89 -6.13
C GLU A 55 1.09 -22.28 -6.18
N GLY A 56 1.54 -23.13 -5.27
CA GLY A 56 1.02 -24.48 -5.20
C GLY A 56 1.96 -25.41 -4.42
N THR A 57 1.89 -25.31 -3.10
CA THR A 57 2.75 -26.12 -2.25
C THR A 57 1.93 -27.23 -1.58
N GLY A 58 1.29 -28.03 -2.42
CA GLY A 58 0.47 -29.14 -1.94
C GLY A 58 0.85 -30.44 -2.64
N GLY A 59 0.25 -30.63 -3.81
CA GLY A 59 0.50 -31.83 -4.59
C GLY A 59 -0.43 -31.91 -5.81
N SER A 60 -1.25 -32.94 -5.82
CA SER A 60 -2.19 -33.14 -6.92
C SER A 60 -3.11 -34.33 -6.61
N GLY A 61 -4.14 -34.46 -7.43
CA GLY A 61 -5.09 -35.55 -7.26
C GLY A 61 -4.42 -36.91 -7.52
N GLY A 62 -5.26 -37.89 -7.78
CA GLY A 62 -4.77 -39.24 -8.04
C GLY A 62 -5.37 -39.80 -9.33
N GLY A 63 -5.05 -41.06 -9.59
CA GLY A 63 -5.55 -41.72 -10.78
C GLY A 63 -6.45 -42.90 -10.42
N PRO A 64 -7.26 -43.34 -11.43
CA PRO A 64 -8.16 -44.45 -11.22
C PRO A 64 -7.42 -45.79 -11.19
N HIS A 65 -6.84 -46.08 -10.04
CA HIS A 65 -6.09 -47.31 -9.85
C HIS A 65 -7.06 -48.50 -9.85
N HIS A 66 -6.48 -49.69 -9.98
CA HIS A 66 -7.28 -50.90 -9.98
C HIS A 66 -8.37 -50.82 -8.91
N HIS A 67 -9.56 -51.27 -9.29
CA HIS A 67 -10.69 -51.24 -8.38
C HIS A 67 -10.67 -52.51 -7.51
N HIS A 68 -10.77 -53.64 -8.18
CA HIS A 68 -10.78 -54.92 -7.49
C HIS A 68 -12.01 -55.02 -6.59
N GLN A 69 -13.08 -55.55 -7.16
CA GLN A 69 -14.33 -55.70 -6.42
C GLN A 69 -14.12 -56.63 -5.22
N THR A 70 -15.18 -56.78 -4.44
CA THR A 70 -15.14 -57.63 -3.27
C THR A 70 -14.93 -59.09 -3.67
N ARG A 71 -14.10 -59.77 -2.90
CA ARG A 71 -13.81 -61.17 -3.15
C ARG A 71 -15.11 -61.94 -3.40
N GLY A 72 -14.95 -63.13 -3.96
CA GLY A 72 -16.10 -63.98 -4.25
C GLY A 72 -16.68 -64.58 -2.97
N ALA A 73 -16.42 -65.87 -2.80
CA ALA A 73 -16.91 -66.58 -1.63
C ALA A 73 -16.29 -67.97 -1.58
N TYR A 74 -14.97 -68.00 -1.39
CA TYR A 74 -14.26 -69.26 -1.33
C TYR A 74 -15.03 -70.30 -0.51
N SER A 75 -14.78 -71.56 -0.82
CA SER A 75 -15.44 -72.65 -0.13
C SER A 75 -16.95 -72.56 -0.35
N SER A 76 -17.62 -73.70 -0.18
CA SER A 76 -19.05 -73.77 -0.36
C SER A 76 -19.60 -75.07 0.25
N HIS A 77 -20.06 -74.97 1.48
CA HIS A 77 -20.60 -76.12 2.18
C HIS A 77 -21.91 -76.54 1.53
N ASP A 78 -21.94 -77.78 1.04
CA ASP A 78 -23.11 -78.32 0.39
C ASP A 78 -23.99 -79.01 1.44
N MET A 4 -9.17 -2.98 29.23
CA MET A 4 -8.81 -2.28 30.45
C MET A 4 -7.53 -1.45 30.26
N GLU A 5 -7.69 -0.14 30.38
CA GLU A 5 -6.57 0.77 30.23
C GLU A 5 -5.50 0.46 31.27
N VAL A 6 -4.26 0.42 30.80
CA VAL A 6 -3.13 0.14 31.68
C VAL A 6 -2.46 1.46 32.06
N ALA A 7 -1.87 1.46 33.27
CA ALA A 7 -1.19 2.65 33.76
C ALA A 7 -0.32 3.23 32.65
N MET A 8 -0.06 4.53 32.76
CA MET A 8 0.74 5.22 31.77
C MET A 8 2.06 5.69 32.39
N VAL A 9 3.10 5.69 31.58
CA VAL A 9 4.41 6.12 32.02
C VAL A 9 4.47 7.65 32.04
N SER A 10 5.68 8.16 32.19
CA SER A 10 5.89 9.60 32.23
C SER A 10 5.23 10.19 33.47
N ALA A 11 6.08 10.55 34.43
CA ALA A 11 5.61 11.13 35.67
C ALA A 11 5.21 12.60 35.43
N GLU A 12 3.94 12.79 35.12
CA GLU A 12 3.42 14.12 34.86
C GLU A 12 4.21 14.78 33.74
N SER A 13 3.59 15.80 33.14
CA SER A 13 4.22 16.52 32.05
C SER A 13 3.46 17.82 31.78
N SER A 14 4.22 18.85 31.44
CA SER A 14 3.64 20.16 31.15
C SER A 14 4.73 21.15 30.80
N GLY A 15 4.69 21.61 29.55
CA GLY A 15 5.68 22.57 29.08
C GLY A 15 5.28 23.14 27.72
N CYS A 16 5.14 22.23 26.75
CA CYS A 16 4.76 22.62 25.41
C CYS A 16 5.95 23.32 24.76
N ASN A 17 7.01 22.54 24.56
CA ASN A 17 8.22 23.08 23.95
C ASN A 17 8.24 22.73 22.46
N SER A 18 7.03 22.51 21.93
CA SER A 18 6.89 22.18 20.53
C SER A 18 6.05 23.25 19.82
N HIS A 19 6.65 24.42 19.66
CA HIS A 19 5.97 25.53 19.00
C HIS A 19 6.82 26.02 17.83
N MET A 20 7.01 25.12 16.87
CA MET A 20 7.79 25.45 15.68
C MET A 20 7.29 26.75 15.04
N PRO A 21 8.21 27.38 14.26
CA PRO A 21 7.89 28.63 13.59
C PRO A 21 6.98 28.38 12.39
N TYR A 22 6.66 29.47 11.69
CA TYR A 22 5.81 29.38 10.52
C TYR A 22 6.12 28.12 9.71
N GLY A 23 5.19 27.18 9.78
CA GLY A 23 5.35 25.92 9.05
C GLY A 23 4.00 25.23 8.84
N TYR A 24 3.80 24.17 9.60
CA TYR A 24 2.57 23.41 9.52
C TYR A 24 1.47 24.04 10.39
N ALA A 25 1.36 25.36 10.27
CA ALA A 25 0.36 26.09 11.05
C ALA A 25 -1.02 25.84 10.45
N ALA A 26 -1.13 26.12 9.15
CA ALA A 26 -2.38 25.93 8.45
C ALA A 26 -2.44 24.51 7.88
N GLN A 27 -1.55 23.67 8.40
CA GLN A 27 -1.49 22.29 7.95
C GLN A 27 -2.46 21.42 8.76
N ALA A 28 -3.13 22.07 9.71
CA ALA A 28 -4.08 21.37 10.55
C ALA A 28 -5.19 20.79 9.68
N ARG A 29 -5.34 21.35 8.49
CA ARG A 29 -6.35 20.90 7.56
C ARG A 29 -5.98 19.53 6.99
N ALA A 30 -4.68 19.31 6.88
CA ALA A 30 -4.18 18.05 6.34
C ALA A 30 -4.44 16.94 7.35
N ARG A 31 -4.43 17.32 8.63
CA ARG A 31 -4.66 16.37 9.70
C ARG A 31 -6.07 15.77 9.57
N GLU A 32 -6.97 16.58 9.04
CA GLU A 32 -8.35 16.13 8.87
C GLU A 32 -8.48 15.28 7.60
N ARG A 33 -7.56 15.53 6.67
CA ARG A 33 -7.57 14.79 5.42
C ARG A 33 -6.71 13.53 5.54
N GLU A 34 -5.71 13.60 6.41
CA GLU A 34 -4.82 12.48 6.63
C GLU A 34 -5.58 11.31 7.27
N ARG A 35 -6.64 11.66 7.98
CA ARG A 35 -7.46 10.66 8.65
C ARG A 35 -8.04 9.69 7.62
N LEU A 36 -8.27 10.22 6.43
CA LEU A 36 -8.82 9.41 5.34
C LEU A 36 -7.68 8.76 4.56
N ALA A 37 -6.49 9.26 4.80
CA ALA A 37 -5.31 8.74 4.12
C ALA A 37 -4.82 7.49 4.84
N HIS A 38 -5.60 7.08 5.83
CA HIS A 38 -5.26 5.89 6.61
C HIS A 38 -5.91 4.66 5.97
N SER A 39 -6.81 4.92 5.04
CA SER A 39 -7.51 3.85 4.35
C SER A 39 -6.72 3.46 3.09
N ARG A 40 -5.87 4.36 2.65
CA ARG A 40 -5.06 4.12 1.46
C ARG A 40 -3.74 3.46 1.85
N ALA A 41 -3.67 3.02 3.10
CA ALA A 41 -2.48 2.37 3.60
C ALA A 41 -2.50 0.89 3.21
N ALA A 42 -3.55 0.22 3.66
CA ALA A 42 -3.71 -1.20 3.37
C ALA A 42 -3.92 -1.39 1.87
N ALA A 43 -3.59 -2.59 1.40
CA ALA A 43 -3.74 -2.90 -0.02
C ALA A 43 -5.14 -3.46 -0.26
N ALA A 44 -5.39 -4.62 0.33
CA ALA A 44 -6.68 -5.27 0.18
C ALA A 44 -7.79 -4.22 0.22
N ALA A 45 -8.23 -3.83 -0.96
CA ALA A 45 -9.28 -2.83 -1.08
C ALA A 45 -10.61 -3.52 -1.38
N ALA A 46 -10.75 -3.95 -2.63
CA ALA A 46 -11.95 -4.63 -3.05
C ALA A 46 -12.24 -5.82 -2.13
N VAL A 47 -11.19 -6.23 -1.43
CA VAL A 47 -11.30 -7.35 -0.51
C VAL A 47 -11.66 -6.82 0.88
N ALA A 48 -11.20 -5.61 1.15
CA ALA A 48 -11.45 -4.98 2.44
C ALA A 48 -12.91 -5.20 2.82
N ALA A 49 -13.80 -4.71 1.98
CA ALA A 49 -15.22 -4.85 2.22
C ALA A 49 -15.61 -6.33 2.13
N ALA A 50 -15.31 -6.92 0.98
CA ALA A 50 -15.62 -8.32 0.77
C ALA A 50 -14.92 -9.17 1.82
N THR A 51 -14.96 -10.48 1.62
CA THR A 51 -14.33 -11.40 2.55
C THR A 51 -15.00 -11.31 3.93
N ALA A 52 -16.27 -11.65 3.95
CA ALA A 52 -17.04 -11.60 5.20
C ALA A 52 -16.25 -12.32 6.29
N ALA A 53 -16.19 -11.69 7.45
CA ALA A 53 -15.49 -12.26 8.58
C ALA A 53 -16.42 -13.23 9.33
N VAL A 54 -17.04 -14.11 8.56
CA VAL A 54 -17.95 -15.09 9.13
C VAL A 54 -17.54 -16.49 8.68
N GLU A 55 -16.27 -16.80 8.89
CA GLU A 55 -15.74 -18.10 8.51
C GLU A 55 -16.75 -19.20 8.86
N GLY A 56 -16.80 -20.20 8.00
CA GLY A 56 -17.71 -21.32 8.20
C GLY A 56 -19.13 -20.97 7.74
N THR A 57 -19.40 -21.31 6.49
CA THR A 57 -20.71 -21.03 5.92
C THR A 57 -21.02 -22.02 4.80
N GLY A 58 -22.28 -22.41 4.73
CA GLY A 58 -22.72 -23.35 3.70
C GLY A 58 -23.15 -24.68 4.33
N GLY A 59 -24.10 -25.33 3.67
CA GLY A 59 -24.60 -26.60 4.14
C GLY A 59 -26.11 -26.70 3.97
N SER A 60 -26.52 -27.50 2.99
CA SER A 60 -27.93 -27.68 2.71
C SER A 60 -28.11 -28.65 1.54
N GLY A 61 -29.16 -29.46 1.63
CA GLY A 61 -29.45 -30.43 0.60
C GLY A 61 -30.95 -30.68 0.49
N GLY A 62 -31.31 -31.55 -0.45
CA GLY A 62 -32.71 -31.88 -0.67
C GLY A 62 -32.95 -33.38 -0.51
N GLY A 63 -33.83 -33.90 -1.37
CA GLY A 63 -34.15 -35.32 -1.33
C GLY A 63 -34.50 -35.83 -2.73
N PRO A 64 -34.93 -37.11 -2.77
CA PRO A 64 -35.30 -37.74 -4.04
C PRO A 64 -36.65 -37.23 -4.53
N HIS A 65 -36.95 -37.53 -5.79
CA HIS A 65 -38.20 -37.10 -6.38
C HIS A 65 -39.25 -38.21 -6.21
N HIS A 66 -39.68 -38.37 -4.96
CA HIS A 66 -40.68 -39.39 -4.65
C HIS A 66 -41.74 -39.41 -5.74
N HIS A 67 -42.38 -40.56 -5.87
CA HIS A 67 -43.42 -40.73 -6.87
C HIS A 67 -42.84 -40.49 -8.27
N HIS A 68 -42.60 -41.59 -8.97
CA HIS A 68 -42.04 -41.51 -10.31
C HIS A 68 -41.44 -42.86 -10.70
N GLN A 69 -42.26 -43.65 -11.37
CA GLN A 69 -41.82 -44.97 -11.81
C GLN A 69 -41.91 -45.08 -13.34
N THR A 70 -41.51 -46.24 -13.84
CA THR A 70 -41.53 -46.49 -15.26
C THR A 70 -42.96 -46.36 -15.80
N ARG A 71 -43.07 -46.44 -17.12
CA ARG A 71 -44.37 -46.34 -17.77
C ARG A 71 -45.01 -44.99 -17.45
N GLY A 72 -44.95 -44.09 -18.42
CA GLY A 72 -45.51 -42.76 -18.26
C GLY A 72 -46.41 -42.41 -19.44
N ALA A 73 -47.44 -43.23 -19.63
CA ALA A 73 -48.38 -43.01 -20.71
C ALA A 73 -49.54 -43.99 -20.57
N TYR A 74 -50.64 -43.49 -20.03
CA TYR A 74 -51.83 -44.31 -19.84
C TYR A 74 -52.83 -44.09 -20.96
N SER A 75 -52.32 -44.02 -22.18
CA SER A 75 -53.16 -43.81 -23.35
C SER A 75 -53.21 -45.09 -24.18
N SER A 76 -54.26 -45.17 -25.00
CA SER A 76 -54.44 -46.33 -25.86
C SER A 76 -54.62 -47.59 -25.01
N HIS A 77 -55.66 -48.34 -25.32
CA HIS A 77 -55.95 -49.57 -24.60
C HIS A 77 -55.58 -50.78 -25.47
N ASP A 78 -54.76 -51.65 -24.90
CA ASP A 78 -54.32 -52.84 -25.60
C ASP A 78 -53.89 -52.46 -27.02
N MET A 4 20.85 21.81 -22.57
CA MET A 4 19.85 22.68 -21.98
C MET A 4 19.52 22.26 -20.55
N GLU A 5 18.91 23.18 -19.83
CA GLU A 5 18.53 22.92 -18.45
C GLU A 5 17.82 21.58 -18.32
N VAL A 6 17.63 21.16 -17.08
CA VAL A 6 16.97 19.89 -16.82
C VAL A 6 15.45 20.10 -16.85
N ALA A 7 14.74 18.99 -17.01
CA ALA A 7 13.28 19.04 -17.05
C ALA A 7 12.74 19.45 -15.68
N MET A 8 12.61 20.76 -15.50
CA MET A 8 12.11 21.30 -14.25
C MET A 8 11.42 22.64 -14.46
N VAL A 9 10.15 22.58 -14.80
CA VAL A 9 9.37 23.78 -15.04
C VAL A 9 8.44 24.03 -13.85
N SER A 10 7.52 24.96 -14.05
CA SER A 10 6.56 25.29 -13.01
C SER A 10 5.35 26.02 -13.61
N ALA A 11 4.43 25.24 -14.14
CA ALA A 11 3.23 25.79 -14.74
C ALA A 11 2.29 26.28 -13.65
N GLU A 12 2.72 27.34 -12.97
CA GLU A 12 1.92 27.91 -11.89
C GLU A 12 2.40 29.33 -11.59
N SER A 13 1.51 30.11 -11.00
CA SER A 13 1.82 31.49 -10.64
C SER A 13 1.62 31.70 -9.14
N SER A 14 2.60 31.23 -8.38
CA SER A 14 2.54 31.36 -6.93
C SER A 14 3.75 30.66 -6.30
N GLY A 15 4.65 31.48 -5.77
CA GLY A 15 5.84 30.95 -5.13
C GLY A 15 5.75 31.05 -3.60
N CYS A 16 6.73 31.70 -3.03
CA CYS A 16 6.78 31.89 -1.58
C CYS A 16 7.72 33.04 -1.27
N ASN A 17 7.31 34.23 -1.67
CA ASN A 17 8.11 35.43 -1.44
C ASN A 17 7.41 36.31 -0.40
N SER A 18 6.59 35.67 0.42
CA SER A 18 5.85 36.37 1.45
C SER A 18 5.03 35.39 2.28
N HIS A 19 5.57 35.04 3.44
CA HIS A 19 4.90 34.11 4.34
C HIS A 19 4.38 34.86 5.56
N MET A 20 3.58 35.89 5.30
CA MET A 20 3.02 36.69 6.37
C MET A 20 1.96 35.91 7.14
N PRO A 21 0.99 35.34 6.38
CA PRO A 21 -0.08 34.55 6.98
C PRO A 21 0.43 33.18 7.43
N TYR A 22 -0.47 32.42 8.04
CA TYR A 22 -0.13 31.10 8.51
C TYR A 22 0.48 30.25 7.39
N GLY A 23 1.03 29.11 7.79
CA GLY A 23 1.65 28.20 6.84
C GLY A 23 1.71 26.78 7.39
N TYR A 24 2.93 26.38 7.77
CA TYR A 24 3.14 25.05 8.31
C TYR A 24 2.23 24.80 9.52
N ALA A 25 1.75 25.90 10.10
CA ALA A 25 0.88 25.81 11.26
C ALA A 25 -0.56 25.56 10.78
N ALA A 26 -0.78 25.78 9.49
CA ALA A 26 -2.09 25.59 8.90
C ALA A 26 -2.20 24.15 8.40
N GLN A 27 -1.29 23.32 8.87
CA GLN A 27 -1.28 21.92 8.48
C GLN A 27 -2.41 21.16 9.18
N ALA A 28 -3.13 21.88 10.02
CA ALA A 28 -4.23 21.29 10.76
C ALA A 28 -5.27 20.76 9.77
N ARG A 29 -5.21 21.28 8.56
CA ARG A 29 -6.14 20.86 7.52
C ARG A 29 -5.80 19.45 7.04
N ALA A 30 -4.51 19.13 7.09
CA ALA A 30 -4.04 17.82 6.67
C ALA A 30 -4.51 16.76 7.68
N ARG A 31 -4.63 17.19 8.92
CA ARG A 31 -5.06 16.30 9.99
C ARG A 31 -6.48 15.79 9.70
N GLU A 32 -7.26 16.64 9.04
CA GLU A 32 -8.63 16.29 8.71
C GLU A 32 -8.66 15.41 7.46
N ARG A 33 -7.62 15.55 6.65
CA ARG A 33 -7.52 14.77 5.42
C ARG A 33 -6.78 13.45 5.69
N GLU A 34 -5.90 13.50 6.68
CA GLU A 34 -5.13 12.32 7.05
C GLU A 34 -6.07 11.17 7.43
N ARG A 35 -7.25 11.54 7.88
CA ARG A 35 -8.25 10.56 8.28
C ARG A 35 -8.59 9.64 7.10
N LEU A 36 -8.49 10.20 5.91
CA LEU A 36 -8.78 9.45 4.70
C LEU A 36 -7.50 8.76 4.20
N ALA A 37 -6.38 9.21 4.76
CA ALA A 37 -5.09 8.65 4.38
C ALA A 37 -4.86 7.35 5.16
N HIS A 38 -5.87 6.96 5.91
CA HIS A 38 -5.79 5.74 6.70
C HIS A 38 -6.29 4.55 5.87
N SER A 39 -6.92 4.87 4.75
CA SER A 39 -7.46 3.85 3.87
C SER A 39 -6.40 3.45 2.84
N ARG A 40 -5.43 4.33 2.66
CA ARG A 40 -4.36 4.08 1.72
C ARG A 40 -3.20 3.33 2.39
N ALA A 41 -3.49 2.85 3.59
CA ALA A 41 -2.50 2.11 4.36
C ALA A 41 -2.60 0.62 4.02
N ALA A 42 -2.51 0.34 2.73
CA ALA A 42 -2.59 -1.05 2.26
C ALA A 42 -1.79 -1.94 3.20
N ALA A 43 -2.42 -3.05 3.57
CA ALA A 43 -1.77 -4.00 4.47
C ALA A 43 -0.29 -4.14 4.07
N ALA A 44 -0.08 -4.64 2.87
CA ALA A 44 1.27 -4.83 2.37
C ALA A 44 2.14 -3.66 2.81
N ALA A 45 2.88 -3.89 3.88
CA ALA A 45 3.76 -2.87 4.42
C ALA A 45 5.21 -3.20 4.07
N ALA A 46 5.74 -4.20 4.77
CA ALA A 46 7.10 -4.63 4.54
C ALA A 46 7.29 -4.97 3.07
N VAL A 47 6.16 -5.21 2.40
CA VAL A 47 6.19 -5.54 1.00
C VAL A 47 6.08 -4.27 0.16
N ALA A 48 5.39 -3.28 0.73
CA ALA A 48 5.20 -2.01 0.06
C ALA A 48 6.52 -1.59 -0.59
N ALA A 49 7.55 -1.50 0.25
CA ALA A 49 8.87 -1.11 -0.22
C ALA A 49 9.45 -2.23 -1.08
N ALA A 50 9.40 -3.43 -0.54
CA ALA A 50 9.92 -4.59 -1.24
C ALA A 50 9.19 -4.75 -2.58
N THR A 51 9.60 -5.76 -3.34
CA THR A 51 9.00 -6.02 -4.62
C THR A 51 8.70 -4.70 -5.35
N ALA A 52 9.55 -3.72 -5.10
CA ALA A 52 9.38 -2.42 -5.71
C ALA A 52 9.17 -2.59 -7.22
N ALA A 53 10.27 -2.74 -7.94
CA ALA A 53 10.21 -2.92 -9.38
C ALA A 53 9.99 -4.40 -9.70
N VAL A 54 8.98 -4.97 -9.04
CA VAL A 54 8.66 -6.37 -9.24
C VAL A 54 7.18 -6.59 -8.95
N GLU A 55 6.35 -5.91 -9.74
CA GLU A 55 4.91 -6.03 -9.59
C GLU A 55 4.31 -6.81 -10.76
N GLY A 56 2.99 -6.97 -10.71
CA GLY A 56 2.29 -7.69 -11.76
C GLY A 56 2.72 -7.20 -13.15
N THR A 57 2.42 -5.93 -13.40
CA THR A 57 2.77 -5.34 -14.69
C THR A 57 2.53 -6.33 -15.82
N GLY A 58 1.29 -6.78 -15.93
CA GLY A 58 0.92 -7.73 -16.96
C GLY A 58 -0.35 -7.29 -17.69
N GLY A 59 -0.27 -6.14 -18.33
CA GLY A 59 -1.39 -5.60 -19.07
C GLY A 59 -0.95 -4.99 -20.40
N SER A 60 -1.74 -4.03 -20.86
CA SER A 60 -1.43 -3.36 -22.12
C SER A 60 -1.53 -1.85 -21.93
N GLY A 61 -0.82 -1.13 -22.80
CA GLY A 61 -0.81 0.32 -22.74
C GLY A 61 -0.29 0.92 -24.05
N GLY A 62 -1.22 1.36 -24.88
CA GLY A 62 -0.86 1.96 -26.15
C GLY A 62 -1.98 1.74 -27.18
N GLY A 63 -1.91 2.52 -28.26
CA GLY A 63 -2.89 2.43 -29.32
C GLY A 63 -2.46 3.23 -30.55
N PRO A 64 -3.14 2.95 -31.69
CA PRO A 64 -2.82 3.63 -32.94
C PRO A 64 -3.38 5.05 -32.93
N HIS A 65 -3.16 5.74 -34.04
CA HIS A 65 -3.64 7.11 -34.17
C HIS A 65 -4.33 7.28 -35.53
N HIS A 66 -5.58 7.72 -35.47
CA HIS A 66 -6.36 7.93 -36.67
C HIS A 66 -5.46 8.55 -37.75
N HIS A 67 -5.76 8.19 -39.00
CA HIS A 67 -5.00 8.70 -40.12
C HIS A 67 -5.71 8.35 -41.43
N HIS A 68 -5.60 9.25 -42.40
CA HIS A 68 -6.23 9.04 -43.69
C HIS A 68 -6.34 10.38 -44.43
N GLN A 69 -5.64 10.46 -45.54
CA GLN A 69 -5.65 11.67 -46.35
C GLN A 69 -7.08 12.00 -46.81
N THR A 70 -7.21 13.14 -47.46
CA THR A 70 -8.51 13.58 -47.95
C THR A 70 -9.00 12.63 -49.04
N ARG A 71 -10.22 12.89 -49.49
CA ARG A 71 -10.82 12.07 -50.54
C ARG A 71 -12.22 12.59 -50.87
N GLY A 72 -12.44 12.83 -52.16
CA GLY A 72 -13.72 13.33 -52.62
C GLY A 72 -14.52 12.22 -53.30
N ALA A 73 -14.19 11.98 -54.56
CA ALA A 73 -14.87 10.95 -55.33
C ALA A 73 -16.36 11.27 -55.40
N TYR A 74 -16.70 12.22 -56.26
CA TYR A 74 -18.08 12.61 -56.43
C TYR A 74 -18.45 12.71 -57.91
N SER A 75 -19.71 12.41 -58.20
CA SER A 75 -20.21 12.46 -59.56
C SER A 75 -20.42 13.91 -59.99
N SER A 76 -19.48 14.41 -60.78
CA SER A 76 -19.54 15.77 -61.26
C SER A 76 -20.45 15.84 -62.50
N HIS A 77 -21.29 16.86 -62.52
CA HIS A 77 -22.20 17.05 -63.64
C HIS A 77 -23.22 15.90 -63.67
N ASP A 78 -24.46 16.25 -63.98
CA ASP A 78 -25.53 15.27 -64.04
C ASP A 78 -25.07 14.09 -64.92
N MET A 4 13.42 7.75 47.08
CA MET A 4 13.38 6.73 46.04
C MET A 4 12.67 7.24 44.79
N GLU A 5 13.47 7.67 43.83
CA GLU A 5 12.94 8.18 42.58
C GLU A 5 13.50 7.38 41.39
N VAL A 6 12.59 6.96 40.52
CA VAL A 6 12.98 6.19 39.36
C VAL A 6 14.09 6.93 38.61
N ALA A 7 14.82 6.17 37.80
CA ALA A 7 15.91 6.73 37.04
C ALA A 7 15.36 7.39 35.77
N MET A 8 16.20 8.19 35.14
CA MET A 8 15.82 8.88 33.92
C MET A 8 16.71 8.47 32.76
N VAL A 9 16.11 8.43 31.57
CA VAL A 9 16.83 8.06 30.37
C VAL A 9 17.09 9.31 29.53
N SER A 10 17.53 9.08 28.31
CA SER A 10 17.82 10.17 27.39
C SER A 10 17.54 9.75 25.95
N ALA A 11 16.68 10.50 25.30
CA ALA A 11 16.32 10.21 23.92
C ALA A 11 17.31 10.92 22.98
N GLU A 12 18.41 10.23 22.71
CA GLU A 12 19.43 10.77 21.84
C GLU A 12 18.79 11.40 20.59
N SER A 13 19.61 12.13 19.85
CA SER A 13 19.14 12.79 18.65
C SER A 13 20.31 13.49 17.94
N SER A 14 20.13 13.70 16.65
CA SER A 14 21.15 14.36 15.85
C SER A 14 20.68 14.50 14.40
N GLY A 15 21.12 15.59 13.77
CA GLY A 15 20.74 15.86 12.40
C GLY A 15 19.52 16.76 12.32
N CYS A 16 19.45 17.52 11.24
CA CYS A 16 18.34 18.44 11.04
C CYS A 16 17.91 18.36 9.58
N ASN A 17 17.60 17.15 9.14
CA ASN A 17 17.19 16.94 7.77
C ASN A 17 15.65 16.88 7.71
N SER A 18 15.04 17.51 8.69
CA SER A 18 13.59 17.54 8.77
C SER A 18 13.14 18.30 10.02
N HIS A 19 12.69 19.53 9.81
CA HIS A 19 12.24 20.37 10.91
C HIS A 19 11.09 21.25 10.44
N MET A 20 9.93 20.62 10.26
CA MET A 20 8.75 21.34 9.83
C MET A 20 8.70 22.74 10.43
N PRO A 21 9.15 23.73 9.63
CA PRO A 21 9.16 25.12 10.08
C PRO A 21 7.75 25.71 10.06
N TYR A 22 7.69 27.02 10.18
CA TYR A 22 6.42 27.72 10.18
C TYR A 22 5.53 27.24 9.04
N GLY A 23 4.30 27.74 9.03
CA GLY A 23 3.34 27.36 8.00
C GLY A 23 2.77 25.97 8.28
N TYR A 24 3.25 25.36 9.35
CA TYR A 24 2.80 24.04 9.73
C TYR A 24 1.42 24.10 10.40
N ALA A 25 1.04 25.31 10.76
CA ALA A 25 -0.25 25.53 11.41
C ALA A 25 -1.37 25.40 10.36
N ALA A 26 -1.07 25.90 9.17
CA ALA A 26 -2.04 25.84 8.09
C ALA A 26 -2.15 24.41 7.56
N GLN A 27 -1.29 23.55 8.11
CA GLN A 27 -1.28 22.16 7.72
C GLN A 27 -2.25 21.35 8.58
N ALA A 28 -2.87 22.05 9.53
CA ALA A 28 -3.82 21.41 10.43
C ALA A 28 -4.98 20.84 9.61
N ARG A 29 -5.13 21.36 8.41
CA ARG A 29 -6.20 20.91 7.52
C ARG A 29 -5.88 19.52 6.98
N ALA A 30 -4.59 19.25 6.84
CA ALA A 30 -4.14 17.95 6.34
C ALA A 30 -4.40 16.89 7.40
N ARG A 31 -4.35 17.31 8.65
CA ARG A 31 -4.57 16.39 9.76
C ARG A 31 -5.99 15.84 9.70
N GLU A 32 -6.90 16.65 9.17
CA GLU A 32 -8.28 16.25 9.05
C GLU A 32 -8.48 15.36 7.82
N ARG A 33 -7.59 15.54 6.86
CA ARG A 33 -7.65 14.77 5.62
C ARG A 33 -6.83 13.49 5.76
N GLU A 34 -5.80 13.57 6.60
CA GLU A 34 -4.94 12.42 6.83
C GLU A 34 -5.75 11.25 7.38
N ARG A 35 -6.85 11.58 8.04
CA ARG A 35 -7.71 10.57 8.62
C ARG A 35 -8.24 9.63 7.54
N LEU A 36 -8.38 10.19 6.35
CA LEU A 36 -8.86 9.42 5.22
C LEU A 36 -7.68 8.78 4.49
N ALA A 37 -6.50 9.26 4.82
CA ALA A 37 -5.28 8.75 4.21
C ALA A 37 -4.85 7.47 4.92
N HIS A 38 -5.70 7.04 5.85
CA HIS A 38 -5.42 5.83 6.61
C HIS A 38 -6.03 4.63 5.90
N SER A 39 -6.88 4.92 4.92
CA SER A 39 -7.53 3.87 4.15
C SER A 39 -6.68 3.50 2.94
N ARG A 40 -5.78 4.41 2.58
CA ARG A 40 -4.90 4.19 1.45
C ARG A 40 -3.61 3.51 1.90
N ALA A 41 -3.63 3.03 3.14
CA ALA A 41 -2.48 2.37 3.70
C ALA A 41 -2.56 0.87 3.39
N ALA A 42 -2.74 0.57 2.12
CA ALA A 42 -2.84 -0.81 1.67
C ALA A 42 -1.44 -1.42 1.63
N ALA A 43 -0.82 -1.47 2.80
CA ALA A 43 0.52 -2.03 2.92
C ALA A 43 0.41 -3.53 3.18
N ALA A 44 -0.19 -3.86 4.31
CA ALA A 44 -0.35 -5.25 4.70
C ALA A 44 -0.65 -5.34 6.19
N ALA A 45 -1.73 -4.66 6.58
CA ALA A 45 -2.12 -4.64 7.99
C ALA A 45 -2.99 -5.88 8.26
N ALA A 46 -4.11 -5.95 7.55
CA ALA A 46 -5.02 -7.07 7.71
C ALA A 46 -4.24 -8.38 7.70
N VAL A 47 -3.08 -8.33 7.06
CA VAL A 47 -2.23 -9.50 6.96
C VAL A 47 -1.17 -9.46 8.07
N ALA A 48 -0.79 -8.24 8.43
CA ALA A 48 0.20 -8.05 9.48
C ALA A 48 -0.06 -9.04 10.61
N ALA A 49 -1.24 -8.91 11.21
CA ALA A 49 -1.61 -9.80 12.30
C ALA A 49 -1.52 -11.25 11.84
N ALA A 50 -2.29 -11.57 10.81
CA ALA A 50 -2.30 -12.91 10.27
C ALA A 50 -0.90 -13.25 9.72
N THR A 51 -0.81 -14.43 9.14
CA THR A 51 0.46 -14.88 8.57
C THR A 51 0.40 -16.38 8.27
N ALA A 52 0.89 -16.73 7.10
CA ALA A 52 0.90 -18.13 6.68
C ALA A 52 1.50 -18.98 7.79
N ALA A 53 1.51 -20.28 7.56
CA ALA A 53 2.05 -21.22 8.53
C ALA A 53 3.56 -21.33 8.34
N VAL A 54 4.20 -20.18 8.28
CA VAL A 54 5.65 -20.13 8.10
C VAL A 54 6.05 -21.09 6.97
N GLU A 55 5.39 -20.94 5.84
CA GLU A 55 5.66 -21.78 4.69
C GLU A 55 6.99 -21.40 4.07
N GLY A 56 7.61 -22.37 3.40
CA GLY A 56 8.89 -22.15 2.76
C GLY A 56 9.32 -23.39 1.97
N THR A 57 9.54 -24.47 2.70
CA THR A 57 9.95 -25.72 2.08
C THR A 57 11.27 -25.52 1.34
N GLY A 58 12.34 -25.34 2.11
CA GLY A 58 13.66 -25.16 1.53
C GLY A 58 14.40 -26.49 1.39
N GLY A 59 14.54 -26.92 0.15
CA GLY A 59 15.23 -28.17 -0.13
C GLY A 59 14.27 -29.20 -0.74
N SER A 60 13.55 -29.88 0.13
CA SER A 60 12.60 -30.89 -0.31
C SER A 60 13.33 -32.03 -1.00
N GLY A 61 12.89 -33.25 -0.69
CA GLY A 61 13.49 -34.43 -1.27
C GLY A 61 13.41 -35.62 -0.31
N GLY A 62 14.56 -36.24 -0.08
CA GLY A 62 14.64 -37.37 0.82
C GLY A 62 14.65 -38.69 0.04
N GLY A 63 13.52 -39.36 0.06
CA GLY A 63 13.40 -40.64 -0.64
C GLY A 63 14.52 -41.59 -0.26
N PRO A 64 14.27 -42.38 0.81
CA PRO A 64 15.27 -43.34 1.29
C PRO A 64 15.34 -44.55 0.36
N HIS A 65 15.97 -44.34 -0.79
CA HIS A 65 16.12 -45.41 -1.77
C HIS A 65 17.34 -46.27 -1.40
N HIS A 66 17.06 -47.32 -0.64
CA HIS A 66 18.12 -48.23 -0.21
C HIS A 66 19.10 -48.45 -1.37
N HIS A 67 18.58 -49.09 -2.41
CA HIS A 67 19.39 -49.38 -3.58
C HIS A 67 20.50 -50.35 -3.21
N HIS A 68 20.84 -51.22 -4.16
CA HIS A 68 21.89 -52.20 -3.95
C HIS A 68 21.75 -53.32 -4.98
N GLN A 69 22.88 -53.92 -5.30
CA GLN A 69 22.91 -55.01 -6.26
C GLN A 69 23.74 -56.19 -5.72
N THR A 70 23.85 -57.21 -6.55
CA THR A 70 24.61 -58.40 -6.17
C THR A 70 25.00 -59.20 -7.41
N ARG A 71 25.85 -60.20 -7.18
CA ARG A 71 26.31 -61.03 -8.28
C ARG A 71 27.27 -62.11 -7.74
N GLY A 72 26.84 -63.36 -7.89
CA GLY A 72 27.64 -64.48 -7.43
C GLY A 72 28.19 -65.28 -8.61
N ALA A 73 27.31 -66.05 -9.22
CA ALA A 73 27.70 -66.87 -10.37
C ALA A 73 26.44 -67.29 -11.13
N TYR A 74 26.18 -66.59 -12.22
CA TYR A 74 25.02 -66.89 -13.04
C TYR A 74 25.28 -68.09 -13.94
N SER A 75 24.39 -69.07 -13.83
CA SER A 75 24.51 -70.29 -14.63
C SER A 75 25.68 -71.13 -14.11
N SER A 76 25.72 -72.36 -14.59
CA SER A 76 26.78 -73.28 -14.19
C SER A 76 26.78 -73.44 -12.67
N HIS A 77 27.52 -74.43 -12.21
CA HIS A 77 27.63 -74.69 -10.78
C HIS A 77 28.92 -74.09 -10.24
N ASP A 78 28.84 -73.58 -9.03
CA ASP A 78 30.00 -72.98 -8.39
C ASP A 78 30.49 -71.80 -9.23
N MET A 4 -4.53 51.48 3.48
CA MET A 4 -4.05 51.24 2.13
C MET A 4 -3.36 49.88 2.02
N GLU A 5 -3.41 49.32 0.82
CA GLU A 5 -2.79 48.02 0.58
C GLU A 5 -1.69 48.15 -0.47
N VAL A 6 -0.55 48.67 -0.02
CA VAL A 6 0.59 48.85 -0.91
C VAL A 6 1.27 47.50 -1.13
N ALA A 7 2.05 47.44 -2.20
CA ALA A 7 2.77 46.22 -2.54
C ALA A 7 4.05 46.15 -1.72
N MET A 8 3.89 45.72 -0.47
CA MET A 8 5.03 45.60 0.43
C MET A 8 5.65 44.20 0.34
N VAL A 9 6.88 44.11 0.82
CA VAL A 9 7.60 42.84 0.80
C VAL A 9 6.87 41.83 1.70
N SER A 10 7.55 40.73 1.96
CA SER A 10 6.99 39.68 2.80
C SER A 10 7.21 40.03 4.27
N ALA A 11 6.53 39.29 5.13
CA ALA A 11 6.65 39.49 6.56
C ALA A 11 7.92 38.82 7.08
N GLU A 12 9.06 39.35 6.65
CA GLU A 12 10.34 38.81 7.06
C GLU A 12 10.29 38.38 8.52
N SER A 13 11.13 37.41 8.85
CA SER A 13 11.20 36.90 10.20
C SER A 13 12.28 37.64 10.99
N SER A 14 13.50 37.57 10.48
CA SER A 14 14.63 38.23 11.13
C SER A 14 14.52 38.09 12.64
N GLY A 15 14.93 36.92 13.13
CA GLY A 15 14.89 36.64 14.55
C GLY A 15 14.91 35.13 14.81
N CYS A 16 13.89 34.46 14.27
CA CYS A 16 13.78 33.02 14.45
C CYS A 16 13.46 32.73 15.91
N ASN A 17 12.27 33.15 16.32
CA ASN A 17 11.82 32.94 17.68
C ASN A 17 11.02 31.64 17.77
N SER A 18 11.29 30.75 16.82
CA SER A 18 10.62 29.47 16.78
C SER A 18 9.13 29.68 16.46
N HIS A 19 8.86 29.91 15.18
CA HIS A 19 7.49 30.13 14.73
C HIS A 19 7.48 30.32 13.22
N MET A 20 7.53 29.20 12.51
CA MET A 20 7.51 29.23 11.06
C MET A 20 6.28 29.97 10.54
N PRO A 21 6.35 30.35 9.24
CA PRO A 21 5.25 31.07 8.60
C PRO A 21 4.09 30.12 8.29
N TYR A 22 3.01 30.70 7.80
CA TYR A 22 1.83 29.93 7.46
C TYR A 22 2.21 28.61 6.77
N GLY A 23 2.23 27.55 7.56
CA GLY A 23 2.59 26.24 7.04
C GLY A 23 2.06 25.13 7.95
N TYR A 24 2.97 24.51 8.67
CA TYR A 24 2.61 23.43 9.58
C TYR A 24 1.32 23.76 10.32
N ALA A 25 1.19 25.02 10.71
CA ALA A 25 0.00 25.47 11.43
C ALA A 25 -1.21 25.40 10.50
N ALA A 26 -1.03 25.94 9.31
CA ALA A 26 -2.09 25.94 8.32
C ALA A 26 -2.24 24.54 7.73
N GLN A 27 -1.34 23.66 8.14
CA GLN A 27 -1.36 22.28 7.67
C GLN A 27 -2.26 21.43 8.57
N ALA A 28 -2.80 22.07 9.59
CA ALA A 28 -3.68 21.39 10.53
C ALA A 28 -4.90 20.86 9.78
N ARG A 29 -5.15 21.44 8.62
CA ARG A 29 -6.28 21.03 7.79
C ARG A 29 -6.00 19.66 7.16
N ALA A 30 -4.73 19.41 6.90
CA ALA A 30 -4.33 18.16 6.30
C ALA A 30 -4.51 17.03 7.31
N ARG A 31 -4.35 17.38 8.58
CA ARG A 31 -4.49 16.41 9.65
C ARG A 31 -5.92 15.86 9.68
N GLU A 32 -6.85 16.69 9.26
CA GLU A 32 -8.25 16.30 9.23
C GLU A 32 -8.54 15.48 7.97
N ARG A 33 -7.73 15.71 6.95
CA ARG A 33 -7.89 15.00 5.69
C ARG A 33 -7.06 13.71 5.70
N GLU A 34 -5.97 13.75 6.46
CA GLU A 34 -5.09 12.59 6.56
C GLU A 34 -5.85 11.40 7.14
N ARG A 35 -6.97 11.70 7.79
CA ARG A 35 -7.80 10.67 8.40
C ARG A 35 -8.26 9.68 7.34
N LEU A 36 -8.38 10.18 6.12
CA LEU A 36 -8.82 9.35 5.00
C LEU A 36 -7.60 8.70 4.35
N ALA A 37 -6.43 9.21 4.70
CA ALA A 37 -5.18 8.69 4.16
C ALA A 37 -4.77 7.44 4.95
N HIS A 38 -5.64 7.05 5.86
CA HIS A 38 -5.38 5.88 6.69
C HIS A 38 -5.95 4.64 6.01
N SER A 39 -6.76 4.87 4.99
CA SER A 39 -7.37 3.78 4.25
C SER A 39 -6.47 3.36 3.09
N ARG A 40 -5.58 4.26 2.72
CA ARG A 40 -4.65 4.01 1.63
C ARG A 40 -3.37 3.37 2.16
N ALA A 41 -3.43 2.95 3.41
CA ALA A 41 -2.29 2.32 4.05
C ALA A 41 -2.33 0.81 3.80
N ALA A 42 -3.47 0.22 4.16
CA ALA A 42 -3.65 -1.21 3.98
C ALA A 42 -3.99 -1.49 2.51
N ALA A 43 -3.03 -1.19 1.65
CA ALA A 43 -3.21 -1.40 0.22
C ALA A 43 -2.85 -2.86 -0.12
N ALA A 44 -1.59 -3.19 0.09
CA ALA A 44 -1.10 -4.52 -0.19
C ALA A 44 -1.04 -4.74 -1.71
N ALA A 45 -0.40 -3.79 -2.38
CA ALA A 45 -0.28 -3.86 -3.83
C ALA A 45 1.19 -4.13 -4.18
N ALA A 46 1.99 -3.08 -4.14
CA ALA A 46 3.40 -3.19 -4.46
C ALA A 46 4.01 -4.35 -3.67
N VAL A 47 3.33 -4.70 -2.58
CA VAL A 47 3.80 -5.78 -1.73
C VAL A 47 3.11 -7.08 -2.17
N ALA A 48 1.89 -6.94 -2.67
CA ALA A 48 1.13 -8.08 -3.12
C ALA A 48 2.02 -8.98 -3.98
N ALA A 49 2.52 -8.40 -5.07
CA ALA A 49 3.37 -9.13 -5.98
C ALA A 49 4.61 -9.63 -5.22
N ALA A 50 5.18 -8.73 -4.43
CA ALA A 50 6.36 -9.06 -3.65
C ALA A 50 6.03 -10.21 -2.70
N THR A 51 6.93 -10.43 -1.75
CA THR A 51 6.74 -11.51 -0.79
C THR A 51 8.05 -11.78 -0.04
N ALA A 52 7.92 -12.08 1.24
CA ALA A 52 9.07 -12.37 2.07
C ALA A 52 10.04 -13.28 1.31
N ALA A 53 11.10 -12.66 0.78
CA ALA A 53 12.09 -13.41 0.03
C ALA A 53 13.11 -14.01 1.00
N VAL A 54 12.58 -14.69 2.00
CA VAL A 54 13.43 -15.32 3.00
C VAL A 54 13.02 -16.79 3.15
N GLU A 55 12.98 -17.47 2.02
CA GLU A 55 12.62 -18.88 2.00
C GLU A 55 13.84 -19.74 1.70
N GLY A 56 13.86 -20.92 2.32
CA GLY A 56 14.97 -21.84 2.13
C GLY A 56 14.46 -23.27 1.88
N THR A 57 14.46 -24.05 2.96
CA THR A 57 14.00 -25.43 2.87
C THR A 57 13.94 -26.05 4.27
N GLY A 58 13.31 -27.21 4.34
CA GLY A 58 13.19 -27.92 5.60
C GLY A 58 14.56 -28.31 6.15
N GLY A 59 14.71 -29.61 6.39
CA GLY A 59 15.97 -30.12 6.91
C GLY A 59 16.90 -30.56 5.79
N SER A 60 17.99 -29.82 5.64
CA SER A 60 18.97 -30.12 4.60
C SER A 60 20.39 -29.98 5.16
N GLY A 61 21.18 -31.02 4.94
CA GLY A 61 22.55 -31.03 5.41
C GLY A 61 23.27 -32.32 5.00
N GLY A 62 24.59 -32.26 5.05
CA GLY A 62 25.40 -33.41 4.68
C GLY A 62 26.85 -33.23 5.16
N GLY A 63 27.78 -33.53 4.26
CA GLY A 63 29.19 -33.41 4.57
C GLY A 63 29.95 -34.67 4.13
N PRO A 64 31.31 -34.54 4.15
CA PRO A 64 32.17 -35.65 3.75
C PRO A 64 32.20 -36.73 4.84
N HIS A 65 31.84 -37.94 4.44
CA HIS A 65 31.83 -39.06 5.35
C HIS A 65 32.33 -40.32 4.64
N HIS A 66 32.55 -41.36 5.43
CA HIS A 66 33.02 -42.62 4.88
C HIS A 66 34.24 -42.37 4.00
N HIS A 67 35.42 -42.56 4.59
CA HIS A 67 36.66 -42.37 3.86
C HIS A 67 37.41 -43.69 3.76
N HIS A 68 37.11 -44.41 2.68
CA HIS A 68 37.75 -45.70 2.46
C HIS A 68 39.23 -45.63 2.87
N GLN A 69 39.59 -46.51 3.80
CA GLN A 69 40.95 -46.55 4.29
C GLN A 69 41.93 -46.71 3.12
N THR A 70 43.21 -46.77 3.47
CA THR A 70 44.25 -46.93 2.47
C THR A 70 44.13 -48.28 1.78
N ARG A 71 44.02 -48.24 0.46
CA ARG A 71 43.91 -49.46 -0.32
C ARG A 71 45.08 -50.40 -0.03
N GLY A 72 44.83 -51.68 -0.24
CA GLY A 72 45.86 -52.69 0.00
C GLY A 72 45.27 -53.91 0.71
N ALA A 73 44.89 -54.89 -0.09
CA ALA A 73 44.31 -56.12 0.46
C ALA A 73 44.92 -57.32 -0.26
N TYR A 74 46.15 -57.63 0.10
CA TYR A 74 46.85 -58.75 -0.50
C TYR A 74 48.12 -59.10 0.29
N SER A 75 48.49 -60.36 0.23
CA SER A 75 49.67 -60.84 0.93
C SER A 75 50.03 -62.25 0.45
N SER A 76 51.32 -62.47 0.29
CA SER A 76 51.82 -63.76 -0.17
C SER A 76 53.35 -63.78 -0.13
N HIS A 77 53.88 -64.91 0.31
CA HIS A 77 55.33 -65.07 0.41
C HIS A 77 55.69 -66.56 0.29
N ASP A 78 55.93 -66.96 -0.95
CA ASP A 78 56.29 -68.35 -1.21
C ASP A 78 57.68 -68.63 -0.65
N MET A 4 -21.37 45.38 28.47
CA MET A 4 -21.20 44.39 27.41
C MET A 4 -21.83 43.06 27.80
N GLU A 5 -22.04 42.22 26.78
CA GLU A 5 -22.64 40.92 27.00
C GLU A 5 -21.54 39.84 27.05
N VAL A 6 -20.83 39.80 28.17
CA VAL A 6 -19.76 38.83 28.34
C VAL A 6 -18.87 38.83 27.09
N ALA A 7 -17.94 37.89 27.08
CA ALA A 7 -17.02 37.77 25.96
C ALA A 7 -17.69 36.94 24.85
N MET A 8 -17.79 37.56 23.68
CA MET A 8 -18.40 36.91 22.54
C MET A 8 -17.62 35.64 22.16
N VAL A 9 -18.37 34.64 21.71
CA VAL A 9 -17.76 33.38 21.31
C VAL A 9 -17.21 33.52 19.89
N SER A 10 -16.31 32.60 19.55
CA SER A 10 -15.69 32.61 18.24
C SER A 10 -15.06 33.97 17.96
N ALA A 11 -13.82 34.12 18.42
CA ALA A 11 -13.10 35.35 18.23
C ALA A 11 -12.72 35.50 16.76
N GLU A 12 -13.56 36.21 16.03
CA GLU A 12 -13.33 36.43 14.61
C GLU A 12 -14.16 37.61 14.11
N SER A 13 -13.61 38.31 13.13
CA SER A 13 -14.28 39.46 12.56
C SER A 13 -13.91 39.61 11.08
N SER A 14 -12.61 39.74 10.83
CA SER A 14 -12.12 39.87 9.48
C SER A 14 -10.62 39.60 9.43
N GLY A 15 -10.27 38.36 9.15
CA GLY A 15 -8.88 37.96 9.08
C GLY A 15 -8.19 38.12 10.43
N CYS A 16 -8.63 37.31 11.39
CA CYS A 16 -8.06 37.35 12.72
C CYS A 16 -8.42 36.05 13.44
N ASN A 17 -7.86 34.96 12.93
CA ASN A 17 -8.12 33.65 13.51
C ASN A 17 -6.93 33.25 14.39
N SER A 18 -6.22 34.26 14.86
CA SER A 18 -5.06 34.03 15.72
C SER A 18 -4.01 33.20 14.96
N HIS A 19 -3.01 33.92 14.45
CA HIS A 19 -1.94 33.27 13.71
C HIS A 19 -0.60 33.73 14.26
N MET A 20 -0.32 33.33 15.48
CA MET A 20 0.94 33.69 16.13
C MET A 20 2.12 32.96 15.48
N PRO A 21 1.98 31.61 15.37
CA PRO A 21 3.02 30.80 14.77
C PRO A 21 3.04 30.96 13.25
N TYR A 22 4.08 30.41 12.64
CA TYR A 22 4.22 30.48 11.21
C TYR A 22 3.00 29.87 10.50
N GLY A 23 2.99 30.02 9.18
CA GLY A 23 1.89 29.50 8.39
C GLY A 23 1.94 27.97 8.34
N TYR A 24 2.99 27.42 8.93
CA TYR A 24 3.16 25.97 8.96
C TYR A 24 2.11 25.31 9.85
N ALA A 25 1.46 26.14 10.67
CA ALA A 25 0.44 25.65 11.57
C ALA A 25 -0.87 25.49 10.80
N ALA A 26 -0.80 25.76 9.51
CA ALA A 26 -1.97 25.64 8.65
C ALA A 26 -2.04 24.23 8.08
N GLN A 27 -1.28 23.33 8.70
CA GLN A 27 -1.25 21.95 8.27
C GLN A 27 -2.32 21.14 8.99
N ALA A 28 -3.03 21.82 9.88
CA ALA A 28 -4.08 21.17 10.65
C ALA A 28 -5.15 20.64 9.70
N ARG A 29 -5.16 21.20 8.50
CA ARG A 29 -6.12 20.79 7.49
C ARG A 29 -5.77 19.40 6.95
N ALA A 30 -4.48 19.12 6.94
CA ALA A 30 -4.00 17.84 6.45
C ALA A 30 -4.39 16.74 7.44
N ARG A 31 -4.46 17.13 8.71
CA ARG A 31 -4.82 16.19 9.75
C ARG A 31 -6.24 15.66 9.52
N GLU A 32 -7.06 16.50 8.92
CA GLU A 32 -8.44 16.13 8.64
C GLU A 32 -8.51 15.29 7.37
N ARG A 33 -7.51 15.47 6.52
CA ARG A 33 -7.45 14.74 5.27
C ARG A 33 -6.67 13.44 5.46
N GLU A 34 -5.74 13.47 6.41
CA GLU A 34 -4.92 12.31 6.69
C GLU A 34 -5.79 11.17 7.26
N ARG A 35 -6.90 11.57 7.88
CA ARG A 35 -7.82 10.61 8.46
C ARG A 35 -8.34 9.65 7.38
N LEU A 36 -8.42 10.17 6.17
CA LEU A 36 -8.90 9.38 5.05
C LEU A 36 -7.72 8.68 4.39
N ALA A 37 -6.53 9.13 4.74
CA ALA A 37 -5.31 8.55 4.19
C ALA A 37 -4.96 7.28 4.96
N HIS A 38 -5.84 6.91 5.88
CA HIS A 38 -5.64 5.73 6.70
C HIS A 38 -6.27 4.52 6.00
N SER A 39 -7.07 4.81 4.98
CA SER A 39 -7.73 3.76 4.23
C SER A 39 -6.86 3.31 3.06
N ARG A 40 -5.92 4.18 2.69
CA ARG A 40 -5.01 3.89 1.61
C ARG A 40 -3.76 3.18 2.13
N ALA A 41 -3.85 2.75 3.38
CA ALA A 41 -2.73 2.05 4.01
C ALA A 41 -2.82 0.56 3.68
N ALA A 42 -4.01 0.00 3.89
CA ALA A 42 -4.24 -1.40 3.62
C ALA A 42 -3.82 -1.72 2.18
N ALA A 43 -3.78 -0.68 1.37
CA ALA A 43 -3.40 -0.84 -0.03
C ALA A 43 -2.12 -1.66 -0.12
N ALA A 44 -0.99 -0.97 0.05
CA ALA A 44 0.30 -1.62 0.00
C ALA A 44 1.39 -0.56 -0.23
N ALA A 45 1.64 0.21 0.81
CA ALA A 45 2.65 1.26 0.74
C ALA A 45 3.74 0.99 1.77
N ALA A 46 3.38 1.19 3.03
CA ALA A 46 4.32 0.96 4.12
C ALA A 46 4.96 -0.43 3.96
N VAL A 47 4.25 -1.28 3.24
CA VAL A 47 4.73 -2.63 3.01
C VAL A 47 5.56 -2.67 1.73
N ALA A 48 5.19 -1.79 0.79
CA ALA A 48 5.89 -1.71 -0.47
C ALA A 48 7.40 -1.67 -0.22
N ALA A 49 7.76 -1.04 0.88
CA ALA A 49 9.17 -0.92 1.25
C ALA A 49 9.58 -2.15 2.06
N ALA A 50 8.60 -2.70 2.77
CA ALA A 50 8.85 -3.87 3.59
C ALA A 50 8.60 -5.14 2.76
N THR A 51 8.61 -4.95 1.45
CA THR A 51 8.39 -6.06 0.53
C THR A 51 7.31 -7.00 1.08
N ALA A 52 6.08 -6.73 0.69
CA ALA A 52 4.96 -7.52 1.13
C ALA A 52 5.33 -9.01 1.04
N ALA A 53 5.58 -9.59 2.21
CA ALA A 53 5.95 -10.99 2.28
C ALA A 53 4.69 -11.85 2.30
N VAL A 54 3.81 -11.57 1.35
CA VAL A 54 2.56 -12.30 1.25
C VAL A 54 1.92 -12.42 2.63
N GLU A 55 1.79 -11.27 3.29
CA GLU A 55 1.20 -11.24 4.61
C GLU A 55 -0.30 -11.00 4.52
N GLY A 56 -1.02 -11.50 5.52
CA GLY A 56 -2.46 -11.34 5.56
C GLY A 56 -3.08 -12.36 6.53
N THR A 57 -3.29 -11.92 7.75
CA THR A 57 -3.88 -12.77 8.78
C THR A 57 -4.89 -11.99 9.61
N GLY A 58 -5.62 -12.72 10.44
CA GLY A 58 -6.62 -12.11 11.30
C GLY A 58 -6.84 -12.94 12.57
N GLY A 59 -7.86 -12.56 13.31
CA GLY A 59 -8.19 -13.26 14.54
C GLY A 59 -9.43 -12.66 15.21
N SER A 60 -9.87 -13.31 16.27
CA SER A 60 -11.04 -12.84 17.00
C SER A 60 -11.07 -13.49 18.38
N GLY A 61 -12.00 -12.99 19.21
CA GLY A 61 -12.14 -13.52 20.56
C GLY A 61 -13.59 -13.42 21.02
N GLY A 62 -13.81 -13.79 22.28
CA GLY A 62 -15.14 -13.75 22.85
C GLY A 62 -15.20 -14.55 24.15
N GLY A 63 -16.41 -14.92 24.53
CA GLY A 63 -16.63 -15.68 25.76
C GLY A 63 -17.65 -15.00 26.66
N PRO A 64 -18.93 -15.43 26.49
CA PRO A 64 -20.02 -14.87 27.28
C PRO A 64 -19.98 -15.41 28.71
N HIS A 65 -20.82 -14.82 29.55
CA HIS A 65 -20.89 -15.23 30.95
C HIS A 65 -22.35 -15.14 31.43
N HIS A 66 -22.61 -15.80 32.55
CA HIS A 66 -23.95 -15.80 33.11
C HIS A 66 -24.54 -14.38 33.02
N HIS A 67 -25.86 -14.33 33.07
CA HIS A 67 -26.56 -13.07 33.00
C HIS A 67 -27.43 -12.88 34.24
N HIS A 68 -26.76 -12.84 35.38
CA HIS A 68 -27.46 -12.67 36.65
C HIS A 68 -28.72 -13.53 36.66
N GLN A 69 -28.58 -14.76 37.14
CA GLN A 69 -29.69 -15.68 37.21
C GLN A 69 -30.54 -15.40 38.45
N THR A 70 -31.69 -16.05 38.51
CA THR A 70 -32.59 -15.88 39.63
C THR A 70 -33.56 -17.07 39.73
N ARG A 71 -34.31 -17.09 40.82
CA ARG A 71 -35.27 -18.16 41.03
C ARG A 71 -36.07 -17.90 42.32
N GLY A 72 -37.21 -17.25 42.14
CA GLY A 72 -38.08 -16.93 43.26
C GLY A 72 -38.38 -18.18 44.08
N ALA A 73 -39.56 -18.74 43.85
CA ALA A 73 -39.98 -19.93 44.57
C ALA A 73 -40.08 -19.62 46.06
N TYR A 74 -41.18 -20.05 46.66
CA TYR A 74 -41.40 -19.82 48.07
C TYR A 74 -42.21 -20.96 48.70
N SER A 75 -41.64 -21.55 49.74
CA SER A 75 -42.30 -22.65 50.42
C SER A 75 -43.36 -22.12 51.38
N SER A 76 -44.36 -22.94 51.64
CA SER A 76 -45.45 -22.57 52.53
C SER A 76 -45.00 -22.71 53.98
N HIS A 77 -45.83 -22.20 54.88
CA HIS A 77 -45.54 -22.27 56.30
C HIS A 77 -46.82 -22.55 57.07
N ASP A 78 -46.68 -23.37 58.11
CA ASP A 78 -47.82 -23.73 58.94
C ASP A 78 -47.43 -23.60 60.41
N MET A 4 -19.24 33.57 15.54
CA MET A 4 -18.08 33.27 14.73
C MET A 4 -18.26 33.76 13.29
N GLU A 5 -17.77 34.97 13.04
CA GLU A 5 -17.87 35.55 11.72
C GLU A 5 -16.95 36.77 11.60
N VAL A 6 -15.76 36.52 11.08
CA VAL A 6 -14.78 37.57 10.90
C VAL A 6 -14.18 37.49 9.49
N ALA A 7 -13.57 38.59 9.08
CA ALA A 7 -12.95 38.66 7.77
C ALA A 7 -11.51 38.15 7.85
N MET A 8 -10.91 37.98 6.68
CA MET A 8 -9.54 37.50 6.62
C MET A 8 -8.74 38.29 5.57
N VAL A 9 -7.43 38.08 5.59
CA VAL A 9 -6.54 38.76 4.66
C VAL A 9 -5.57 37.74 4.06
N SER A 10 -4.92 38.16 2.98
CA SER A 10 -3.97 37.30 2.30
C SER A 10 -3.04 38.14 1.43
N ALA A 11 -1.87 37.57 1.14
CA ALA A 11 -0.89 38.26 0.31
C ALA A 11 -1.13 37.90 -1.15
N GLU A 12 -2.17 38.50 -1.72
CA GLU A 12 -2.51 38.26 -3.11
C GLU A 12 -1.24 38.15 -3.96
N SER A 13 -1.38 37.49 -5.10
CA SER A 13 -0.26 37.31 -6.00
C SER A 13 1.00 36.99 -5.22
N SER A 14 1.22 35.70 -5.01
CA SER A 14 2.39 35.25 -4.27
C SER A 14 2.36 33.73 -4.13
N GLY A 15 3.38 33.09 -4.70
CA GLY A 15 3.48 31.64 -4.64
C GLY A 15 3.71 31.16 -3.20
N CYS A 16 4.65 30.25 -3.05
CA CYS A 16 4.97 29.71 -1.75
C CYS A 16 6.44 30.02 -1.45
N ASN A 17 6.75 31.31 -1.45
CA ASN A 17 8.11 31.75 -1.17
C ASN A 17 8.15 32.43 0.20
N SER A 18 7.20 32.06 1.03
CA SER A 18 7.12 32.62 2.37
C SER A 18 5.89 32.08 3.10
N HIS A 19 6.14 31.16 4.02
CA HIS A 19 5.07 30.55 4.79
C HIS A 19 5.14 31.05 6.24
N MET A 20 5.06 32.37 6.38
CA MET A 20 5.11 32.96 7.70
C MET A 20 3.77 32.80 8.44
N PRO A 21 2.68 33.21 7.73
CA PRO A 21 1.35 33.11 8.30
C PRO A 21 0.85 31.66 8.30
N TYR A 22 -0.37 31.48 8.78
CA TYR A 22 -0.96 30.15 8.84
C TYR A 22 -0.58 29.33 7.61
N GLY A 23 0.20 28.29 7.85
CA GLY A 23 0.63 27.41 6.77
C GLY A 23 1.04 26.04 7.31
N TYR A 24 2.34 25.82 7.33
CA TYR A 24 2.88 24.55 7.83
C TYR A 24 2.26 24.19 9.17
N ALA A 25 2.13 25.19 10.03
CA ALA A 25 1.55 24.97 11.34
C ALA A 25 0.03 24.82 11.21
N ALA A 26 -0.50 25.39 10.14
CA ALA A 26 -1.93 25.32 9.89
C ALA A 26 -2.23 24.07 9.06
N GLN A 27 -1.26 23.17 9.03
CA GLN A 27 -1.42 21.93 8.27
C GLN A 27 -2.33 20.96 9.02
N ALA A 28 -2.76 21.40 10.19
CA ALA A 28 -3.64 20.58 11.02
C ALA A 28 -4.94 20.31 10.25
N ARG A 29 -5.19 21.14 9.26
CA ARG A 29 -6.39 21.01 8.44
C ARG A 29 -6.26 19.79 7.52
N ALA A 30 -5.02 19.52 7.12
CA ALA A 30 -4.74 18.40 6.24
C ALA A 30 -4.96 17.09 7.00
N ARG A 31 -4.71 17.15 8.31
CA ARG A 31 -4.88 15.98 9.15
C ARG A 31 -6.34 15.53 9.15
N GLU A 32 -7.22 16.49 8.98
CA GLU A 32 -8.65 16.20 8.97
C GLU A 32 -9.07 15.69 7.58
N ARG A 33 -8.28 16.09 6.58
CA ARG A 33 -8.55 15.68 5.21
C ARG A 33 -7.83 14.38 4.89
N GLU A 34 -6.71 14.18 5.56
CA GLU A 34 -5.92 12.97 5.36
C GLU A 34 -6.45 11.84 6.23
N ARG A 35 -7.59 12.08 6.85
CA ARG A 35 -8.21 11.10 7.72
C ARG A 35 -8.51 9.81 6.93
N LEU A 36 -8.74 9.99 5.64
CA LEU A 36 -9.03 8.86 4.77
C LEU A 36 -7.73 8.31 4.21
N ALA A 37 -6.68 9.08 4.37
CA ALA A 37 -5.36 8.69 3.88
C ALA A 37 -4.70 7.76 4.90
N HIS A 38 -5.47 7.44 5.93
CA HIS A 38 -4.98 6.55 6.99
C HIS A 38 -5.31 5.10 6.63
N SER A 39 -6.17 4.95 5.63
CA SER A 39 -6.58 3.62 5.19
C SER A 39 -5.63 3.12 4.11
N ARG A 40 -4.93 4.07 3.49
CA ARG A 40 -3.99 3.73 2.43
C ARG A 40 -2.60 3.47 3.02
N ALA A 41 -2.57 3.35 4.33
CA ALA A 41 -1.31 3.10 5.03
C ALA A 41 -0.78 1.71 4.64
N ALA A 42 -1.58 0.70 4.95
CA ALA A 42 -1.21 -0.66 4.64
C ALA A 42 -1.69 -1.02 3.23
N ALA A 43 -0.84 -0.74 2.25
CA ALA A 43 -1.17 -1.02 0.86
C ALA A 43 -1.31 -2.53 0.68
N ALA A 44 -0.21 -3.24 0.89
CA ALA A 44 -0.20 -4.68 0.74
C ALA A 44 -1.51 -5.25 1.29
N ALA A 45 -2.44 -5.50 0.38
CA ALA A 45 -3.73 -6.05 0.75
C ALA A 45 -3.73 -7.56 0.51
N ALA A 46 -3.81 -7.92 -0.76
CA ALA A 46 -3.81 -9.32 -1.14
C ALA A 46 -2.61 -10.03 -0.53
N VAL A 47 -1.62 -9.22 -0.15
CA VAL A 47 -0.41 -9.75 0.45
C VAL A 47 -0.58 -9.80 1.97
N ALA A 48 -1.36 -8.86 2.47
CA ALA A 48 -1.61 -8.79 3.91
C ALA A 48 -1.94 -10.18 4.43
N ALA A 49 -3.01 -10.75 3.91
CA ALA A 49 -3.44 -12.08 4.32
C ALA A 49 -2.36 -13.09 3.93
N ALA A 50 -1.88 -12.95 2.71
CA ALA A 50 -0.86 -13.85 2.19
C ALA A 50 0.45 -13.58 2.94
N THR A 51 1.55 -13.98 2.30
CA THR A 51 2.86 -13.79 2.89
C THR A 51 3.95 -13.91 1.82
N ALA A 52 5.19 -13.84 2.27
CA ALA A 52 6.32 -13.94 1.37
C ALA A 52 6.13 -15.13 0.44
N ALA A 53 5.73 -14.83 -0.79
CA ALA A 53 5.51 -15.88 -1.79
C ALA A 53 6.83 -16.23 -2.46
N VAL A 54 7.83 -16.48 -1.63
CA VAL A 54 9.15 -16.84 -2.12
C VAL A 54 9.84 -17.75 -1.12
N GLU A 55 9.19 -18.88 -0.85
CA GLU A 55 9.73 -19.85 0.09
C GLU A 55 11.19 -20.17 -0.25
N GLY A 56 11.91 -20.66 0.75
CA GLY A 56 13.30 -21.02 0.57
C GLY A 56 13.51 -21.79 -0.75
N THR A 57 12.86 -22.94 -0.82
CA THR A 57 12.95 -23.76 -2.01
C THR A 57 11.62 -23.79 -2.76
N GLY A 58 11.74 -23.77 -4.09
CA GLY A 58 10.55 -23.78 -4.94
C GLY A 58 10.87 -24.36 -6.32
N GLY A 59 11.03 -25.67 -6.36
CA GLY A 59 11.33 -26.35 -7.61
C GLY A 59 12.44 -25.63 -8.36
N SER A 60 13.67 -26.02 -8.06
CA SER A 60 14.84 -25.43 -8.70
C SER A 60 16.12 -26.03 -8.13
N GLY A 61 17.07 -26.28 -9.02
CA GLY A 61 18.34 -26.86 -8.63
C GLY A 61 18.87 -27.81 -9.69
N GLY A 62 20.19 -27.97 -9.69
CA GLY A 62 20.84 -28.85 -10.66
C GLY A 62 22.36 -28.78 -10.52
N GLY A 63 22.84 -29.33 -9.41
CA GLY A 63 24.27 -29.35 -9.15
C GLY A 63 24.63 -30.46 -8.17
N PRO A 64 24.98 -31.65 -8.75
CA PRO A 64 25.35 -32.80 -7.94
C PRO A 64 26.75 -32.64 -7.36
N HIS A 65 27.06 -33.48 -6.39
CA HIS A 65 28.36 -33.45 -5.75
C HIS A 65 29.31 -34.42 -6.45
N HIS A 66 29.64 -34.09 -7.68
CA HIS A 66 30.53 -34.92 -8.46
C HIS A 66 31.66 -35.45 -7.57
N HIS A 67 32.22 -36.58 -7.99
CA HIS A 67 33.31 -37.18 -7.23
C HIS A 67 34.64 -36.93 -7.95
N HIS A 68 34.73 -37.45 -9.17
CA HIS A 68 35.94 -37.30 -9.96
C HIS A 68 37.11 -37.96 -9.25
N GLN A 69 37.62 -39.02 -9.89
CA GLN A 69 38.75 -39.74 -9.33
C GLN A 69 39.44 -40.56 -10.42
N THR A 70 40.53 -41.21 -10.03
CA THR A 70 41.30 -42.02 -10.97
C THR A 70 40.40 -43.10 -11.58
N ARG A 71 40.92 -43.71 -12.64
CA ARG A 71 40.18 -44.76 -13.32
C ARG A 71 39.55 -45.71 -12.31
N GLY A 72 38.30 -46.06 -12.57
CA GLY A 72 37.57 -46.96 -11.70
C GLY A 72 38.47 -48.10 -11.21
N ALA A 73 38.96 -48.88 -12.16
CA ALA A 73 39.83 -50.01 -11.84
C ALA A 73 40.82 -50.21 -12.98
N TYR A 74 41.98 -50.75 -12.64
CA TYR A 74 43.02 -51.02 -13.62
C TYR A 74 43.06 -52.50 -13.99
N SER A 75 43.07 -52.75 -15.28
CA SER A 75 43.12 -54.12 -15.78
C SER A 75 44.32 -54.30 -16.72
N SER A 76 44.34 -53.49 -17.76
CA SER A 76 45.42 -53.55 -18.73
C SER A 76 45.74 -55.00 -19.08
N HIS A 77 44.99 -55.54 -20.02
CA HIS A 77 45.17 -56.91 -20.45
C HIS A 77 46.36 -57.00 -21.41
N ASP A 78 47.18 -58.02 -21.20
CA ASP A 78 48.34 -58.22 -22.04
C ASP A 78 49.12 -59.43 -21.54
N MET A 4 14.27 28.31 33.90
CA MET A 4 14.17 29.02 35.17
C MET A 4 12.72 29.02 35.67
N GLU A 5 12.59 29.01 36.99
CA GLU A 5 11.29 29.01 37.61
C GLU A 5 10.39 30.08 36.98
N VAL A 6 9.16 29.69 36.72
CA VAL A 6 8.20 30.60 36.11
C VAL A 6 7.25 31.13 37.19
N ALA A 7 6.54 32.20 36.83
CA ALA A 7 5.60 32.81 37.76
C ALA A 7 4.65 31.73 38.29
N MET A 8 4.16 31.98 39.50
CA MET A 8 3.24 31.05 40.13
C MET A 8 1.95 30.93 39.34
N VAL A 9 1.41 29.71 39.30
CA VAL A 9 0.18 29.45 38.59
C VAL A 9 -0.83 28.81 39.53
N SER A 10 -2.07 28.75 39.07
CA SER A 10 -3.14 28.17 39.87
C SER A 10 -3.97 27.21 39.00
N ALA A 11 -5.10 26.81 39.56
CA ALA A 11 -5.99 25.90 38.85
C ALA A 11 -6.49 26.57 37.57
N GLU A 12 -7.80 26.55 37.40
CA GLU A 12 -8.41 27.15 36.22
C GLU A 12 -7.89 28.57 36.03
N SER A 13 -8.13 29.09 34.83
CA SER A 13 -7.70 30.44 34.50
C SER A 13 -8.87 31.26 33.95
N SER A 14 -9.45 30.73 32.87
CA SER A 14 -10.58 31.39 32.24
C SER A 14 -10.14 32.75 31.67
N GLY A 15 -9.57 32.71 30.48
CA GLY A 15 -9.10 33.91 29.82
C GLY A 15 -9.00 33.71 28.31
N CYS A 16 -7.96 34.29 27.73
CA CYS A 16 -7.73 34.17 26.31
C CYS A 16 -6.54 33.25 26.07
N ASN A 17 -6.68 32.02 26.51
CA ASN A 17 -5.62 31.04 26.36
C ASN A 17 -5.87 30.21 25.09
N SER A 18 -6.61 30.82 24.17
CA SER A 18 -6.93 30.16 22.92
C SER A 18 -7.05 31.19 21.80
N HIS A 19 -5.92 31.54 21.22
CA HIS A 19 -5.89 32.51 20.14
C HIS A 19 -4.48 32.58 19.54
N MET A 20 -4.07 31.46 18.97
CA MET A 20 -2.75 31.37 18.36
C MET A 20 -2.80 31.82 16.89
N PRO A 21 -1.62 32.31 16.41
CA PRO A 21 -1.52 32.77 15.04
C PRO A 21 -1.47 31.59 14.06
N TYR A 22 -2.23 31.73 12.99
CA TYR A 22 -2.28 30.68 11.97
C TYR A 22 -1.17 30.86 10.95
N GLY A 23 -0.33 29.84 10.84
CA GLY A 23 0.78 29.86 9.91
C GLY A 23 1.27 28.45 9.59
N TYR A 24 2.42 28.11 10.15
CA TYR A 24 3.00 26.79 9.93
C TYR A 24 2.03 25.69 10.36
N ALA A 25 1.06 26.08 11.17
CA ALA A 25 0.07 25.15 11.67
C ALA A 25 -1.11 25.10 10.70
N ALA A 26 -0.88 25.62 9.51
CA ALA A 26 -1.91 25.65 8.49
C ALA A 26 -2.04 24.26 7.87
N GLN A 27 -1.15 23.37 8.29
CA GLN A 27 -1.16 22.00 7.79
C GLN A 27 -2.12 21.14 8.61
N ALA A 28 -2.72 21.77 9.61
CA ALA A 28 -3.67 21.07 10.48
C ALA A 28 -4.84 20.57 9.64
N ARG A 29 -5.00 21.19 8.47
CA ARG A 29 -6.08 20.80 7.58
C ARG A 29 -5.78 19.45 6.93
N ALA A 30 -4.50 19.18 6.75
CA ALA A 30 -4.07 17.93 6.15
C ALA A 30 -4.32 16.78 7.13
N ARG A 31 -4.24 17.11 8.42
CA ARG A 31 -4.46 16.13 9.45
C ARG A 31 -5.88 15.58 9.37
N GLU A 32 -6.79 16.44 8.92
CA GLU A 32 -8.19 16.05 8.79
C GLU A 32 -8.40 15.27 7.50
N ARG A 33 -7.52 15.51 6.54
CA ARG A 33 -7.61 14.83 5.25
C ARG A 33 -6.79 13.53 5.29
N GLU A 34 -5.76 13.54 6.12
CA GLU A 34 -4.90 12.38 6.26
C GLU A 34 -5.64 11.25 6.99
N ARG A 35 -6.65 11.65 7.74
CA ARG A 35 -7.44 10.69 8.50
C ARG A 35 -8.10 9.68 7.56
N LEU A 36 -8.36 10.14 6.35
CA LEU A 36 -8.99 9.29 5.34
C LEU A 36 -7.90 8.57 4.55
N ALA A 37 -6.67 9.05 4.71
CA ALA A 37 -5.54 8.47 4.01
C ALA A 37 -5.06 7.23 4.78
N HIS A 38 -5.80 6.91 5.83
CA HIS A 38 -5.47 5.76 6.66
C HIS A 38 -6.16 4.51 6.12
N SER A 39 -7.10 4.75 5.21
CA SER A 39 -7.85 3.65 4.61
C SER A 39 -7.14 3.17 3.35
N ARG A 40 -6.29 4.02 2.82
CA ARG A 40 -5.53 3.69 1.62
C ARG A 40 -4.20 3.02 1.99
N ALA A 41 -4.10 2.64 3.26
CA ALA A 41 -2.90 1.99 3.74
C ALA A 41 -2.73 0.65 3.04
N ALA A 42 -3.66 -0.25 3.33
CA ALA A 42 -3.61 -1.58 2.73
C ALA A 42 -4.27 -1.52 1.35
N ALA A 43 -3.65 -0.77 0.46
CA ALA A 43 -4.15 -0.63 -0.89
C ALA A 43 -4.52 -2.00 -1.44
N ALA A 44 -3.49 -2.82 -1.60
CA ALA A 44 -3.69 -4.17 -2.12
C ALA A 44 -4.96 -4.76 -1.53
N ALA A 45 -6.03 -4.67 -2.32
CA ALA A 45 -7.32 -5.20 -1.89
C ALA A 45 -7.56 -6.55 -2.55
N ALA A 46 -7.90 -6.50 -3.83
CA ALA A 46 -8.16 -7.71 -4.58
C ALA A 46 -6.96 -8.66 -4.46
N VAL A 47 -5.83 -8.09 -4.08
CA VAL A 47 -4.61 -8.86 -3.91
C VAL A 47 -4.52 -9.35 -2.47
N ALA A 48 -5.08 -8.56 -1.57
CA ALA A 48 -5.07 -8.90 -0.15
C ALA A 48 -5.56 -10.34 0.02
N ALA A 49 -6.75 -10.60 -0.52
CA ALA A 49 -7.34 -11.91 -0.43
C ALA A 49 -6.55 -12.89 -1.31
N ALA A 50 -6.50 -12.55 -2.60
CA ALA A 50 -5.79 -13.38 -3.55
C ALA A 50 -4.32 -13.48 -3.15
N THR A 51 -3.50 -13.93 -4.08
CA THR A 51 -2.08 -14.07 -3.84
C THR A 51 -1.83 -15.08 -2.71
N ALA A 52 -2.25 -16.31 -2.96
CA ALA A 52 -2.09 -17.36 -1.98
C ALA A 52 -0.64 -17.37 -1.49
N ALA A 53 -0.42 -18.10 -0.40
CA ALA A 53 0.92 -18.21 0.17
C ALA A 53 1.69 -19.32 -0.55
N VAL A 54 1.67 -19.25 -1.87
CA VAL A 54 2.36 -20.24 -2.68
C VAL A 54 2.98 -19.54 -3.90
N GLU A 55 3.78 -18.53 -3.63
CA GLU A 55 4.44 -17.78 -4.68
C GLU A 55 5.18 -18.73 -5.62
N GLY A 56 5.57 -18.19 -6.76
CA GLY A 56 6.30 -18.98 -7.75
C GLY A 56 6.51 -18.19 -9.04
N THR A 57 5.46 -18.15 -9.86
CA THR A 57 5.52 -17.43 -11.11
C THR A 57 6.80 -17.78 -11.87
N GLY A 58 7.08 -16.98 -12.89
CA GLY A 58 8.28 -17.19 -13.69
C GLY A 58 7.99 -18.14 -14.85
N GLY A 59 8.09 -17.61 -16.06
CA GLY A 59 7.84 -18.38 -17.26
C GLY A 59 7.61 -17.49 -18.47
N SER A 60 8.71 -16.93 -18.98
CA SER A 60 8.63 -16.05 -20.13
C SER A 60 9.39 -16.66 -21.31
N GLY A 61 8.74 -16.63 -22.46
CA GLY A 61 9.34 -17.18 -23.68
C GLY A 61 8.44 -16.95 -24.89
N GLY A 62 8.25 -18.02 -25.66
CA GLY A 62 7.42 -17.95 -26.84
C GLY A 62 8.11 -18.59 -28.04
N GLY A 63 7.32 -19.28 -28.84
CA GLY A 63 7.83 -19.95 -30.02
C GLY A 63 7.34 -21.40 -30.10
N PRO A 64 7.97 -22.27 -29.26
CA PRO A 64 7.61 -23.67 -29.23
C PRO A 64 6.27 -23.88 -28.50
N HIS A 65 5.42 -24.69 -29.10
CA HIS A 65 4.13 -24.99 -28.53
C HIS A 65 4.01 -26.49 -28.23
N HIS A 66 4.68 -26.90 -27.16
CA HIS A 66 4.66 -28.30 -26.77
C HIS A 66 3.25 -28.86 -26.96
N HIS A 67 2.31 -28.29 -26.22
CA HIS A 67 0.93 -28.73 -26.31
C HIS A 67 0.33 -28.30 -27.64
N HIS A 68 -0.15 -29.29 -28.39
CA HIS A 68 -0.74 -29.03 -29.69
C HIS A 68 0.19 -28.13 -30.51
N GLN A 69 1.05 -28.78 -31.29
CA GLN A 69 1.99 -28.06 -32.13
C GLN A 69 1.31 -27.60 -33.42
N THR A 70 2.06 -26.87 -34.23
CA THR A 70 1.55 -26.37 -35.49
C THR A 70 1.12 -27.53 -36.38
N ARG A 71 0.51 -27.18 -37.51
CA ARG A 71 0.04 -28.17 -38.46
C ARG A 71 1.16 -29.16 -38.78
N GLY A 72 0.78 -30.43 -38.89
CA GLY A 72 1.74 -31.47 -39.20
C GLY A 72 1.26 -32.83 -38.65
N ALA A 73 0.40 -33.46 -39.43
CA ALA A 73 -0.14 -34.76 -39.05
C ALA A 73 -0.57 -35.52 -40.30
N TYR A 74 0.42 -35.97 -41.06
CA TYR A 74 0.16 -36.70 -42.28
C TYR A 74 0.76 -38.11 -42.22
N SER A 75 -0.12 -39.09 -42.25
CA SER A 75 0.31 -40.48 -42.19
C SER A 75 -0.75 -41.38 -42.83
N SER A 76 -1.95 -41.32 -42.28
CA SER A 76 -3.06 -42.11 -42.78
C SER A 76 -3.85 -41.33 -43.82
N HIS A 77 -3.65 -41.69 -45.08
CA HIS A 77 -4.33 -41.02 -46.17
C HIS A 77 -4.53 -42.00 -47.33
N ASP A 78 -5.80 -42.34 -47.56
CA ASP A 78 -6.14 -43.27 -48.63
C ASP A 78 -7.65 -43.38 -48.73
N MET A 4 -14.66 8.10 26.76
CA MET A 4 -13.95 8.56 27.95
C MET A 4 -12.45 8.62 27.70
N GLU A 5 -12.01 9.74 27.16
CA GLU A 5 -10.60 9.93 26.87
C GLU A 5 -10.31 11.40 26.55
N VAL A 6 -10.33 12.22 27.59
CA VAL A 6 -10.08 13.64 27.44
C VAL A 6 -9.01 14.08 28.45
N ALA A 7 -8.73 15.36 28.43
CA ALA A 7 -7.74 15.93 29.33
C ALA A 7 -8.39 16.22 30.69
N MET A 8 -8.84 15.15 31.33
CA MET A 8 -9.48 15.27 32.62
C MET A 8 -10.66 16.25 32.57
N VAL A 9 -11.38 16.33 33.67
CA VAL A 9 -12.53 17.21 33.76
C VAL A 9 -13.37 17.07 32.49
N SER A 10 -14.32 17.98 32.34
CA SER A 10 -15.19 17.97 31.18
C SER A 10 -14.37 17.77 29.90
N ALA A 11 -15.04 17.28 28.87
CA ALA A 11 -14.39 17.05 27.60
C ALA A 11 -14.50 18.30 26.74
N GLU A 12 -13.71 19.30 27.09
CA GLU A 12 -13.71 20.56 26.36
C GLU A 12 -13.83 20.30 24.86
N SER A 13 -14.32 21.31 24.15
CA SER A 13 -14.50 21.21 22.72
C SER A 13 -14.71 22.59 22.12
N SER A 14 -13.80 22.96 21.21
CA SER A 14 -13.87 24.25 20.56
C SER A 14 -13.73 25.37 21.59
N GLY A 15 -13.03 26.42 21.18
CA GLY A 15 -12.80 27.56 22.06
C GLY A 15 -11.45 28.20 21.79
N CYS A 16 -11.38 28.92 20.67
CA CYS A 16 -10.15 29.59 20.28
C CYS A 16 -10.50 30.75 19.37
N ASN A 17 -11.35 31.64 19.89
CA ASN A 17 -11.78 32.80 19.14
C ASN A 17 -11.08 34.04 19.69
N SER A 18 -9.92 33.81 20.30
CA SER A 18 -9.14 34.89 20.86
C SER A 18 -8.05 35.33 19.89
N HIS A 19 -8.48 35.60 18.66
CA HIS A 19 -7.56 36.03 17.63
C HIS A 19 -6.35 35.08 17.59
N MET A 20 -6.57 33.92 16.97
CA MET A 20 -5.52 32.93 16.87
C MET A 20 -4.70 33.13 15.59
N PRO A 21 -3.42 33.51 15.78
CA PRO A 21 -2.52 33.74 14.66
C PRO A 21 -2.08 32.42 14.05
N TYR A 22 -2.69 32.09 12.92
CA TYR A 22 -2.36 30.84 12.22
C TYR A 22 -1.22 31.07 11.23
N GLY A 23 -0.38 30.05 11.10
CA GLY A 23 0.76 30.12 10.19
C GLY A 23 1.25 28.72 9.82
N TYR A 24 2.39 28.37 10.40
CA TYR A 24 2.98 27.06 10.14
C TYR A 24 2.00 25.94 10.47
N ALA A 25 0.98 26.30 11.24
CA ALA A 25 -0.04 25.33 11.63
C ALA A 25 -1.17 25.34 10.61
N ALA A 26 -0.79 25.57 9.36
CA ALA A 26 -1.75 25.61 8.27
C ALA A 26 -1.91 24.21 7.69
N GLN A 27 -1.06 23.30 8.17
CA GLN A 27 -1.10 21.92 7.69
C GLN A 27 -2.07 21.10 8.54
N ALA A 28 -2.66 21.76 9.53
CA ALA A 28 -3.61 21.10 10.41
C ALA A 28 -4.78 20.58 9.58
N ARG A 29 -4.94 21.15 8.40
CA ARG A 29 -6.02 20.77 7.52
C ARG A 29 -5.73 19.39 6.91
N ALA A 30 -4.44 19.10 6.74
CA ALA A 30 -4.03 17.83 6.18
C ALA A 30 -4.30 16.72 7.20
N ARG A 31 -4.22 17.08 8.46
CA ARG A 31 -4.45 16.13 9.54
C ARG A 31 -5.88 15.60 9.47
N GLU A 32 -6.78 16.45 8.98
CA GLU A 32 -8.17 16.07 8.86
C GLU A 32 -8.39 15.25 7.59
N ARG A 33 -7.51 15.45 6.63
CA ARG A 33 -7.60 14.74 5.37
C ARG A 33 -6.80 13.44 5.44
N GLU A 34 -5.76 13.46 6.28
CA GLU A 34 -4.92 12.29 6.44
C GLU A 34 -5.70 11.16 7.12
N ARG A 35 -6.73 11.55 7.85
CA ARG A 35 -7.57 10.59 8.55
C ARG A 35 -8.20 9.61 7.55
N LEU A 36 -8.41 10.11 6.34
CA LEU A 36 -9.00 9.30 5.29
C LEU A 36 -7.90 8.59 4.51
N ALA A 37 -6.67 9.04 4.74
CA ALA A 37 -5.52 8.46 4.07
C ALA A 37 -5.08 7.21 4.82
N HIS A 38 -5.87 6.86 5.82
CA HIS A 38 -5.57 5.67 6.63
C HIS A 38 -6.27 4.46 6.03
N SER A 39 -7.17 4.73 5.09
CA SER A 39 -7.91 3.67 4.43
C SER A 39 -7.15 3.20 3.18
N ARG A 40 -6.27 4.06 2.72
CA ARG A 40 -5.48 3.76 1.54
C ARG A 40 -4.18 3.06 1.93
N ALA A 41 -4.13 2.65 3.20
CA ALA A 41 -2.96 1.96 3.71
C ALA A 41 -3.09 0.46 3.47
N ALA A 42 -4.18 -0.10 3.99
CA ALA A 42 -4.44 -1.51 3.84
C ALA A 42 -5.17 -1.76 2.51
N ALA A 43 -4.49 -1.42 1.42
CA ALA A 43 -5.06 -1.59 0.10
C ALA A 43 -4.93 -3.06 -0.32
N ALA A 44 -3.68 -3.51 -0.40
CA ALA A 44 -3.41 -4.88 -0.78
C ALA A 44 -1.94 -5.00 -1.22
N ALA A 45 -1.06 -4.64 -0.29
CA ALA A 45 0.37 -4.70 -0.56
C ALA A 45 0.91 -6.06 -0.13
N ALA A 46 0.75 -6.34 1.15
CA ALA A 46 1.21 -7.60 1.71
C ALA A 46 0.74 -8.75 0.82
N VAL A 47 -0.32 -8.49 0.08
CA VAL A 47 -0.88 -9.49 -0.81
C VAL A 47 -0.34 -9.26 -2.23
N ALA A 48 -0.07 -8.00 -2.52
CA ALA A 48 0.45 -7.63 -3.83
C ALA A 48 1.48 -8.66 -4.27
N ALA A 49 2.51 -8.83 -3.44
CA ALA A 49 3.56 -9.77 -3.72
C ALA A 49 2.97 -11.16 -3.88
N ALA A 50 2.25 -11.59 -2.85
CA ALA A 50 1.63 -12.90 -2.86
C ALA A 50 0.64 -12.98 -4.03
N THR A 51 -0.09 -14.08 -4.07
CA THR A 51 -1.06 -14.29 -5.13
C THR A 51 -0.36 -14.33 -6.50
N ALA A 52 -0.91 -15.14 -7.39
CA ALA A 52 -0.35 -15.27 -8.73
C ALA A 52 -0.15 -13.88 -9.32
N ALA A 53 0.45 -13.86 -10.50
CA ALA A 53 0.71 -12.61 -11.19
C ALA A 53 -0.52 -12.20 -11.98
N VAL A 54 -1.66 -12.21 -11.30
CA VAL A 54 -2.91 -11.85 -11.92
C VAL A 54 -3.03 -12.54 -13.28
N GLU A 55 -2.83 -13.85 -13.25
CA GLU A 55 -2.91 -14.65 -14.47
C GLU A 55 -4.23 -14.37 -15.20
N GLY A 56 -4.17 -14.47 -16.52
CA GLY A 56 -5.35 -14.24 -17.34
C GLY A 56 -5.78 -15.52 -18.04
N THR A 57 -4.96 -15.96 -18.98
CA THR A 57 -5.25 -17.17 -19.73
C THR A 57 -4.47 -18.35 -19.15
N GLY A 58 -5.19 -19.43 -18.88
CA GLY A 58 -4.58 -20.63 -18.33
C GLY A 58 -4.68 -21.79 -19.32
N GLY A 59 -3.98 -22.87 -18.99
CA GLY A 59 -3.97 -24.04 -19.83
C GLY A 59 -2.54 -24.49 -20.14
N SER A 60 -2.13 -25.55 -19.47
CA SER A 60 -0.80 -26.09 -19.65
C SER A 60 -0.87 -27.51 -20.23
N GLY A 61 -0.66 -27.59 -21.54
CA GLY A 61 -0.71 -28.88 -22.23
C GLY A 61 0.04 -28.81 -23.55
N GLY A 62 -0.19 -29.83 -24.38
CA GLY A 62 0.45 -29.90 -25.68
C GLY A 62 0.47 -31.33 -26.20
N GLY A 63 0.64 -31.45 -27.51
CA GLY A 63 0.67 -32.75 -28.15
C GLY A 63 -0.44 -33.66 -27.61
N PRO A 64 -1.63 -33.57 -28.28
CA PRO A 64 -2.77 -34.37 -27.89
C PRO A 64 -2.59 -35.83 -28.31
N HIS A 65 -3.12 -36.71 -27.49
CA HIS A 65 -3.04 -38.15 -27.76
C HIS A 65 -1.62 -38.50 -28.17
N HIS A 66 -0.70 -38.38 -27.21
CA HIS A 66 0.69 -38.69 -27.46
C HIS A 66 0.80 -39.92 -28.36
N HIS A 67 1.72 -39.84 -29.31
CA HIS A 67 1.93 -40.94 -30.24
C HIS A 67 3.30 -41.56 -30.00
N HIS A 68 3.51 -42.74 -30.58
CA HIS A 68 4.77 -43.45 -30.43
C HIS A 68 4.57 -44.91 -30.79
N GLN A 69 4.84 -45.23 -32.05
CA GLN A 69 4.71 -46.59 -32.52
C GLN A 69 5.31 -46.74 -33.92
N THR A 70 5.12 -47.91 -34.49
CA THR A 70 5.65 -48.19 -35.83
C THR A 70 4.90 -49.37 -36.46
N ARG A 71 5.18 -49.58 -37.74
CA ARG A 71 4.55 -50.67 -38.46
C ARG A 71 4.90 -52.01 -37.82
N GLY A 72 3.86 -52.81 -37.60
CA GLY A 72 4.05 -54.12 -37.00
C GLY A 72 3.65 -55.24 -37.97
N ALA A 73 2.37 -55.26 -38.31
CA ALA A 73 1.86 -56.27 -39.22
C ALA A 73 2.18 -57.66 -38.68
N TYR A 74 1.61 -58.66 -39.33
CA TYR A 74 1.84 -60.04 -38.92
C TYR A 74 2.95 -60.68 -39.75
N SER A 75 3.37 -61.86 -39.32
CA SER A 75 4.43 -62.58 -40.00
C SER A 75 4.10 -62.69 -41.49
N SER A 76 2.96 -63.29 -41.78
CA SER A 76 2.53 -63.47 -43.15
C SER A 76 3.51 -64.37 -43.90
N HIS A 77 3.13 -65.64 -43.99
CA HIS A 77 3.97 -66.62 -44.69
C HIS A 77 3.14 -67.33 -45.75
N ASP A 78 3.85 -68.01 -46.65
CA ASP A 78 3.20 -68.74 -47.72
C ASP A 78 4.24 -69.58 -48.46
N MET A 4 -28.41 25.28 -12.93
CA MET A 4 -27.27 26.12 -12.61
C MET A 4 -26.02 25.26 -12.35
N GLU A 5 -25.09 25.33 -13.28
CA GLU A 5 -23.86 24.58 -13.16
C GLU A 5 -23.26 24.75 -11.77
N VAL A 6 -22.58 23.71 -11.31
CA VAL A 6 -21.96 23.73 -10.00
C VAL A 6 -20.65 24.51 -10.07
N ALA A 7 -20.30 25.14 -8.96
CA ALA A 7 -19.07 25.92 -8.89
C ALA A 7 -17.89 25.03 -9.28
N MET A 8 -17.18 25.45 -10.31
CA MET A 8 -16.02 24.72 -10.79
C MET A 8 -14.79 24.98 -9.92
N VAL A 9 -14.08 23.92 -9.60
CA VAL A 9 -12.89 24.03 -8.78
C VAL A 9 -11.68 24.30 -9.68
N SER A 10 -10.49 24.19 -9.09
CA SER A 10 -9.27 24.42 -9.82
C SER A 10 -8.27 23.29 -9.54
N ALA A 11 -7.29 23.18 -10.42
CA ALA A 11 -6.28 22.15 -10.29
C ALA A 11 -5.19 22.63 -9.31
N GLU A 12 -5.50 22.49 -8.02
CA GLU A 12 -4.57 22.91 -6.99
C GLU A 12 -3.19 22.28 -7.22
N SER A 13 -2.22 22.79 -6.49
CA SER A 13 -0.85 22.30 -6.62
C SER A 13 -0.61 21.18 -5.60
N SER A 14 0.34 20.32 -5.94
CA SER A 14 0.69 19.21 -5.06
C SER A 14 0.67 19.67 -3.60
N GLY A 15 0.52 18.69 -2.71
CA GLY A 15 0.49 18.98 -1.29
C GLY A 15 1.80 18.58 -0.62
N CYS A 16 2.87 19.22 -1.07
CA CYS A 16 4.19 18.95 -0.52
C CYS A 16 5.20 19.88 -1.20
N ASN A 17 5.04 21.16 -0.92
CA ASN A 17 5.93 22.16 -1.50
C ASN A 17 7.00 22.54 -0.47
N SER A 18 7.26 21.61 0.44
CA SER A 18 8.25 21.82 1.48
C SER A 18 7.83 23.01 2.36
N HIS A 19 7.25 22.68 3.50
CA HIS A 19 6.80 23.69 4.44
C HIS A 19 7.61 23.59 5.73
N MET A 20 8.92 23.73 5.59
CA MET A 20 9.81 23.65 6.74
C MET A 20 9.56 24.81 7.70
N PRO A 21 9.57 26.05 7.13
CA PRO A 21 9.34 27.25 7.93
C PRO A 21 7.86 27.39 8.30
N TYR A 22 7.57 28.45 9.02
CA TYR A 22 6.20 28.72 9.45
C TYR A 22 5.21 28.38 8.34
N GLY A 23 4.05 27.90 8.76
CA GLY A 23 3.01 27.54 7.82
C GLY A 23 2.45 26.14 8.10
N TYR A 24 3.08 25.49 9.07
CA TYR A 24 2.67 24.15 9.46
C TYR A 24 1.34 24.18 10.22
N ALA A 25 1.11 25.29 10.90
CA ALA A 25 -0.11 25.46 11.67
C ALA A 25 -1.32 25.34 10.74
N ALA A 26 -1.15 25.89 9.55
CA ALA A 26 -2.22 25.86 8.55
C ALA A 26 -2.31 24.46 7.95
N GLN A 27 -1.37 23.61 8.36
CA GLN A 27 -1.34 22.25 7.87
C GLN A 27 -2.30 21.38 8.69
N ALA A 28 -2.92 22.00 9.67
CA ALA A 28 -3.87 21.29 10.52
C ALA A 28 -5.02 20.74 9.66
N ARG A 29 -5.17 21.33 8.49
CA ARG A 29 -6.22 20.92 7.57
C ARG A 29 -5.87 19.56 6.95
N ALA A 30 -4.57 19.33 6.80
CA ALA A 30 -4.10 18.08 6.23
C ALA A 30 -4.35 16.95 7.22
N ARG A 31 -4.31 17.29 8.49
CA ARG A 31 -4.53 16.32 9.55
C ARG A 31 -5.94 15.72 9.44
N GLU A 32 -6.85 16.56 8.96
CA GLU A 32 -8.23 16.13 8.80
C GLU A 32 -8.40 15.33 7.51
N ARG A 33 -7.51 15.57 6.57
CA ARG A 33 -7.54 14.88 5.30
C ARG A 33 -6.70 13.61 5.37
N GLU A 34 -5.68 13.65 6.22
CA GLU A 34 -4.80 12.51 6.39
C GLU A 34 -5.53 11.37 7.10
N ARG A 35 -6.55 11.75 7.86
CA ARG A 35 -7.34 10.77 8.59
C ARG A 35 -7.98 9.77 7.62
N LEU A 36 -8.25 10.24 6.42
CA LEU A 36 -8.86 9.41 5.40
C LEU A 36 -7.75 8.72 4.60
N ALA A 37 -6.54 9.21 4.77
CA ALA A 37 -5.39 8.66 4.07
C ALA A 37 -4.89 7.42 4.82
N HIS A 38 -5.63 7.06 5.86
CA HIS A 38 -5.28 5.91 6.66
C HIS A 38 -5.96 4.65 6.09
N SER A 39 -6.90 4.88 5.19
CA SER A 39 -7.63 3.80 4.57
C SER A 39 -6.90 3.34 3.30
N ARG A 40 -6.06 4.23 2.79
CA ARG A 40 -5.30 3.93 1.59
C ARG A 40 -3.96 3.27 1.94
N ALA A 41 -3.85 2.88 3.21
CA ALA A 41 -2.65 2.24 3.69
C ALA A 41 -2.74 0.73 3.45
N ALA A 42 -3.75 0.13 4.05
CA ALA A 42 -3.95 -1.30 3.91
C ALA A 42 -4.22 -1.64 2.44
N ALA A 43 -3.18 -2.11 1.78
CA ALA A 43 -3.29 -2.47 0.37
C ALA A 43 -3.74 -3.92 0.25
N ALA A 44 -2.89 -4.82 0.73
CA ALA A 44 -3.19 -6.24 0.69
C ALA A 44 -3.12 -6.73 -0.76
N ALA A 45 -1.94 -6.58 -1.33
CA ALA A 45 -1.72 -7.01 -2.72
C ALA A 45 -0.68 -8.12 -2.74
N ALA A 46 0.56 -7.74 -2.48
CA ALA A 46 1.65 -8.70 -2.47
C ALA A 46 1.27 -9.90 -1.61
N VAL A 47 0.32 -9.67 -0.72
CA VAL A 47 -0.15 -10.72 0.17
C VAL A 47 -1.38 -11.39 -0.44
N ALA A 48 -2.14 -10.58 -1.19
CA ALA A 48 -3.34 -11.07 -1.83
C ALA A 48 -3.04 -12.40 -2.52
N ALA A 49 -2.06 -12.36 -3.40
CA ALA A 49 -1.66 -13.55 -4.14
C ALA A 49 -1.07 -14.58 -3.16
N ALA A 50 -0.08 -14.12 -2.41
CA ALA A 50 0.58 -14.97 -1.43
C ALA A 50 -0.45 -15.50 -0.43
N THR A 51 0.05 -16.18 0.57
CA THR A 51 -0.82 -16.74 1.60
C THR A 51 -2.00 -17.46 0.97
N ALA A 52 -1.80 -18.74 0.69
CA ALA A 52 -2.85 -19.55 0.08
C ALA A 52 -4.15 -19.35 0.85
N ALA A 53 -4.01 -18.97 2.11
CA ALA A 53 -5.17 -18.73 2.96
C ALA A 53 -5.68 -17.31 2.74
N VAL A 54 -5.86 -16.96 1.46
CA VAL A 54 -6.34 -15.64 1.11
C VAL A 54 -7.08 -15.71 -0.22
N GLU A 55 -8.18 -16.46 -0.22
CA GLU A 55 -8.98 -16.63 -1.41
C GLU A 55 -10.30 -15.86 -1.27
N GLY A 56 -10.98 -15.70 -2.39
CA GLY A 56 -12.25 -15.00 -2.41
C GLY A 56 -13.38 -15.90 -2.90
N THR A 57 -13.54 -17.03 -2.22
CA THR A 57 -14.58 -17.98 -2.57
C THR A 57 -14.31 -18.54 -3.98
N GLY A 58 -13.17 -19.17 -4.13
CA GLY A 58 -12.78 -19.75 -5.41
C GLY A 58 -13.23 -18.86 -6.56
N GLY A 59 -13.47 -19.49 -7.70
CA GLY A 59 -13.90 -18.77 -8.89
C GLY A 59 -14.58 -19.71 -9.89
N SER A 60 -13.82 -20.72 -10.31
CA SER A 60 -14.33 -21.70 -11.26
C SER A 60 -13.37 -22.87 -11.36
N GLY A 61 -13.88 -23.97 -11.90
CA GLY A 61 -13.08 -25.17 -12.06
C GLY A 61 -13.97 -26.40 -12.28
N GLY A 62 -13.34 -27.48 -12.74
CA GLY A 62 -14.06 -28.71 -12.99
C GLY A 62 -13.41 -29.50 -14.12
N GLY A 63 -13.76 -30.78 -14.18
CA GLY A 63 -13.22 -31.66 -15.20
C GLY A 63 -14.33 -32.36 -15.98
N PRO A 64 -14.79 -31.69 -17.07
CA PRO A 64 -15.84 -32.24 -17.91
C PRO A 64 -15.33 -33.38 -18.78
N HIS A 65 -16.26 -34.10 -19.36
CA HIS A 65 -15.92 -35.23 -20.22
C HIS A 65 -17.10 -35.56 -21.13
N HIS A 66 -17.32 -34.66 -22.09
CA HIS A 66 -18.41 -34.84 -23.04
C HIS A 66 -18.48 -36.32 -23.46
N HIS A 67 -19.68 -36.86 -23.41
CA HIS A 67 -19.90 -38.24 -23.79
C HIS A 67 -21.38 -38.59 -23.67
N HIS A 68 -22.12 -38.30 -24.74
CA HIS A 68 -23.55 -38.58 -24.75
C HIS A 68 -23.83 -39.90 -24.04
N GLN A 69 -24.43 -39.79 -22.86
CA GLN A 69 -24.76 -40.96 -22.08
C GLN A 69 -25.53 -40.55 -20.81
N THR A 70 -25.91 -41.56 -20.05
CA THR A 70 -26.66 -41.32 -18.82
C THR A 70 -26.50 -42.51 -17.86
N ARG A 71 -26.79 -42.24 -16.60
CA ARG A 71 -26.68 -43.27 -15.57
C ARG A 71 -27.63 -44.43 -15.90
N GLY A 72 -27.12 -45.63 -15.69
CA GLY A 72 -27.90 -46.84 -15.95
C GLY A 72 -27.08 -47.89 -16.69
N ALA A 73 -26.12 -48.46 -15.97
CA ALA A 73 -25.26 -49.48 -16.53
C ALA A 73 -25.94 -50.84 -16.43
N TYR A 74 -27.01 -50.98 -17.20
CA TYR A 74 -27.75 -52.24 -17.20
C TYR A 74 -28.61 -52.36 -18.46
N SER A 75 -29.20 -53.53 -18.62
CA SER A 75 -30.06 -53.79 -19.77
C SER A 75 -29.25 -53.57 -21.06
N SER A 76 -28.85 -54.68 -21.66
CA SER A 76 -28.08 -54.63 -22.89
C SER A 76 -28.42 -55.83 -23.78
N HIS A 77 -29.40 -55.63 -24.64
CA HIS A 77 -29.83 -56.69 -25.54
C HIS A 77 -30.40 -57.86 -24.73
N ASP A 78 -31.01 -58.79 -25.44
CA ASP A 78 -31.60 -59.95 -24.80
C ASP A 78 -31.20 -61.21 -25.58
N MET A 4 -32.80 35.25 25.21
CA MET A 4 -31.51 35.18 25.90
C MET A 4 -30.56 36.28 25.42
N GLU A 5 -29.66 36.66 26.30
CA GLU A 5 -28.69 37.70 25.98
C GLU A 5 -28.19 37.53 24.54
N VAL A 6 -27.80 38.65 23.96
CA VAL A 6 -27.30 38.64 22.60
C VAL A 6 -25.85 39.14 22.59
N ALA A 7 -25.14 38.78 21.53
CA ALA A 7 -23.75 39.19 21.39
C ALA A 7 -23.69 40.68 21.08
N MET A 8 -23.68 41.47 22.13
CA MET A 8 -23.63 42.92 21.98
C MET A 8 -22.24 43.45 22.34
N VAL A 9 -21.58 44.01 21.33
CA VAL A 9 -20.24 44.55 21.53
C VAL A 9 -20.31 45.69 22.55
N SER A 10 -19.13 46.13 22.98
CA SER A 10 -19.05 47.20 23.95
C SER A 10 -18.03 48.25 23.49
N ALA A 11 -17.69 49.15 24.40
CA ALA A 11 -16.74 50.21 24.08
C ALA A 11 -15.38 49.57 23.75
N GLU A 12 -14.35 50.07 24.42
CA GLU A 12 -13.01 49.57 24.21
C GLU A 12 -13.01 48.04 24.19
N SER A 13 -11.92 47.49 23.68
CA SER A 13 -11.78 46.04 23.60
C SER A 13 -12.84 45.46 22.65
N SER A 14 -12.37 45.10 21.46
CA SER A 14 -13.26 44.53 20.46
C SER A 14 -13.41 43.03 20.67
N GLY A 15 -14.61 42.55 20.40
CA GLY A 15 -14.90 41.13 20.56
C GLY A 15 -13.77 40.27 20.00
N CYS A 16 -13.73 40.19 18.68
CA CYS A 16 -12.70 39.41 18.00
C CYS A 16 -12.73 39.76 16.52
N ASN A 17 -12.35 41.00 16.23
CA ASN A 17 -12.33 41.47 14.86
C ASN A 17 -10.93 41.27 14.28
N SER A 18 -10.21 40.32 14.87
CA SER A 18 -8.86 40.02 14.42
C SER A 18 -8.49 38.58 14.80
N HIS A 19 -8.92 37.66 13.94
CA HIS A 19 -8.64 36.24 14.17
C HIS A 19 -7.98 35.64 12.93
N MET A 20 -6.81 36.17 12.60
CA MET A 20 -6.06 35.69 11.45
C MET A 20 -5.90 34.17 11.49
N PRO A 21 -5.69 33.59 10.28
CA PRO A 21 -5.52 32.16 10.17
C PRO A 21 -4.13 31.73 10.65
N TYR A 22 -4.01 30.44 10.95
CA TYR A 22 -2.74 29.90 11.41
C TYR A 22 -1.67 29.96 10.33
N GLY A 23 -0.43 30.10 10.75
CA GLY A 23 0.68 30.18 9.83
C GLY A 23 1.21 28.78 9.50
N TYR A 24 2.38 28.48 10.05
CA TYR A 24 3.01 27.19 9.83
C TYR A 24 2.08 26.05 10.27
N ALA A 25 1.11 26.41 11.08
CA ALA A 25 0.15 25.43 11.58
C ALA A 25 -1.04 25.36 10.63
N ALA A 26 -0.76 25.55 9.35
CA ALA A 26 -1.79 25.51 8.33
C ALA A 26 -1.92 24.08 7.81
N GLN A 27 -1.02 23.23 8.27
CA GLN A 27 -1.04 21.83 7.85
C GLN A 27 -2.07 21.05 8.67
N ALA A 28 -2.71 21.75 9.59
CA ALA A 28 -3.71 21.14 10.44
C ALA A 28 -4.86 20.60 9.57
N ARG A 29 -4.94 21.14 8.36
CA ARG A 29 -5.97 20.74 7.43
C ARG A 29 -5.67 19.34 6.88
N ALA A 30 -4.39 19.04 6.79
CA ALA A 30 -3.96 17.74 6.30
C ALA A 30 -4.30 16.66 7.33
N ARG A 31 -4.28 17.06 8.59
CA ARG A 31 -4.59 16.15 9.68
C ARG A 31 -6.02 15.64 9.55
N GLU A 32 -6.87 16.48 8.99
CA GLU A 32 -8.27 16.13 8.81
C GLU A 32 -8.43 15.27 7.55
N ARG A 33 -7.50 15.42 6.64
CA ARG A 33 -7.53 14.67 5.39
C ARG A 33 -6.75 13.36 5.56
N GLU A 34 -5.77 13.40 6.44
CA GLU A 34 -4.95 12.22 6.69
C GLU A 34 -5.81 11.09 7.27
N ARG A 35 -6.88 11.49 7.94
CA ARG A 35 -7.79 10.53 8.54
C ARG A 35 -8.36 9.59 7.47
N LEU A 36 -8.47 10.13 6.27
CA LEU A 36 -9.00 9.35 5.15
C LEU A 36 -7.84 8.64 4.44
N ALA A 37 -6.63 9.08 4.76
CA ALA A 37 -5.44 8.50 4.16
C ALA A 37 -5.07 7.21 4.91
N HIS A 38 -5.93 6.84 5.85
CA HIS A 38 -5.70 5.65 6.64
C HIS A 38 -6.37 4.45 5.95
N SER A 39 -7.19 4.76 4.97
CA SER A 39 -7.90 3.72 4.23
C SER A 39 -7.06 3.29 3.03
N ARG A 40 -6.13 4.15 2.64
CA ARG A 40 -5.26 3.87 1.52
C ARG A 40 -4.00 3.13 1.98
N ALA A 41 -4.05 2.69 3.23
CA ALA A 41 -2.92 1.98 3.81
C ALA A 41 -2.54 0.81 2.90
N ALA A 42 -3.55 0.13 2.40
CA ALA A 42 -3.33 -1.00 1.52
C ALA A 42 -2.34 -0.61 0.43
N ALA A 43 -1.17 -1.23 0.48
CA ALA A 43 -0.12 -0.96 -0.48
C ALA A 43 -0.73 -0.90 -1.88
N ALA A 44 -1.11 -2.07 -2.39
CA ALA A 44 -1.71 -2.16 -3.71
C ALA A 44 -2.65 -0.97 -3.92
N ALA A 45 -2.12 0.04 -4.60
CA ALA A 45 -2.89 1.23 -4.88
C ALA A 45 -3.45 1.16 -6.30
N ALA A 46 -2.56 1.39 -7.27
CA ALA A 46 -2.94 1.35 -8.67
C ALA A 46 -3.61 0.01 -8.97
N VAL A 47 -3.35 -0.95 -8.10
CA VAL A 47 -3.92 -2.28 -8.26
C VAL A 47 -5.27 -2.35 -7.52
N ALA A 48 -5.36 -1.58 -6.45
CA ALA A 48 -6.57 -1.54 -5.66
C ALA A 48 -7.78 -1.37 -6.59
N ALA A 49 -7.75 -0.29 -7.36
CA ALA A 49 -8.82 0.01 -8.29
C ALA A 49 -8.85 -1.07 -9.38
N ALA A 50 -7.71 -1.24 -10.02
CA ALA A 50 -7.59 -2.23 -11.09
C ALA A 50 -7.94 -3.61 -10.54
N THR A 51 -7.60 -4.63 -11.30
CA THR A 51 -7.86 -6.00 -10.91
C THR A 51 -9.37 -6.21 -10.72
N ALA A 52 -10.09 -6.04 -11.82
CA ALA A 52 -11.54 -6.21 -11.79
C ALA A 52 -11.88 -7.51 -11.07
N ALA A 53 -12.79 -7.40 -10.11
CA ALA A 53 -13.21 -8.56 -9.34
C ALA A 53 -14.31 -9.29 -10.09
N VAL A 54 -14.05 -9.56 -11.37
CA VAL A 54 -15.01 -10.25 -12.21
C VAL A 54 -14.32 -11.45 -12.87
N GLU A 55 -13.69 -12.26 -12.05
CA GLU A 55 -12.99 -13.43 -12.54
C GLU A 55 -13.96 -14.34 -13.31
N GLY A 56 -13.41 -15.02 -14.31
CA GLY A 56 -14.22 -15.92 -15.13
C GLY A 56 -13.41 -16.43 -16.33
N THR A 57 -12.90 -15.49 -17.09
CA THR A 57 -12.12 -15.82 -18.27
C THR A 57 -11.18 -16.98 -17.97
N GLY A 58 -11.01 -17.85 -18.96
CA GLY A 58 -10.15 -19.00 -18.81
C GLY A 58 -10.67 -20.20 -19.62
N GLY A 59 -11.90 -20.59 -19.29
CA GLY A 59 -12.53 -21.71 -19.97
C GLY A 59 -12.18 -21.71 -21.46
N SER A 60 -13.02 -21.04 -22.23
CA SER A 60 -12.82 -20.95 -23.67
C SER A 60 -13.00 -22.33 -24.31
N GLY A 61 -13.99 -22.42 -25.18
CA GLY A 61 -14.28 -23.67 -25.85
C GLY A 61 -13.15 -24.03 -26.83
N GLY A 62 -13.41 -25.07 -27.61
CA GLY A 62 -12.44 -25.52 -28.59
C GLY A 62 -12.71 -24.91 -29.97
N GLY A 63 -13.02 -25.78 -30.92
CA GLY A 63 -13.31 -25.35 -32.27
C GLY A 63 -14.23 -26.35 -32.98
N PRO A 64 -13.63 -27.49 -33.41
CA PRO A 64 -14.38 -28.52 -34.10
C PRO A 64 -15.25 -29.31 -33.13
N HIS A 65 -15.98 -30.27 -33.67
CA HIS A 65 -16.86 -31.09 -32.86
C HIS A 65 -16.76 -32.55 -33.34
N HIS A 66 -16.97 -33.46 -32.38
CA HIS A 66 -16.91 -34.87 -32.68
C HIS A 66 -17.57 -35.14 -34.03
N HIS A 67 -17.20 -36.27 -34.63
CA HIS A 67 -17.76 -36.66 -35.91
C HIS A 67 -19.09 -37.37 -35.72
N HIS A 68 -19.85 -37.46 -36.80
CA HIS A 68 -21.15 -38.11 -36.75
C HIS A 68 -21.98 -37.68 -37.97
N GLN A 69 -22.06 -38.58 -38.93
CA GLN A 69 -22.82 -38.31 -40.15
C GLN A 69 -24.08 -39.17 -40.17
N THR A 70 -24.87 -38.96 -41.22
CA THR A 70 -26.11 -39.70 -41.37
C THR A 70 -25.83 -41.21 -41.46
N ARG A 71 -26.90 -41.98 -41.42
CA ARG A 71 -26.78 -43.42 -41.48
C ARG A 71 -25.98 -43.84 -42.71
N GLY A 72 -25.62 -45.11 -42.74
CA GLY A 72 -24.84 -45.65 -43.85
C GLY A 72 -25.10 -47.15 -44.02
N ALA A 73 -26.12 -47.45 -44.81
CA ALA A 73 -26.47 -48.84 -45.07
C ALA A 73 -26.38 -49.12 -46.56
N TYR A 74 -26.26 -50.39 -46.89
CA TYR A 74 -26.17 -50.81 -48.29
C TYR A 74 -27.27 -51.81 -48.64
N SER A 75 -27.81 -51.65 -49.84
CA SER A 75 -28.87 -52.53 -50.31
C SER A 75 -30.02 -52.53 -49.31
N SER A 76 -31.00 -51.67 -49.58
CA SER A 76 -32.17 -51.56 -48.73
C SER A 76 -33.33 -50.96 -49.51
N HIS A 77 -34.19 -51.85 -49.98
CA HIS A 77 -35.36 -51.43 -50.74
C HIS A 77 -36.39 -52.56 -50.77
N ASP A 78 -37.65 -52.16 -50.57
CA ASP A 78 -38.73 -53.13 -50.56
C ASP A 78 -38.36 -54.31 -49.67
#